data_5YDN
# 
_entry.id   5YDN 
# 
_audit_conform.dict_name       mmcif_pdbx.dic 
_audit_conform.dict_version    5.387 
_audit_conform.dict_location   http://mmcif.pdb.org/dictionaries/ascii/mmcif_pdbx.dic 
# 
loop_
_database_2.database_id 
_database_2.database_code 
_database_2.pdbx_database_accession 
_database_2.pdbx_DOI 
PDB   5YDN         pdb_00005ydn 10.2210/pdb5ydn/pdb 
WWPDB D_1300004958 ?            ?                   
# 
loop_
_pdbx_audit_revision_history.ordinal 
_pdbx_audit_revision_history.data_content_type 
_pdbx_audit_revision_history.major_revision 
_pdbx_audit_revision_history.minor_revision 
_pdbx_audit_revision_history.revision_date 
1 'Structure model' 1 0 2018-07-11 
2 'Structure model' 1 1 2018-07-25 
3 'Structure model' 1 2 2024-03-27 
# 
_pdbx_audit_revision_details.ordinal             1 
_pdbx_audit_revision_details.revision_ordinal    1 
_pdbx_audit_revision_details.data_content_type   'Structure model' 
_pdbx_audit_revision_details.provider            repository 
_pdbx_audit_revision_details.type                'Initial release' 
_pdbx_audit_revision_details.description         ? 
_pdbx_audit_revision_details.details             ? 
# 
loop_
_pdbx_audit_revision_group.ordinal 
_pdbx_audit_revision_group.revision_ordinal 
_pdbx_audit_revision_group.data_content_type 
_pdbx_audit_revision_group.group 
1 2 'Structure model' 'Data collection'     
2 2 'Structure model' 'Database references' 
3 3 'Structure model' 'Data collection'     
4 3 'Structure model' 'Database references' 
# 
loop_
_pdbx_audit_revision_category.ordinal 
_pdbx_audit_revision_category.revision_ordinal 
_pdbx_audit_revision_category.data_content_type 
_pdbx_audit_revision_category.category 
1 2 'Structure model' citation       
2 3 'Structure model' chem_comp_atom 
3 3 'Structure model' chem_comp_bond 
4 3 'Structure model' database_2     
# 
loop_
_pdbx_audit_revision_item.ordinal 
_pdbx_audit_revision_item.revision_ordinal 
_pdbx_audit_revision_item.data_content_type 
_pdbx_audit_revision_item.item 
1 2 'Structure model' '_citation.journal_volume'            
2 2 'Structure model' '_citation.page_first'                
3 2 'Structure model' '_citation.page_last'                 
4 3 'Structure model' '_database_2.pdbx_DOI'                
5 3 'Structure model' '_database_2.pdbx_database_accession' 
# 
_pdbx_database_status.status_code                     REL 
_pdbx_database_status.status_code_sf                  REL 
_pdbx_database_status.status_code_mr                  ? 
_pdbx_database_status.entry_id                        5YDN 
_pdbx_database_status.recvd_initial_deposition_date   2017-09-13 
_pdbx_database_status.SG_entry                        N 
_pdbx_database_status.deposit_site                    PDBJ 
_pdbx_database_status.process_site                    PDBJ 
_pdbx_database_status.status_code_cs                  ? 
_pdbx_database_status.methods_development_category    ? 
_pdbx_database_status.pdb_format_compatible           Y 
_pdbx_database_status.status_code_nmr_data            ? 
# 
loop_
_audit_author.name 
_audit_author.pdbx_ordinal 
_audit_author.identifier_ORCID 
'Takeda, S.'    1 ? 
'Iwasaki, T.'   2 ? 
'Yamashita, E.' 3 ? 
'Nakagawa, A.'  4 ? 
# 
_citation.abstract                  ? 
_citation.abstract_id_CAS           ? 
_citation.book_id_ISBN              ? 
_citation.book_publisher            ? 
_citation.book_publisher_city       ? 
_citation.book_title                ? 
_citation.coordinate_linkage        ? 
_citation.country                   UK 
_citation.database_id_Medline       ? 
_citation.details                   ? 
_citation.id                        primary 
_citation.journal_abbrev            'Genes Cells' 
_citation.journal_id_ASTM           ? 
_citation.journal_id_CSD            ? 
_citation.journal_id_ISSN           1365-2443 
_citation.journal_full              ? 
_citation.journal_issue             ? 
_citation.journal_volume            23 
_citation.language                  ? 
_citation.page_first                528 
_citation.page_last                 536 
_citation.title                     
'Three-dimensional structures of bacteriophage neck subunits are shared in Podoviridae, Siphoviridae and Myoviridae' 
_citation.year                      2018 
_citation.database_id_CSD           ? 
_citation.pdbx_database_id_DOI      10.1111/gtc.12594 
_citation.pdbx_database_id_PubMed   29767456 
_citation.unpublished_flag          ? 
# 
loop_
_citation_author.citation_id 
_citation_author.name 
_citation_author.ordinal 
_citation_author.identifier_ORCID 
primary 'Iwasaki, T.'   1 ? 
primary 'Yamashita, E.' 2 ? 
primary 'Nakagawa, A.'  3 ? 
primary 'Enomoto, A.'   4 ? 
primary 'Tomihara, M.'  5 ? 
primary 'Takeda, S.'    6 ? 
# 
loop_
_entity.id 
_entity.type 
_entity.src_method 
_entity.pdbx_description 
_entity.formula_weight 
_entity.pdbx_number_of_molecules 
_entity.pdbx_ec 
_entity.pdbx_mutation 
_entity.pdbx_fragment 
_entity.details 
1 polymer man 'Gene product J' 12253.813 1  ? ? 'UNP residues 1-109' ? 
2 water   nat water            18.015    84 ? ? ?                    ? 
# 
_entity_name_com.entity_id   1 
_entity_name_com.name        'gpJ,Gene product 36,gp36' 
# 
_entity_poly.entity_id                      1 
_entity_poly.type                           'polypeptide(L)' 
_entity_poly.nstd_linkage                   no 
_entity_poly.nstd_monomer                   no 
_entity_poly.pdbx_seq_one_letter_code       
;MNYATVNDLCARYTRTRLDILTRPKTADGQPDDAVAEQALADASAFIDGYLAARFVLPLTVVPSLLKRQCCVVAWFYLNE
SQPTEQITATYRDTVRWLEQVRDGKTDPG
;
_entity_poly.pdbx_seq_one_letter_code_can   
;MNYATVNDLCARYTRTRLDILTRPKTADGQPDDAVAEQALADASAFIDGYLAARFVLPLTVVPSLLKRQCCVVAWFYLNE
SQPTEQITATYRDTVRWLEQVRDGKTDPG
;
_entity_poly.pdbx_strand_id                 A 
_entity_poly.pdbx_target_identifier         ? 
# 
_pdbx_entity_nonpoly.entity_id   2 
_pdbx_entity_nonpoly.name        water 
_pdbx_entity_nonpoly.comp_id     HOH 
# 
loop_
_entity_poly_seq.entity_id 
_entity_poly_seq.num 
_entity_poly_seq.mon_id 
_entity_poly_seq.hetero 
1 1   MET n 
1 2   ASN n 
1 3   TYR n 
1 4   ALA n 
1 5   THR n 
1 6   VAL n 
1 7   ASN n 
1 8   ASP n 
1 9   LEU n 
1 10  CYS n 
1 11  ALA n 
1 12  ARG n 
1 13  TYR n 
1 14  THR n 
1 15  ARG n 
1 16  THR n 
1 17  ARG n 
1 18  LEU n 
1 19  ASP n 
1 20  ILE n 
1 21  LEU n 
1 22  THR n 
1 23  ARG n 
1 24  PRO n 
1 25  LYS n 
1 26  THR n 
1 27  ALA n 
1 28  ASP n 
1 29  GLY n 
1 30  GLN n 
1 31  PRO n 
1 32  ASP n 
1 33  ASP n 
1 34  ALA n 
1 35  VAL n 
1 36  ALA n 
1 37  GLU n 
1 38  GLN n 
1 39  ALA n 
1 40  LEU n 
1 41  ALA n 
1 42  ASP n 
1 43  ALA n 
1 44  SER n 
1 45  ALA n 
1 46  PHE n 
1 47  ILE n 
1 48  ASP n 
1 49  GLY n 
1 50  TYR n 
1 51  LEU n 
1 52  ALA n 
1 53  ALA n 
1 54  ARG n 
1 55  PHE n 
1 56  VAL n 
1 57  LEU n 
1 58  PRO n 
1 59  LEU n 
1 60  THR n 
1 61  VAL n 
1 62  VAL n 
1 63  PRO n 
1 64  SER n 
1 65  LEU n 
1 66  LEU n 
1 67  LYS n 
1 68  ARG n 
1 69  GLN n 
1 70  CYS n 
1 71  CYS n 
1 72  VAL n 
1 73  VAL n 
1 74  ALA n 
1 75  TRP n 
1 76  PHE n 
1 77  TYR n 
1 78  LEU n 
1 79  ASN n 
1 80  GLU n 
1 81  SER n 
1 82  GLN n 
1 83  PRO n 
1 84  THR n 
1 85  GLU n 
1 86  GLN n 
1 87  ILE n 
1 88  THR n 
1 89  ALA n 
1 90  THR n 
1 91  TYR n 
1 92  ARG n 
1 93  ASP n 
1 94  THR n 
1 95  VAL n 
1 96  ARG n 
1 97  TRP n 
1 98  LEU n 
1 99  GLU n 
1 100 GLN n 
1 101 VAL n 
1 102 ARG n 
1 103 ASP n 
1 104 GLY n 
1 105 LYS n 
1 106 THR n 
1 107 ASP n 
1 108 PRO n 
1 109 GLY n 
# 
_entity_src_gen.entity_id                          1 
_entity_src_gen.pdbx_src_id                        1 
_entity_src_gen.pdbx_alt_source_flag               sample 
_entity_src_gen.pdbx_seq_type                      'Biological sequence' 
_entity_src_gen.pdbx_beg_seq_num                   1 
_entity_src_gen.pdbx_end_seq_num                   109 
_entity_src_gen.gene_src_common_name               'phage Mu' 
_entity_src_gen.gene_src_genus                     ? 
_entity_src_gen.pdbx_gene_src_gene                 'J, Mup36' 
_entity_src_gen.gene_src_species                   ? 
_entity_src_gen.gene_src_strain                    ? 
_entity_src_gen.gene_src_tissue                    ? 
_entity_src_gen.gene_src_tissue_fraction           ? 
_entity_src_gen.gene_src_details                   ? 
_entity_src_gen.pdbx_gene_src_fragment             ? 
_entity_src_gen.pdbx_gene_src_scientific_name      'Escherichia virus Mu' 
_entity_src_gen.pdbx_gene_src_ncbi_taxonomy_id     10677 
_entity_src_gen.pdbx_gene_src_variant              ? 
_entity_src_gen.pdbx_gene_src_cell_line            ? 
_entity_src_gen.pdbx_gene_src_atcc                 ? 
_entity_src_gen.pdbx_gene_src_organ                ? 
_entity_src_gen.pdbx_gene_src_organelle            ? 
_entity_src_gen.pdbx_gene_src_cell                 ? 
_entity_src_gen.pdbx_gene_src_cellular_location    ? 
_entity_src_gen.host_org_common_name               ? 
_entity_src_gen.pdbx_host_org_scientific_name      'Expression vector pET21a-LIC' 
_entity_src_gen.pdbx_host_org_ncbi_taxonomy_id     433625 
_entity_src_gen.host_org_genus                     ? 
_entity_src_gen.pdbx_host_org_gene                 ? 
_entity_src_gen.pdbx_host_org_organ                ? 
_entity_src_gen.host_org_species                   ? 
_entity_src_gen.pdbx_host_org_tissue               ? 
_entity_src_gen.pdbx_host_org_tissue_fraction      ? 
_entity_src_gen.pdbx_host_org_strain               ? 
_entity_src_gen.pdbx_host_org_variant              ? 
_entity_src_gen.pdbx_host_org_cell_line            ? 
_entity_src_gen.pdbx_host_org_atcc                 ? 
_entity_src_gen.pdbx_host_org_culture_collection   ? 
_entity_src_gen.pdbx_host_org_cell                 ? 
_entity_src_gen.pdbx_host_org_organelle            ? 
_entity_src_gen.pdbx_host_org_cellular_location    ? 
_entity_src_gen.pdbx_host_org_vector_type          ? 
_entity_src_gen.pdbx_host_org_vector               ? 
_entity_src_gen.host_org_details                   ? 
_entity_src_gen.expression_system_id               ? 
_entity_src_gen.plasmid_name                       ? 
_entity_src_gen.plasmid_details                    ? 
_entity_src_gen.pdbx_description                   ? 
# 
loop_
_chem_comp.id 
_chem_comp.type 
_chem_comp.mon_nstd_flag 
_chem_comp.name 
_chem_comp.pdbx_synonyms 
_chem_comp.formula 
_chem_comp.formula_weight 
ALA 'L-peptide linking' y ALANINE         ? 'C3 H7 N O2'     89.093  
ARG 'L-peptide linking' y ARGININE        ? 'C6 H15 N4 O2 1' 175.209 
ASN 'L-peptide linking' y ASPARAGINE      ? 'C4 H8 N2 O3'    132.118 
ASP 'L-peptide linking' y 'ASPARTIC ACID' ? 'C4 H7 N O4'     133.103 
CYS 'L-peptide linking' y CYSTEINE        ? 'C3 H7 N O2 S'   121.158 
GLN 'L-peptide linking' y GLUTAMINE       ? 'C5 H10 N2 O3'   146.144 
GLU 'L-peptide linking' y 'GLUTAMIC ACID' ? 'C5 H9 N O4'     147.129 
GLY 'peptide linking'   y GLYCINE         ? 'C2 H5 N O2'     75.067  
HOH non-polymer         . WATER           ? 'H2 O'           18.015  
ILE 'L-peptide linking' y ISOLEUCINE      ? 'C6 H13 N O2'    131.173 
LEU 'L-peptide linking' y LEUCINE         ? 'C6 H13 N O2'    131.173 
LYS 'L-peptide linking' y LYSINE          ? 'C6 H15 N2 O2 1' 147.195 
MET 'L-peptide linking' y METHIONINE      ? 'C5 H11 N O2 S'  149.211 
PHE 'L-peptide linking' y PHENYLALANINE   ? 'C9 H11 N O2'    165.189 
PRO 'L-peptide linking' y PROLINE         ? 'C5 H9 N O2'     115.130 
SER 'L-peptide linking' y SERINE          ? 'C3 H7 N O3'     105.093 
THR 'L-peptide linking' y THREONINE       ? 'C4 H9 N O3'     119.119 
TRP 'L-peptide linking' y TRYPTOPHAN      ? 'C11 H12 N2 O2'  204.225 
TYR 'L-peptide linking' y TYROSINE        ? 'C9 H11 N O3'    181.189 
VAL 'L-peptide linking' y VALINE          ? 'C5 H11 N O2'    117.146 
# 
loop_
_pdbx_poly_seq_scheme.asym_id 
_pdbx_poly_seq_scheme.entity_id 
_pdbx_poly_seq_scheme.seq_id 
_pdbx_poly_seq_scheme.mon_id 
_pdbx_poly_seq_scheme.ndb_seq_num 
_pdbx_poly_seq_scheme.pdb_seq_num 
_pdbx_poly_seq_scheme.auth_seq_num 
_pdbx_poly_seq_scheme.pdb_mon_id 
_pdbx_poly_seq_scheme.auth_mon_id 
_pdbx_poly_seq_scheme.pdb_strand_id 
_pdbx_poly_seq_scheme.pdb_ins_code 
_pdbx_poly_seq_scheme.hetero 
A 1 1   MET 1   1   1   MET MET A . n 
A 1 2   ASN 2   2   2   ASN ASN A . n 
A 1 3   TYR 3   3   3   TYR TYR A . n 
A 1 4   ALA 4   4   4   ALA ALA A . n 
A 1 5   THR 5   5   5   THR THR A . n 
A 1 6   VAL 6   6   6   VAL VAL A . n 
A 1 7   ASN 7   7   7   ASN ASN A . n 
A 1 8   ASP 8   8   8   ASP ASP A . n 
A 1 9   LEU 9   9   9   LEU LEU A . n 
A 1 10  CYS 10  10  10  CYS CYS A . n 
A 1 11  ALA 11  11  11  ALA ALA A . n 
A 1 12  ARG 12  12  12  ARG ARG A . n 
A 1 13  TYR 13  13  13  TYR TYR A . n 
A 1 14  THR 14  14  14  THR THR A . n 
A 1 15  ARG 15  15  15  ARG ARG A . n 
A 1 16  THR 16  16  16  THR THR A . n 
A 1 17  ARG 17  17  17  ARG ARG A . n 
A 1 18  LEU 18  18  18  LEU LEU A . n 
A 1 19  ASP 19  19  19  ASP ASP A . n 
A 1 20  ILE 20  20  20  ILE ILE A . n 
A 1 21  LEU 21  21  21  LEU LEU A . n 
A 1 22  THR 22  22  22  THR THR A . n 
A 1 23  ARG 23  23  23  ARG ARG A . n 
A 1 24  PRO 24  24  24  PRO PRO A . n 
A 1 25  LYS 25  25  25  LYS LYS A . n 
A 1 26  THR 26  26  26  THR THR A . n 
A 1 27  ALA 27  27  27  ALA ALA A . n 
A 1 28  ASP 28  28  28  ASP ASP A . n 
A 1 29  GLY 29  29  29  GLY GLY A . n 
A 1 30  GLN 30  30  30  GLN GLN A . n 
A 1 31  PRO 31  31  31  PRO PRO A . n 
A 1 32  ASP 32  32  32  ASP ASP A . n 
A 1 33  ASP 33  33  33  ASP ASP A . n 
A 1 34  ALA 34  34  34  ALA ALA A . n 
A 1 35  VAL 35  35  35  VAL VAL A . n 
A 1 36  ALA 36  36  36  ALA ALA A . n 
A 1 37  GLU 37  37  37  GLU GLU A . n 
A 1 38  GLN 38  38  38  GLN GLN A . n 
A 1 39  ALA 39  39  39  ALA ALA A . n 
A 1 40  LEU 40  40  40  LEU LEU A . n 
A 1 41  ALA 41  41  41  ALA ALA A . n 
A 1 42  ASP 42  42  42  ASP ASP A . n 
A 1 43  ALA 43  43  43  ALA ALA A . n 
A 1 44  SER 44  44  44  SER SER A . n 
A 1 45  ALA 45  45  45  ALA ALA A . n 
A 1 46  PHE 46  46  46  PHE PHE A . n 
A 1 47  ILE 47  47  47  ILE ILE A . n 
A 1 48  ASP 48  48  48  ASP ASP A . n 
A 1 49  GLY 49  49  49  GLY GLY A . n 
A 1 50  TYR 50  50  50  TYR TYR A . n 
A 1 51  LEU 51  51  51  LEU LEU A . n 
A 1 52  ALA 52  52  52  ALA ALA A . n 
A 1 53  ALA 53  53  53  ALA ALA A . n 
A 1 54  ARG 54  54  54  ARG ARG A . n 
A 1 55  PHE 55  55  55  PHE PHE A . n 
A 1 56  VAL 56  56  56  VAL VAL A . n 
A 1 57  LEU 57  57  57  LEU LEU A . n 
A 1 58  PRO 58  58  58  PRO PRO A . n 
A 1 59  LEU 59  59  59  LEU LEU A . n 
A 1 60  THR 60  60  60  THR THR A . n 
A 1 61  VAL 61  61  61  VAL VAL A . n 
A 1 62  VAL 62  62  62  VAL VAL A . n 
A 1 63  PRO 63  63  63  PRO PRO A . n 
A 1 64  SER 64  64  64  SER SER A . n 
A 1 65  LEU 65  65  65  LEU LEU A . n 
A 1 66  LEU 66  66  66  LEU LEU A . n 
A 1 67  LYS 67  67  67  LYS LYS A . n 
A 1 68  ARG 68  68  68  ARG ARG A . n 
A 1 69  GLN 69  69  69  GLN GLN A . n 
A 1 70  CYS 70  70  70  CYS CYS A . n 
A 1 71  CYS 71  71  71  CYS CYS A . n 
A 1 72  VAL 72  72  72  VAL VAL A . n 
A 1 73  VAL 73  73  73  VAL VAL A . n 
A 1 74  ALA 74  74  74  ALA ALA A . n 
A 1 75  TRP 75  75  75  TRP TRP A . n 
A 1 76  PHE 76  76  76  PHE PHE A . n 
A 1 77  TYR 77  77  77  TYR TYR A . n 
A 1 78  LEU 78  78  78  LEU LEU A . n 
A 1 79  ASN 79  79  79  ASN ASN A . n 
A 1 80  GLU 80  80  80  GLU GLU A . n 
A 1 81  SER 81  81  81  SER SER A . n 
A 1 82  GLN 82  82  82  GLN GLN A . n 
A 1 83  PRO 83  83  83  PRO PRO A . n 
A 1 84  THR 84  84  84  THR THR A . n 
A 1 85  GLU 85  85  85  GLU GLU A . n 
A 1 86  GLN 86  86  86  GLN GLN A . n 
A 1 87  ILE 87  87  87  ILE ILE A . n 
A 1 88  THR 88  88  88  THR THR A . n 
A 1 89  ALA 89  89  89  ALA ALA A . n 
A 1 90  THR 90  90  90  THR THR A . n 
A 1 91  TYR 91  91  91  TYR TYR A . n 
A 1 92  ARG 92  92  92  ARG ARG A . n 
A 1 93  ASP 93  93  93  ASP ASP A . n 
A 1 94  THR 94  94  94  THR THR A . n 
A 1 95  VAL 95  95  95  VAL VAL A . n 
A 1 96  ARG 96  96  96  ARG ARG A . n 
A 1 97  TRP 97  97  97  TRP TRP A . n 
A 1 98  LEU 98  98  98  LEU LEU A . n 
A 1 99  GLU 99  99  99  GLU GLU A . n 
A 1 100 GLN 100 100 100 GLN GLN A . n 
A 1 101 VAL 101 101 101 VAL VAL A . n 
A 1 102 ARG 102 102 102 ARG ARG A . n 
A 1 103 ASP 103 103 103 ASP ASP A . n 
A 1 104 GLY 104 104 104 GLY GLY A . n 
A 1 105 LYS 105 105 105 LYS LYS A . n 
A 1 106 THR 106 106 106 THR THR A . n 
A 1 107 ASP 107 107 107 ASP ASP A . n 
A 1 108 PRO 108 108 108 PRO PRO A . n 
A 1 109 GLY 109 109 109 GLY GLY A . n 
# 
loop_
_pdbx_nonpoly_scheme.asym_id 
_pdbx_nonpoly_scheme.entity_id 
_pdbx_nonpoly_scheme.mon_id 
_pdbx_nonpoly_scheme.ndb_seq_num 
_pdbx_nonpoly_scheme.pdb_seq_num 
_pdbx_nonpoly_scheme.auth_seq_num 
_pdbx_nonpoly_scheme.pdb_mon_id 
_pdbx_nonpoly_scheme.auth_mon_id 
_pdbx_nonpoly_scheme.pdb_strand_id 
_pdbx_nonpoly_scheme.pdb_ins_code 
B 2 HOH 1  201 75 HOH HOH A . 
B 2 HOH 2  202 69 HOH HOH A . 
B 2 HOH 3  203 41 HOH HOH A . 
B 2 HOH 4  204 2  HOH HOH A . 
B 2 HOH 5  205 48 HOH HOH A . 
B 2 HOH 6  206 61 HOH HOH A . 
B 2 HOH 7  207 11 HOH HOH A . 
B 2 HOH 8  208 9  HOH HOH A . 
B 2 HOH 9  209 79 HOH HOH A . 
B 2 HOH 10 210 23 HOH HOH A . 
B 2 HOH 11 211 31 HOH HOH A . 
B 2 HOH 12 212 58 HOH HOH A . 
B 2 HOH 13 213 56 HOH HOH A . 
B 2 HOH 14 214 1  HOH HOH A . 
B 2 HOH 15 215 64 HOH HOH A . 
B 2 HOH 16 216 84 HOH HOH A . 
B 2 HOH 17 217 8  HOH HOH A . 
B 2 HOH 18 218 18 HOH HOH A . 
B 2 HOH 19 219 6  HOH HOH A . 
B 2 HOH 20 220 76 HOH HOH A . 
B 2 HOH 21 221 19 HOH HOH A . 
B 2 HOH 22 222 14 HOH HOH A . 
B 2 HOH 23 223 52 HOH HOH A . 
B 2 HOH 24 224 42 HOH HOH A . 
B 2 HOH 25 225 5  HOH HOH A . 
B 2 HOH 26 226 34 HOH HOH A . 
B 2 HOH 27 227 63 HOH HOH A . 
B 2 HOH 28 228 13 HOH HOH A . 
B 2 HOH 29 229 77 HOH HOH A . 
B 2 HOH 30 230 10 HOH HOH A . 
B 2 HOH 31 231 57 HOH HOH A . 
B 2 HOH 32 232 17 HOH HOH A . 
B 2 HOH 33 233 16 HOH HOH A . 
B 2 HOH 34 234 21 HOH HOH A . 
B 2 HOH 35 235 86 HOH HOH A . 
B 2 HOH 36 236 4  HOH HOH A . 
B 2 HOH 37 237 26 HOH HOH A . 
B 2 HOH 38 238 46 HOH HOH A . 
B 2 HOH 39 239 44 HOH HOH A . 
B 2 HOH 40 240 28 HOH HOH A . 
B 2 HOH 41 241 49 HOH HOH A . 
B 2 HOH 42 242 59 HOH HOH A . 
B 2 HOH 43 243 51 HOH HOH A . 
B 2 HOH 44 244 32 HOH HOH A . 
B 2 HOH 45 245 33 HOH HOH A . 
B 2 HOH 46 246 22 HOH HOH A . 
B 2 HOH 47 247 12 HOH HOH A . 
B 2 HOH 48 248 45 HOH HOH A . 
B 2 HOH 49 249 27 HOH HOH A . 
B 2 HOH 50 250 36 HOH HOH A . 
B 2 HOH 51 251 3  HOH HOH A . 
B 2 HOH 52 252 20 HOH HOH A . 
B 2 HOH 53 253 71 HOH HOH A . 
B 2 HOH 54 254 7  HOH HOH A . 
B 2 HOH 55 255 24 HOH HOH A . 
B 2 HOH 56 256 15 HOH HOH A . 
B 2 HOH 57 257 35 HOH HOH A . 
B 2 HOH 58 258 29 HOH HOH A . 
B 2 HOH 59 259 82 HOH HOH A . 
B 2 HOH 60 260 62 HOH HOH A . 
B 2 HOH 61 261 72 HOH HOH A . 
B 2 HOH 62 262 47 HOH HOH A . 
B 2 HOH 63 263 73 HOH HOH A . 
B 2 HOH 64 264 53 HOH HOH A . 
B 2 HOH 65 265 40 HOH HOH A . 
B 2 HOH 66 266 30 HOH HOH A . 
B 2 HOH 67 267 74 HOH HOH A . 
B 2 HOH 68 268 38 HOH HOH A . 
B 2 HOH 69 269 78 HOH HOH A . 
B 2 HOH 70 270 39 HOH HOH A . 
B 2 HOH 71 271 25 HOH HOH A . 
B 2 HOH 72 272 43 HOH HOH A . 
B 2 HOH 73 273 68 HOH HOH A . 
B 2 HOH 74 274 37 HOH HOH A . 
B 2 HOH 75 275 65 HOH HOH A . 
B 2 HOH 76 276 85 HOH HOH A . 
B 2 HOH 77 277 81 HOH HOH A . 
B 2 HOH 78 278 80 HOH HOH A . 
B 2 HOH 79 279 54 HOH HOH A . 
B 2 HOH 80 280 55 HOH HOH A . 
B 2 HOH 81 281 83 HOH HOH A . 
B 2 HOH 82 282 60 HOH HOH A . 
B 2 HOH 83 283 67 HOH HOH A . 
B 2 HOH 84 284 50 HOH HOH A . 
# 
loop_
_software.citation_id 
_software.classification 
_software.compiler_name 
_software.compiler_version 
_software.contact_author 
_software.contact_author_email 
_software.date 
_software.description 
_software.dependencies 
_software.hardware 
_software.language 
_software.location 
_software.mods 
_software.name 
_software.os 
_software.os_version 
_software.type 
_software.version 
_software.pdbx_ordinal 
? refinement       ? ? ? ? ? ? ? ? ? ? ? REFMAC   ? ? ? 5.8.0135 1 
? 'data reduction' ? ? ? ? ? ? ? ? ? ? ? HKL-2000 ? ? ? .        2 
? 'data scaling'   ? ? ? ? ? ? ? ? ? ? ? HKL-2000 ? ? ? .        3 
? phasing          ? ? ? ? ? ? ? ? ? ? ? SHARP    ? ? ? .        4 
# 
_cell.angle_alpha                  90.00 
_cell.angle_alpha_esd              ? 
_cell.angle_beta                   90.00 
_cell.angle_beta_esd               ? 
_cell.angle_gamma                  90.00 
_cell.angle_gamma_esd              ? 
_cell.entry_id                     5YDN 
_cell.details                      ? 
_cell.formula_units_Z              ? 
_cell.length_a                     49.398 
_cell.length_a_esd                 ? 
_cell.length_b                     69.643 
_cell.length_b_esd                 ? 
_cell.length_c                     68.785 
_cell.length_c_esd                 ? 
_cell.volume                       ? 
_cell.volume_esd                   ? 
_cell.Z_PDB                        8 
_cell.reciprocal_angle_alpha       ? 
_cell.reciprocal_angle_beta        ? 
_cell.reciprocal_angle_gamma       ? 
_cell.reciprocal_angle_alpha_esd   ? 
_cell.reciprocal_angle_beta_esd    ? 
_cell.reciprocal_angle_gamma_esd   ? 
_cell.reciprocal_length_a          ? 
_cell.reciprocal_length_b          ? 
_cell.reciprocal_length_c          ? 
_cell.reciprocal_length_a_esd      ? 
_cell.reciprocal_length_b_esd      ? 
_cell.reciprocal_length_c_esd      ? 
_cell.pdbx_unique_axis             ? 
# 
_symmetry.entry_id                         5YDN 
_symmetry.cell_setting                     ? 
_symmetry.Int_Tables_number                20 
_symmetry.space_group_name_Hall            ? 
_symmetry.space_group_name_H-M             'C 2 2 21' 
_symmetry.pdbx_full_space_group_name_H-M   ? 
# 
_exptl.absorpt_coefficient_mu     ? 
_exptl.absorpt_correction_T_max   ? 
_exptl.absorpt_correction_T_min   ? 
_exptl.absorpt_correction_type    ? 
_exptl.absorpt_process_details    ? 
_exptl.entry_id                   5YDN 
_exptl.crystals_number            1 
_exptl.details                    ? 
_exptl.method                     'X-RAY DIFFRACTION' 
_exptl.method_details             ? 
# 
_exptl_crystal.colour                      ? 
_exptl_crystal.density_diffrn              ? 
_exptl_crystal.density_Matthews            2.41 
_exptl_crystal.density_method              ? 
_exptl_crystal.density_percent_sol         49.05 
_exptl_crystal.description                 ? 
_exptl_crystal.F_000                       ? 
_exptl_crystal.id                          1 
_exptl_crystal.preparation                 ? 
_exptl_crystal.size_max                    ? 
_exptl_crystal.size_mid                    ? 
_exptl_crystal.size_min                    ? 
_exptl_crystal.size_rad                    ? 
_exptl_crystal.colour_lustre               ? 
_exptl_crystal.colour_modifier             ? 
_exptl_crystal.colour_primary              ? 
_exptl_crystal.density_meas                ? 
_exptl_crystal.density_meas_esd            ? 
_exptl_crystal.density_meas_gt             ? 
_exptl_crystal.density_meas_lt             ? 
_exptl_crystal.density_meas_temp           ? 
_exptl_crystal.density_meas_temp_esd       ? 
_exptl_crystal.density_meas_temp_gt        ? 
_exptl_crystal.density_meas_temp_lt        ? 
_exptl_crystal.pdbx_crystal_image_url      ? 
_exptl_crystal.pdbx_crystal_image_format   ? 
_exptl_crystal.pdbx_mosaicity              ? 
_exptl_crystal.pdbx_mosaicity_esd          ? 
# 
_exptl_crystal_grow.apparatus       ? 
_exptl_crystal_grow.atmosphere      ? 
_exptl_crystal_grow.crystal_id      1 
_exptl_crystal_grow.details         ? 
_exptl_crystal_grow.method          'VAPOR DIFFUSION, HANGING DROP' 
_exptl_crystal_grow.method_ref      ? 
_exptl_crystal_grow.pH              7.5 
_exptl_crystal_grow.pressure        ? 
_exptl_crystal_grow.pressure_esd    ? 
_exptl_crystal_grow.seeding         ? 
_exptl_crystal_grow.seeding_ref     ? 
_exptl_crystal_grow.temp            293 
_exptl_crystal_grow.temp_details    ? 
_exptl_crystal_grow.temp_esd        ? 
_exptl_crystal_grow.time            ? 
_exptl_crystal_grow.pdbx_details    '0.1M HEPES (pH 7.5), 0.8M sodium phosphate, 0.8M potassium phosphate' 
_exptl_crystal_grow.pdbx_pH_range   ? 
# 
_diffrn.ambient_environment    ? 
_diffrn.ambient_temp           100 
_diffrn.ambient_temp_details   ? 
_diffrn.ambient_temp_esd       ? 
_diffrn.crystal_id             1 
_diffrn.crystal_support        ? 
_diffrn.crystal_treatment      ? 
_diffrn.details                ? 
_diffrn.id                     1 
_diffrn.ambient_pressure       ? 
_diffrn.ambient_pressure_esd   ? 
_diffrn.ambient_pressure_gt    ? 
_diffrn.ambient_pressure_lt    ? 
_diffrn.ambient_temp_gt        ? 
_diffrn.ambient_temp_lt        ? 
# 
_diffrn_detector.details                      ? 
_diffrn_detector.detector                     CCD 
_diffrn_detector.diffrn_id                    1 
_diffrn_detector.type                         'RAYONIX MX300HE' 
_diffrn_detector.area_resol_mean              ? 
_diffrn_detector.dtime                        ? 
_diffrn_detector.pdbx_frames_total            ? 
_diffrn_detector.pdbx_collection_time_total   ? 
_diffrn_detector.pdbx_collection_date         2013-12-17 
# 
_diffrn_radiation.collimation                      ? 
_diffrn_radiation.diffrn_id                        1 
_diffrn_radiation.filter_edge                      ? 
_diffrn_radiation.inhomogeneity                    ? 
_diffrn_radiation.monochromator                    ? 
_diffrn_radiation.polarisn_norm                    ? 
_diffrn_radiation.polarisn_ratio                   ? 
_diffrn_radiation.probe                            ? 
_diffrn_radiation.type                             ? 
_diffrn_radiation.xray_symbol                      ? 
_diffrn_radiation.wavelength_id                    1 
_diffrn_radiation.pdbx_monochromatic_or_laue_m_l   M 
_diffrn_radiation.pdbx_wavelength_list             ? 
_diffrn_radiation.pdbx_wavelength                  ? 
_diffrn_radiation.pdbx_diffrn_protocol             'SINGLE WAVELENGTH' 
_diffrn_radiation.pdbx_analyzer                    ? 
_diffrn_radiation.pdbx_scattering_type             x-ray 
# 
_diffrn_radiation_wavelength.id           1 
_diffrn_radiation_wavelength.wavelength   0.9000 
_diffrn_radiation_wavelength.wt           1.0 
# 
_diffrn_source.current                     ? 
_diffrn_source.details                     ? 
_diffrn_source.diffrn_id                   1 
_diffrn_source.power                       ? 
_diffrn_source.size                        ? 
_diffrn_source.source                      SYNCHROTRON 
_diffrn_source.target                      ? 
_diffrn_source.type                        'SPRING-8 BEAMLINE BL44XU' 
_diffrn_source.voltage                     ? 
_diffrn_source.take-off_angle              ? 
_diffrn_source.pdbx_wavelength_list        0.9000 
_diffrn_source.pdbx_wavelength             ? 
_diffrn_source.pdbx_synchrotron_beamline   BL44XU 
_diffrn_source.pdbx_synchrotron_site       SPring-8 
# 
_reflns.B_iso_Wilson_estimate            ? 
_reflns.entry_id                         5YDN 
_reflns.data_reduction_details           ? 
_reflns.data_reduction_method            ? 
_reflns.d_resolution_high                1.60 
_reflns.d_resolution_low                 50.0 
_reflns.details                          ? 
_reflns.limit_h_max                      ? 
_reflns.limit_h_min                      ? 
_reflns.limit_k_max                      ? 
_reflns.limit_k_min                      ? 
_reflns.limit_l_max                      ? 
_reflns.limit_l_min                      ? 
_reflns.number_all                       ? 
_reflns.number_obs                       15547 
_reflns.observed_criterion               ? 
_reflns.observed_criterion_F_max         ? 
_reflns.observed_criterion_F_min         ? 
_reflns.observed_criterion_I_max         ? 
_reflns.observed_criterion_I_min         ? 
_reflns.observed_criterion_sigma_F       ? 
_reflns.observed_criterion_sigma_I       ? 
_reflns.percent_possible_obs             97.3 
_reflns.R_free_details                   ? 
_reflns.Rmerge_F_all                     ? 
_reflns.Rmerge_F_obs                     ? 
_reflns.Friedel_coverage                 ? 
_reflns.number_gt                        ? 
_reflns.threshold_expression             ? 
_reflns.pdbx_redundancy                  6.6 
_reflns.pdbx_Rmerge_I_obs                ? 
_reflns.pdbx_Rmerge_I_all                ? 
_reflns.pdbx_Rsym_value                  ? 
_reflns.pdbx_netI_over_av_sigmaI         ? 
_reflns.pdbx_netI_over_sigmaI            29.5 
_reflns.pdbx_res_netI_over_av_sigmaI_2   ? 
_reflns.pdbx_res_netI_over_sigmaI_2      ? 
_reflns.pdbx_chi_squared                 ? 
_reflns.pdbx_scaling_rejects             ? 
_reflns.pdbx_d_res_high_opt              ? 
_reflns.pdbx_d_res_low_opt               ? 
_reflns.pdbx_d_res_opt_method            ? 
_reflns.phase_calculation_details        ? 
_reflns.pdbx_Rrim_I_all                  ? 
_reflns.pdbx_Rpim_I_all                  ? 
_reflns.pdbx_d_opt                       ? 
_reflns.pdbx_number_measured_all         ? 
_reflns.pdbx_diffrn_id                   1 
_reflns.pdbx_ordinal                     1 
_reflns.pdbx_CC_half                     ? 
_reflns.pdbx_R_split                     ? 
# 
_reflns_shell.d_res_high                  . 
_reflns_shell.d_res_low                   ? 
_reflns_shell.meanI_over_sigI_all         ? 
_reflns_shell.meanI_over_sigI_obs         ? 
_reflns_shell.number_measured_all         ? 
_reflns_shell.number_measured_obs         ? 
_reflns_shell.number_possible             ? 
_reflns_shell.number_unique_all           ? 
_reflns_shell.number_unique_obs           ? 
_reflns_shell.percent_possible_all        ? 
_reflns_shell.percent_possible_obs        ? 
_reflns_shell.Rmerge_F_all                ? 
_reflns_shell.Rmerge_F_obs                ? 
_reflns_shell.Rmerge_I_all                ? 
_reflns_shell.Rmerge_I_obs                ? 
_reflns_shell.meanI_over_sigI_gt          ? 
_reflns_shell.meanI_over_uI_all           ? 
_reflns_shell.meanI_over_uI_gt            ? 
_reflns_shell.number_measured_gt          ? 
_reflns_shell.number_unique_gt            ? 
_reflns_shell.percent_possible_gt         ? 
_reflns_shell.Rmerge_F_gt                 ? 
_reflns_shell.Rmerge_I_gt                 ? 
_reflns_shell.pdbx_redundancy             ? 
_reflns_shell.pdbx_Rsym_value             ? 
_reflns_shell.pdbx_chi_squared            ? 
_reflns_shell.pdbx_netI_over_sigmaI_all   ? 
_reflns_shell.pdbx_netI_over_sigmaI_obs   ? 
_reflns_shell.pdbx_Rrim_I_all             ? 
_reflns_shell.pdbx_Rpim_I_all             ? 
_reflns_shell.pdbx_rejects                ? 
_reflns_shell.pdbx_ordinal                1 
_reflns_shell.pdbx_diffrn_id              1 
_reflns_shell.pdbx_CC_half                ? 
_reflns_shell.pdbx_R_split                ? 
# 
_refine.aniso_B[1][1]                            0.37 
_refine.aniso_B[1][2]                            0.00 
_refine.aniso_B[1][3]                            0.00 
_refine.aniso_B[2][2]                            -1.68 
_refine.aniso_B[2][3]                            -0.00 
_refine.aniso_B[3][3]                            1.31 
_refine.B_iso_max                                ? 
_refine.B_iso_mean                               33.344 
_refine.B_iso_min                                ? 
_refine.correlation_coeff_Fo_to_Fc               0.962 
_refine.correlation_coeff_Fo_to_Fc_free          0.952 
_refine.details                                  'HYDROGENS HAVE BEEN ADDED IN THE RIDING POSITIONS' 
_refine.diff_density_max                         ? 
_refine.diff_density_max_esd                     ? 
_refine.diff_density_min                         ? 
_refine.diff_density_min_esd                     ? 
_refine.diff_density_rms                         ? 
_refine.diff_density_rms_esd                     ? 
_refine.entry_id                                 5YDN 
_refine.pdbx_refine_id                           'X-RAY DIFFRACTION' 
_refine.ls_abs_structure_details                 ? 
_refine.ls_abs_structure_Flack                   ? 
_refine.ls_abs_structure_Flack_esd               ? 
_refine.ls_abs_structure_Rogers                  ? 
_refine.ls_abs_structure_Rogers_esd              ? 
_refine.ls_d_res_high                            1.60 
_refine.ls_d_res_low                             34.77 
_refine.ls_extinction_coef                       ? 
_refine.ls_extinction_coef_esd                   ? 
_refine.ls_extinction_expression                 ? 
_refine.ls_extinction_method                     ? 
_refine.ls_goodness_of_fit_all                   ? 
_refine.ls_goodness_of_fit_all_esd               ? 
_refine.ls_goodness_of_fit_obs                   ? 
_refine.ls_goodness_of_fit_obs_esd               ? 
_refine.ls_hydrogen_treatment                    ? 
_refine.ls_matrix_type                           ? 
_refine.ls_number_constraints                    ? 
_refine.ls_number_parameters                     ? 
_refine.ls_number_reflns_all                     ? 
_refine.ls_number_reflns_obs                     14698 
_refine.ls_number_reflns_R_free                  790 
_refine.ls_number_reflns_R_work                  ? 
_refine.ls_number_restraints                     ? 
_refine.ls_percent_reflns_obs                    97.08 
_refine.ls_percent_reflns_R_free                 5.1 
_refine.ls_R_factor_all                          ? 
_refine.ls_R_factor_obs                          0.17650 
_refine.ls_R_factor_R_free                       0.20582 
_refine.ls_R_factor_R_free_error                 ? 
_refine.ls_R_factor_R_free_error_details         ? 
_refine.ls_R_factor_R_work                       0.17499 
_refine.ls_R_Fsqd_factor_obs                     ? 
_refine.ls_R_I_factor_obs                        ? 
_refine.ls_redundancy_reflns_all                 ? 
_refine.ls_redundancy_reflns_obs                 ? 
_refine.ls_restrained_S_all                      ? 
_refine.ls_restrained_S_obs                      ? 
_refine.ls_shift_over_esd_max                    ? 
_refine.ls_shift_over_esd_mean                   ? 
_refine.ls_structure_factor_coef                 ? 
_refine.ls_weighting_details                     ? 
_refine.ls_weighting_scheme                      ? 
_refine.ls_wR_factor_all                         ? 
_refine.ls_wR_factor_obs                         ? 
_refine.ls_wR_factor_R_free                      ? 
_refine.ls_wR_factor_R_work                      ? 
_refine.occupancy_max                            ? 
_refine.occupancy_min                            ? 
_refine.solvent_model_details                    ? 
_refine.solvent_model_param_bsol                 ? 
_refine.solvent_model_param_ksol                 ? 
_refine.ls_R_factor_gt                           ? 
_refine.ls_goodness_of_fit_gt                    ? 
_refine.ls_goodness_of_fit_ref                   ? 
_refine.ls_shift_over_su_max                     ? 
_refine.ls_shift_over_su_max_lt                  ? 
_refine.ls_shift_over_su_mean                    ? 
_refine.ls_shift_over_su_mean_lt                 ? 
_refine.pdbx_ls_sigma_I                          ? 
_refine.pdbx_ls_sigma_F                          ? 
_refine.pdbx_ls_sigma_Fsqd                       ? 
_refine.pdbx_data_cutoff_high_absF               ? 
_refine.pdbx_data_cutoff_high_rms_absF           ? 
_refine.pdbx_data_cutoff_low_absF                ? 
_refine.pdbx_isotropic_thermal_model             ? 
_refine.pdbx_ls_cross_valid_method               THROUGHOUT 
_refine.pdbx_method_to_determine_struct          SIRAS 
_refine.pdbx_starting_model                      ? 
_refine.pdbx_stereochemistry_target_values       ? 
_refine.pdbx_R_Free_selection_details            RANDOM 
_refine.pdbx_stereochem_target_val_spec_case     ? 
_refine.pdbx_overall_ESU_R                       0.085 
_refine.pdbx_overall_ESU_R_Free                  0.086 
_refine.pdbx_solvent_vdw_probe_radii             1.20 
_refine.pdbx_solvent_ion_probe_radii             0.80 
_refine.pdbx_solvent_shrinkage_radii             0.80 
_refine.pdbx_real_space_R                        ? 
_refine.pdbx_density_correlation                 ? 
_refine.pdbx_pd_number_of_powder_patterns        ? 
_refine.pdbx_pd_number_of_points                 ? 
_refine.pdbx_pd_meas_number_of_points            ? 
_refine.pdbx_pd_proc_ls_prof_R_factor            ? 
_refine.pdbx_pd_proc_ls_prof_wR_factor           ? 
_refine.pdbx_pd_Marquardt_correlation_coeff      ? 
_refine.pdbx_pd_Fsqrd_R_factor                   ? 
_refine.pdbx_pd_ls_matrix_band_width             ? 
_refine.pdbx_overall_phase_error                 ? 
_refine.pdbx_overall_SU_R_free_Cruickshank_DPI   ? 
_refine.pdbx_overall_SU_R_free_Blow_DPI          ? 
_refine.pdbx_overall_SU_R_Blow_DPI               ? 
_refine.pdbx_TLS_residual_ADP_flag               ? 
_refine.pdbx_diffrn_id                           1 
_refine.overall_SU_B                             1.483 
_refine.overall_SU_ML                            0.052 
_refine.overall_SU_R_Cruickshank_DPI             ? 
_refine.overall_SU_R_free                        ? 
_refine.overall_FOM_free_R_set                   ? 
_refine.overall_FOM_work_R_set                   ? 
_refine.pdbx_average_fsc_overall                 ? 
_refine.pdbx_average_fsc_work                    ? 
_refine.pdbx_average_fsc_free                    ? 
# 
_refine_hist.pdbx_refine_id                   'X-RAY DIFFRACTION' 
_refine_hist.cycle_id                         1 
_refine_hist.pdbx_number_atoms_protein        860 
_refine_hist.pdbx_number_atoms_nucleic_acid   0 
_refine_hist.pdbx_number_atoms_ligand         0 
_refine_hist.number_atoms_solvent             84 
_refine_hist.number_atoms_total               944 
_refine_hist.d_res_high                       1.60 
_refine_hist.d_res_low                        34.77 
# 
loop_
_refine_ls_restr.pdbx_refine_id 
_refine_ls_restr.criterion 
_refine_ls_restr.dev_ideal 
_refine_ls_restr.dev_ideal_target 
_refine_ls_restr.number 
_refine_ls_restr.rejects 
_refine_ls_restr.type 
_refine_ls_restr.weight 
_refine_ls_restr.pdbx_restraint_function 
'X-RAY DIFFRACTION' ? 0.024  0.020  892  ? r_bond_refined_d             ? ? 
'X-RAY DIFFRACTION' ? 0.002  0.020  841  ? r_bond_other_d               ? ? 
'X-RAY DIFFRACTION' ? 2.378  1.955  1221 ? r_angle_refined_deg          ? ? 
'X-RAY DIFFRACTION' ? 1.122  3.000  1926 ? r_angle_other_deg            ? ? 
'X-RAY DIFFRACTION' ? 8.685  5.000  112  ? r_dihedral_angle_1_deg       ? ? 
'X-RAY DIFFRACTION' ? 35.617 23.488 43   ? r_dihedral_angle_2_deg       ? ? 
'X-RAY DIFFRACTION' ? 14.421 15.000 142  ? r_dihedral_angle_3_deg       ? ? 
'X-RAY DIFFRACTION' ? 17.051 15.000 9    ? r_dihedral_angle_4_deg       ? ? 
'X-RAY DIFFRACTION' ? 0.126  0.200  142  ? r_chiral_restr               ? ? 
'X-RAY DIFFRACTION' ? 0.013  0.021  1021 ? r_gen_planes_refined         ? ? 
'X-RAY DIFFRACTION' ? 0.002  0.020  208  ? r_gen_planes_other           ? ? 
'X-RAY DIFFRACTION' ? ?      ?      ?    ? r_nbd_refined                ? ? 
'X-RAY DIFFRACTION' ? ?      ?      ?    ? r_nbd_other                  ? ? 
'X-RAY DIFFRACTION' ? ?      ?      ?    ? r_nbtor_refined              ? ? 
'X-RAY DIFFRACTION' ? ?      ?      ?    ? r_nbtor_other                ? ? 
'X-RAY DIFFRACTION' ? ?      ?      ?    ? r_xyhbond_nbd_refined        ? ? 
'X-RAY DIFFRACTION' ? ?      ?      ?    ? r_xyhbond_nbd_other          ? ? 
'X-RAY DIFFRACTION' ? ?      ?      ?    ? r_metal_ion_refined          ? ? 
'X-RAY DIFFRACTION' ? ?      ?      ?    ? r_metal_ion_other            ? ? 
'X-RAY DIFFRACTION' ? ?      ?      ?    ? r_symmetry_vdw_refined       ? ? 
'X-RAY DIFFRACTION' ? ?      ?      ?    ? r_symmetry_vdw_other         ? ? 
'X-RAY DIFFRACTION' ? ?      ?      ?    ? r_symmetry_hbond_refined     ? ? 
'X-RAY DIFFRACTION' ? ?      ?      ?    ? r_symmetry_hbond_other       ? ? 
'X-RAY DIFFRACTION' ? ?      ?      ?    ? r_symmetry_metal_ion_refined ? ? 
'X-RAY DIFFRACTION' ? ?      ?      ?    ? r_symmetry_metal_ion_other   ? ? 
'X-RAY DIFFRACTION' ? 3.691  3.031  442  ? r_mcbond_it                  ? ? 
'X-RAY DIFFRACTION' ? 3.661  3.021  441  ? r_mcbond_other               ? ? 
'X-RAY DIFFRACTION' ? 5.510  4.522  553  ? r_mcangle_it                 ? ? 
'X-RAY DIFFRACTION' ? 5.514  4.527  554  ? r_mcangle_other              ? ? 
'X-RAY DIFFRACTION' ? 4.516  3.410  448  ? r_scbond_it                  ? ? 
'X-RAY DIFFRACTION' ? 4.511  3.415  449  ? r_scbond_other               ? ? 
'X-RAY DIFFRACTION' ? ?      ?      ?    ? r_scangle_it                 ? ? 
'X-RAY DIFFRACTION' ? 6.374  4.931  668  ? r_scangle_other              ? ? 
'X-RAY DIFFRACTION' ? 8.650  24.869 1076 ? r_long_range_B_refined       ? ? 
'X-RAY DIFFRACTION' ? 8.624  24.476 1054 ? r_long_range_B_other         ? ? 
'X-RAY DIFFRACTION' ? ?      ?      ?    ? r_rigid_bond_restr           ? ? 
'X-RAY DIFFRACTION' ? ?      ?      ?    ? r_sphericity_free            ? ? 
'X-RAY DIFFRACTION' ? ?      ?      ?    ? r_sphericity_bonded          ? ? 
# 
_refine_ls_shell.pdbx_refine_id                   'X-RAY DIFFRACTION' 
_refine_ls_shell.d_res_high                       1.602 
_refine_ls_shell.d_res_low                        1.644 
_refine_ls_shell.number_reflns_all                ? 
_refine_ls_shell.number_reflns_obs                ? 
_refine_ls_shell.number_reflns_R_free             63 
_refine_ls_shell.number_reflns_R_work             1096 
_refine_ls_shell.percent_reflns_obs               99.23 
_refine_ls_shell.percent_reflns_R_free            ? 
_refine_ls_shell.R_factor_all                     ? 
_refine_ls_shell.R_factor_obs                     ? 
_refine_ls_shell.R_factor_R_free                  0.276 
_refine_ls_shell.R_factor_R_free_error            ? 
_refine_ls_shell.R_factor_R_work                  0.208 
_refine_ls_shell.redundancy_reflns_all            ? 
_refine_ls_shell.redundancy_reflns_obs            ? 
_refine_ls_shell.wR_factor_all                    ? 
_refine_ls_shell.wR_factor_obs                    ? 
_refine_ls_shell.wR_factor_R_free                 ? 
_refine_ls_shell.wR_factor_R_work                 ? 
_refine_ls_shell.pdbx_total_number_of_bins_used   20 
_refine_ls_shell.pdbx_phase_error                 ? 
_refine_ls_shell.pdbx_fsc_work                    ? 
_refine_ls_shell.pdbx_fsc_free                    ? 
# 
_struct.entry_id                     5YDN 
_struct.title                        'Mu pahge neck subunit' 
_struct.pdbx_model_details           ? 
_struct.pdbx_formula_weight          ? 
_struct.pdbx_formula_weight_method   ? 
_struct.pdbx_model_type_details      ? 
_struct.pdbx_CASP_flag               N 
# 
_struct_keywords.entry_id        5YDN 
_struct_keywords.text            'bacteriophage, assembly, VIRAL PROTEIN' 
_struct_keywords.pdbx_keywords   'VIRAL PROTEIN' 
# 
loop_
_struct_asym.id 
_struct_asym.pdbx_blank_PDB_chainid_flag 
_struct_asym.pdbx_modified 
_struct_asym.entity_id 
_struct_asym.details 
A N N 1 ? 
B N N 2 ? 
# 
_struct_ref.id                         1 
_struct_ref.db_name                    UNP 
_struct_ref.db_code                    GPJ_BPMU 
_struct_ref.pdbx_db_accession          Q9T1V9 
_struct_ref.pdbx_db_isoform            ? 
_struct_ref.entity_id                  1 
_struct_ref.pdbx_seq_one_letter_code   
;MNYATVNDLCARYTRTRLDILTRPKTADGQPDDAVAEQALADASAFIDGYLAARFVLPLTVVPSLLKRQCCVVAWFYLNE
SQPTEQITATYRDTVRWLEQVRDGKTDPG
;
_struct_ref.pdbx_align_begin           1 
# 
_struct_ref_seq.align_id                      1 
_struct_ref_seq.ref_id                        1 
_struct_ref_seq.pdbx_PDB_id_code              5YDN 
_struct_ref_seq.pdbx_strand_id                A 
_struct_ref_seq.seq_align_beg                 1 
_struct_ref_seq.pdbx_seq_align_beg_ins_code   ? 
_struct_ref_seq.seq_align_end                 109 
_struct_ref_seq.pdbx_seq_align_end_ins_code   ? 
_struct_ref_seq.pdbx_db_accession             Q9T1V9 
_struct_ref_seq.db_align_beg                  1 
_struct_ref_seq.pdbx_db_align_beg_ins_code    ? 
_struct_ref_seq.db_align_end                  109 
_struct_ref_seq.pdbx_db_align_end_ins_code    ? 
_struct_ref_seq.pdbx_auth_seq_align_beg       1 
_struct_ref_seq.pdbx_auth_seq_align_end       109 
# 
_pdbx_struct_assembly.id                   1 
_pdbx_struct_assembly.details              author_defined_assembly 
_pdbx_struct_assembly.method_details       ? 
_pdbx_struct_assembly.oligomeric_details   monomeric 
_pdbx_struct_assembly.oligomeric_count     1 
# 
loop_
_pdbx_struct_assembly_prop.biol_id 
_pdbx_struct_assembly_prop.type 
_pdbx_struct_assembly_prop.value 
_pdbx_struct_assembly_prop.details 
1 'ABSA (A^2)' 0    ? 
1 MORE         0    ? 
1 'SSA (A^2)'  6260 ? 
# 
_pdbx_struct_assembly_gen.assembly_id       1 
_pdbx_struct_assembly_gen.oper_expression   1 
_pdbx_struct_assembly_gen.asym_id_list      A,B 
# 
_pdbx_struct_assembly_auth_evidence.id                     1 
_pdbx_struct_assembly_auth_evidence.assembly_id            1 
_pdbx_struct_assembly_auth_evidence.experimental_support   none 
_pdbx_struct_assembly_auth_evidence.details                ? 
# 
_pdbx_struct_oper_list.id                   1 
_pdbx_struct_oper_list.type                 'identity operation' 
_pdbx_struct_oper_list.name                 1_555 
_pdbx_struct_oper_list.symmetry_operation   x,y,z 
_pdbx_struct_oper_list.matrix[1][1]         1.0000000000 
_pdbx_struct_oper_list.matrix[1][2]         0.0000000000 
_pdbx_struct_oper_list.matrix[1][3]         0.0000000000 
_pdbx_struct_oper_list.vector[1]            0.0000000000 
_pdbx_struct_oper_list.matrix[2][1]         0.0000000000 
_pdbx_struct_oper_list.matrix[2][2]         1.0000000000 
_pdbx_struct_oper_list.matrix[2][3]         0.0000000000 
_pdbx_struct_oper_list.vector[2]            0.0000000000 
_pdbx_struct_oper_list.matrix[3][1]         0.0000000000 
_pdbx_struct_oper_list.matrix[3][2]         0.0000000000 
_pdbx_struct_oper_list.matrix[3][3]         1.0000000000 
_pdbx_struct_oper_list.vector[3]            0.0000000000 
# 
loop_
_struct_conf.conf_type_id 
_struct_conf.id 
_struct_conf.pdbx_PDB_helix_id 
_struct_conf.beg_label_comp_id 
_struct_conf.beg_label_asym_id 
_struct_conf.beg_label_seq_id 
_struct_conf.pdbx_beg_PDB_ins_code 
_struct_conf.end_label_comp_id 
_struct_conf.end_label_asym_id 
_struct_conf.end_label_seq_id 
_struct_conf.pdbx_end_PDB_ins_code 
_struct_conf.beg_auth_comp_id 
_struct_conf.beg_auth_asym_id 
_struct_conf.beg_auth_seq_id 
_struct_conf.end_auth_comp_id 
_struct_conf.end_auth_asym_id 
_struct_conf.end_auth_seq_id 
_struct_conf.pdbx_PDB_helix_class 
_struct_conf.details 
_struct_conf.pdbx_PDB_helix_length 
HELX_P HELX_P1 AA1 THR A 5  ? THR A 14  ? THR A 5  THR A 14  1 ? 10 
HELX_P HELX_P2 AA2 THR A 14 ? ARG A 23  ? THR A 14 ARG A 23  1 ? 10 
HELX_P HELX_P3 AA3 PRO A 24 ? THR A 26  ? PRO A 24 THR A 26  5 ? 3  
HELX_P HELX_P4 AA4 ASP A 32 ? ALA A 52  ? ASP A 32 ALA A 52  1 ? 21 
HELX_P HELX_P5 AA5 PRO A 63 ? ASN A 79  ? PRO A 63 ASN A 79  1 ? 17 
HELX_P HELX_P6 AA6 THR A 84 ? ASP A 103 ? THR A 84 ASP A 103 1 ? 20 
# 
_struct_conf_type.id          HELX_P 
_struct_conf_type.criteria    ? 
_struct_conf_type.reference   ? 
# 
loop_
_struct_mon_prot_cis.pdbx_id 
_struct_mon_prot_cis.label_comp_id 
_struct_mon_prot_cis.label_seq_id 
_struct_mon_prot_cis.label_asym_id 
_struct_mon_prot_cis.label_alt_id 
_struct_mon_prot_cis.pdbx_PDB_ins_code 
_struct_mon_prot_cis.auth_comp_id 
_struct_mon_prot_cis.auth_seq_id 
_struct_mon_prot_cis.auth_asym_id 
_struct_mon_prot_cis.pdbx_label_comp_id_2 
_struct_mon_prot_cis.pdbx_label_seq_id_2 
_struct_mon_prot_cis.pdbx_label_asym_id_2 
_struct_mon_prot_cis.pdbx_PDB_ins_code_2 
_struct_mon_prot_cis.pdbx_auth_comp_id_2 
_struct_mon_prot_cis.pdbx_auth_seq_id_2 
_struct_mon_prot_cis.pdbx_auth_asym_id_2 
_struct_mon_prot_cis.pdbx_PDB_model_num 
_struct_mon_prot_cis.pdbx_omega_angle 
1 LEU 57 A . ? LEU 57 A PRO 58 A ? PRO 58 A 1 2.62 
2 THR 60 A . ? THR 60 A VAL 61 A ? VAL 61 A 1 0.73 
# 
loop_
_pdbx_validate_close_contact.id 
_pdbx_validate_close_contact.PDB_model_num 
_pdbx_validate_close_contact.auth_atom_id_1 
_pdbx_validate_close_contact.auth_asym_id_1 
_pdbx_validate_close_contact.auth_comp_id_1 
_pdbx_validate_close_contact.auth_seq_id_1 
_pdbx_validate_close_contact.PDB_ins_code_1 
_pdbx_validate_close_contact.label_alt_id_1 
_pdbx_validate_close_contact.auth_atom_id_2 
_pdbx_validate_close_contact.auth_asym_id_2 
_pdbx_validate_close_contact.auth_comp_id_2 
_pdbx_validate_close_contact.auth_seq_id_2 
_pdbx_validate_close_contact.PDB_ins_code_2 
_pdbx_validate_close_contact.label_alt_id_2 
_pdbx_validate_close_contact.dist 
1 1 O A HOH 241 ? ? O A HOH 267 ? ? 1.83 
2 1 O A VAL 61  ? ? O A HOH 201 ? ? 2.04 
# 
_pdbx_validate_symm_contact.id                1 
_pdbx_validate_symm_contact.PDB_model_num     1 
_pdbx_validate_symm_contact.auth_atom_id_1    O 
_pdbx_validate_symm_contact.auth_asym_id_1    A 
_pdbx_validate_symm_contact.auth_comp_id_1    HOH 
_pdbx_validate_symm_contact.auth_seq_id_1     281 
_pdbx_validate_symm_contact.PDB_ins_code_1    ? 
_pdbx_validate_symm_contact.label_alt_id_1    ? 
_pdbx_validate_symm_contact.site_symmetry_1   1_555 
_pdbx_validate_symm_contact.auth_atom_id_2    O 
_pdbx_validate_symm_contact.auth_asym_id_2    A 
_pdbx_validate_symm_contact.auth_comp_id_2    HOH 
_pdbx_validate_symm_contact.auth_seq_id_2     281 
_pdbx_validate_symm_contact.PDB_ins_code_2    ? 
_pdbx_validate_symm_contact.label_alt_id_2    ? 
_pdbx_validate_symm_contact.site_symmetry_2   3_656 
_pdbx_validate_symm_contact.dist              1.47 
# 
loop_
_pdbx_validate_rmsd_bond.id 
_pdbx_validate_rmsd_bond.PDB_model_num 
_pdbx_validate_rmsd_bond.auth_atom_id_1 
_pdbx_validate_rmsd_bond.auth_asym_id_1 
_pdbx_validate_rmsd_bond.auth_comp_id_1 
_pdbx_validate_rmsd_bond.auth_seq_id_1 
_pdbx_validate_rmsd_bond.PDB_ins_code_1 
_pdbx_validate_rmsd_bond.label_alt_id_1 
_pdbx_validate_rmsd_bond.auth_atom_id_2 
_pdbx_validate_rmsd_bond.auth_asym_id_2 
_pdbx_validate_rmsd_bond.auth_comp_id_2 
_pdbx_validate_rmsd_bond.auth_seq_id_2 
_pdbx_validate_rmsd_bond.PDB_ins_code_2 
_pdbx_validate_rmsd_bond.label_alt_id_2 
_pdbx_validate_rmsd_bond.bond_value 
_pdbx_validate_rmsd_bond.bond_target_value 
_pdbx_validate_rmsd_bond.bond_deviation 
_pdbx_validate_rmsd_bond.bond_standard_deviation 
_pdbx_validate_rmsd_bond.linker_flag 
1 1 CD A ARG 15 ? ? NE  A ARG 15 ? ? 1.355 1.460 -0.105 0.017 N 
2 1 CD A GLU 80 ? ? OE2 A GLU 80 ? ? 1.328 1.252 0.076  0.011 N 
# 
loop_
_pdbx_validate_rmsd_angle.id 
_pdbx_validate_rmsd_angle.PDB_model_num 
_pdbx_validate_rmsd_angle.auth_atom_id_1 
_pdbx_validate_rmsd_angle.auth_asym_id_1 
_pdbx_validate_rmsd_angle.auth_comp_id_1 
_pdbx_validate_rmsd_angle.auth_seq_id_1 
_pdbx_validate_rmsd_angle.PDB_ins_code_1 
_pdbx_validate_rmsd_angle.label_alt_id_1 
_pdbx_validate_rmsd_angle.auth_atom_id_2 
_pdbx_validate_rmsd_angle.auth_asym_id_2 
_pdbx_validate_rmsd_angle.auth_comp_id_2 
_pdbx_validate_rmsd_angle.auth_seq_id_2 
_pdbx_validate_rmsd_angle.PDB_ins_code_2 
_pdbx_validate_rmsd_angle.label_alt_id_2 
_pdbx_validate_rmsd_angle.auth_atom_id_3 
_pdbx_validate_rmsd_angle.auth_asym_id_3 
_pdbx_validate_rmsd_angle.auth_comp_id_3 
_pdbx_validate_rmsd_angle.auth_seq_id_3 
_pdbx_validate_rmsd_angle.PDB_ins_code_3 
_pdbx_validate_rmsd_angle.label_alt_id_3 
_pdbx_validate_rmsd_angle.angle_value 
_pdbx_validate_rmsd_angle.angle_target_value 
_pdbx_validate_rmsd_angle.angle_deviation 
_pdbx_validate_rmsd_angle.angle_standard_deviation 
_pdbx_validate_rmsd_angle.linker_flag 
1 1 CG  A ARG 15 ? ? CD A ARG 15 ? ? NE  A ARG 15 ? ? 89.38  111.80 -22.42 2.10 N 
2 1 NE  A ARG 15 ? ? CZ A ARG 15 ? ? NH1 A ARG 15 ? ? 124.53 120.30 4.23   0.50 N 
3 1 NE  A ARG 15 ? ? CZ A ARG 15 ? ? NH2 A ARG 15 ? ? 106.99 120.30 -13.31 0.50 N 
4 1 NE  A ARG 17 ? ? CZ A ARG 17 ? ? NH1 A ARG 17 ? ? 124.10 120.30 3.80   0.50 N 
5 1 NE  A ARG 17 ? ? CZ A ARG 17 ? ? NH2 A ARG 17 ? ? 115.97 120.30 -4.33  0.50 N 
6 1 OD1 A ASP 42 ? ? CG A ASP 42 ? ? OD2 A ASP 42 ? ? 138.77 123.30 15.47  1.90 N 
7 1 CB  A ASP 42 ? ? CG A ASP 42 ? ? OD2 A ASP 42 ? ? 108.03 118.30 -10.27 0.90 N 
# 
_pdbx_validate_torsion.id              1 
_pdbx_validate_torsion.PDB_model_num   1 
_pdbx_validate_torsion.auth_comp_id    THR 
_pdbx_validate_torsion.auth_asym_id    A 
_pdbx_validate_torsion.auth_seq_id     14 
_pdbx_validate_torsion.PDB_ins_code    ? 
_pdbx_validate_torsion.label_alt_id    ? 
_pdbx_validate_torsion.phi             84.99 
_pdbx_validate_torsion.psi             147.36 
# 
_pdbx_validate_peptide_omega.id               1 
_pdbx_validate_peptide_omega.PDB_model_num    1 
_pdbx_validate_peptide_omega.auth_comp_id_1   MET 
_pdbx_validate_peptide_omega.auth_asym_id_1   A 
_pdbx_validate_peptide_omega.auth_seq_id_1    1 
_pdbx_validate_peptide_omega.PDB_ins_code_1   ? 
_pdbx_validate_peptide_omega.label_alt_id_1   ? 
_pdbx_validate_peptide_omega.auth_comp_id_2   ASN 
_pdbx_validate_peptide_omega.auth_asym_id_2   A 
_pdbx_validate_peptide_omega.auth_seq_id_2    2 
_pdbx_validate_peptide_omega.PDB_ins_code_2   ? 
_pdbx_validate_peptide_omega.label_alt_id_2   ? 
_pdbx_validate_peptide_omega.omega            -112.29 
# 
_pdbx_validate_planes.id              1 
_pdbx_validate_planes.PDB_model_num   1 
_pdbx_validate_planes.auth_comp_id    ARG 
_pdbx_validate_planes.auth_asym_id    A 
_pdbx_validate_planes.auth_seq_id     15 
_pdbx_validate_planes.PDB_ins_code    ? 
_pdbx_validate_planes.label_alt_id    ? 
_pdbx_validate_planes.rmsd            0.080 
_pdbx_validate_planes.type            'SIDE CHAIN' 
# 
loop_
_chem_comp_atom.comp_id 
_chem_comp_atom.atom_id 
_chem_comp_atom.type_symbol 
_chem_comp_atom.pdbx_aromatic_flag 
_chem_comp_atom.pdbx_stereo_config 
_chem_comp_atom.pdbx_ordinal 
ALA N    N N N 1   
ALA CA   C N S 2   
ALA C    C N N 3   
ALA O    O N N 4   
ALA CB   C N N 5   
ALA OXT  O N N 6   
ALA H    H N N 7   
ALA H2   H N N 8   
ALA HA   H N N 9   
ALA HB1  H N N 10  
ALA HB2  H N N 11  
ALA HB3  H N N 12  
ALA HXT  H N N 13  
ARG N    N N N 14  
ARG CA   C N S 15  
ARG C    C N N 16  
ARG O    O N N 17  
ARG CB   C N N 18  
ARG CG   C N N 19  
ARG CD   C N N 20  
ARG NE   N N N 21  
ARG CZ   C N N 22  
ARG NH1  N N N 23  
ARG NH2  N N N 24  
ARG OXT  O N N 25  
ARG H    H N N 26  
ARG H2   H N N 27  
ARG HA   H N N 28  
ARG HB2  H N N 29  
ARG HB3  H N N 30  
ARG HG2  H N N 31  
ARG HG3  H N N 32  
ARG HD2  H N N 33  
ARG HD3  H N N 34  
ARG HE   H N N 35  
ARG HH11 H N N 36  
ARG HH12 H N N 37  
ARG HH21 H N N 38  
ARG HH22 H N N 39  
ARG HXT  H N N 40  
ASN N    N N N 41  
ASN CA   C N S 42  
ASN C    C N N 43  
ASN O    O N N 44  
ASN CB   C N N 45  
ASN CG   C N N 46  
ASN OD1  O N N 47  
ASN ND2  N N N 48  
ASN OXT  O N N 49  
ASN H    H N N 50  
ASN H2   H N N 51  
ASN HA   H N N 52  
ASN HB2  H N N 53  
ASN HB3  H N N 54  
ASN HD21 H N N 55  
ASN HD22 H N N 56  
ASN HXT  H N N 57  
ASP N    N N N 58  
ASP CA   C N S 59  
ASP C    C N N 60  
ASP O    O N N 61  
ASP CB   C N N 62  
ASP CG   C N N 63  
ASP OD1  O N N 64  
ASP OD2  O N N 65  
ASP OXT  O N N 66  
ASP H    H N N 67  
ASP H2   H N N 68  
ASP HA   H N N 69  
ASP HB2  H N N 70  
ASP HB3  H N N 71  
ASP HD2  H N N 72  
ASP HXT  H N N 73  
CYS N    N N N 74  
CYS CA   C N R 75  
CYS C    C N N 76  
CYS O    O N N 77  
CYS CB   C N N 78  
CYS SG   S N N 79  
CYS OXT  O N N 80  
CYS H    H N N 81  
CYS H2   H N N 82  
CYS HA   H N N 83  
CYS HB2  H N N 84  
CYS HB3  H N N 85  
CYS HG   H N N 86  
CYS HXT  H N N 87  
GLN N    N N N 88  
GLN CA   C N S 89  
GLN C    C N N 90  
GLN O    O N N 91  
GLN CB   C N N 92  
GLN CG   C N N 93  
GLN CD   C N N 94  
GLN OE1  O N N 95  
GLN NE2  N N N 96  
GLN OXT  O N N 97  
GLN H    H N N 98  
GLN H2   H N N 99  
GLN HA   H N N 100 
GLN HB2  H N N 101 
GLN HB3  H N N 102 
GLN HG2  H N N 103 
GLN HG3  H N N 104 
GLN HE21 H N N 105 
GLN HE22 H N N 106 
GLN HXT  H N N 107 
GLU N    N N N 108 
GLU CA   C N S 109 
GLU C    C N N 110 
GLU O    O N N 111 
GLU CB   C N N 112 
GLU CG   C N N 113 
GLU CD   C N N 114 
GLU OE1  O N N 115 
GLU OE2  O N N 116 
GLU OXT  O N N 117 
GLU H    H N N 118 
GLU H2   H N N 119 
GLU HA   H N N 120 
GLU HB2  H N N 121 
GLU HB3  H N N 122 
GLU HG2  H N N 123 
GLU HG3  H N N 124 
GLU HE2  H N N 125 
GLU HXT  H N N 126 
GLY N    N N N 127 
GLY CA   C N N 128 
GLY C    C N N 129 
GLY O    O N N 130 
GLY OXT  O N N 131 
GLY H    H N N 132 
GLY H2   H N N 133 
GLY HA2  H N N 134 
GLY HA3  H N N 135 
GLY HXT  H N N 136 
HOH O    O N N 137 
HOH H1   H N N 138 
HOH H2   H N N 139 
ILE N    N N N 140 
ILE CA   C N S 141 
ILE C    C N N 142 
ILE O    O N N 143 
ILE CB   C N S 144 
ILE CG1  C N N 145 
ILE CG2  C N N 146 
ILE CD1  C N N 147 
ILE OXT  O N N 148 
ILE H    H N N 149 
ILE H2   H N N 150 
ILE HA   H N N 151 
ILE HB   H N N 152 
ILE HG12 H N N 153 
ILE HG13 H N N 154 
ILE HG21 H N N 155 
ILE HG22 H N N 156 
ILE HG23 H N N 157 
ILE HD11 H N N 158 
ILE HD12 H N N 159 
ILE HD13 H N N 160 
ILE HXT  H N N 161 
LEU N    N N N 162 
LEU CA   C N S 163 
LEU C    C N N 164 
LEU O    O N N 165 
LEU CB   C N N 166 
LEU CG   C N N 167 
LEU CD1  C N N 168 
LEU CD2  C N N 169 
LEU OXT  O N N 170 
LEU H    H N N 171 
LEU H2   H N N 172 
LEU HA   H N N 173 
LEU HB2  H N N 174 
LEU HB3  H N N 175 
LEU HG   H N N 176 
LEU HD11 H N N 177 
LEU HD12 H N N 178 
LEU HD13 H N N 179 
LEU HD21 H N N 180 
LEU HD22 H N N 181 
LEU HD23 H N N 182 
LEU HXT  H N N 183 
LYS N    N N N 184 
LYS CA   C N S 185 
LYS C    C N N 186 
LYS O    O N N 187 
LYS CB   C N N 188 
LYS CG   C N N 189 
LYS CD   C N N 190 
LYS CE   C N N 191 
LYS NZ   N N N 192 
LYS OXT  O N N 193 
LYS H    H N N 194 
LYS H2   H N N 195 
LYS HA   H N N 196 
LYS HB2  H N N 197 
LYS HB3  H N N 198 
LYS HG2  H N N 199 
LYS HG3  H N N 200 
LYS HD2  H N N 201 
LYS HD3  H N N 202 
LYS HE2  H N N 203 
LYS HE3  H N N 204 
LYS HZ1  H N N 205 
LYS HZ2  H N N 206 
LYS HZ3  H N N 207 
LYS HXT  H N N 208 
MET N    N N N 209 
MET CA   C N S 210 
MET C    C N N 211 
MET O    O N N 212 
MET CB   C N N 213 
MET CG   C N N 214 
MET SD   S N N 215 
MET CE   C N N 216 
MET OXT  O N N 217 
MET H    H N N 218 
MET H2   H N N 219 
MET HA   H N N 220 
MET HB2  H N N 221 
MET HB3  H N N 222 
MET HG2  H N N 223 
MET HG3  H N N 224 
MET HE1  H N N 225 
MET HE2  H N N 226 
MET HE3  H N N 227 
MET HXT  H N N 228 
PHE N    N N N 229 
PHE CA   C N S 230 
PHE C    C N N 231 
PHE O    O N N 232 
PHE CB   C N N 233 
PHE CG   C Y N 234 
PHE CD1  C Y N 235 
PHE CD2  C Y N 236 
PHE CE1  C Y N 237 
PHE CE2  C Y N 238 
PHE CZ   C Y N 239 
PHE OXT  O N N 240 
PHE H    H N N 241 
PHE H2   H N N 242 
PHE HA   H N N 243 
PHE HB2  H N N 244 
PHE HB3  H N N 245 
PHE HD1  H N N 246 
PHE HD2  H N N 247 
PHE HE1  H N N 248 
PHE HE2  H N N 249 
PHE HZ   H N N 250 
PHE HXT  H N N 251 
PRO N    N N N 252 
PRO CA   C N S 253 
PRO C    C N N 254 
PRO O    O N N 255 
PRO CB   C N N 256 
PRO CG   C N N 257 
PRO CD   C N N 258 
PRO OXT  O N N 259 
PRO H    H N N 260 
PRO HA   H N N 261 
PRO HB2  H N N 262 
PRO HB3  H N N 263 
PRO HG2  H N N 264 
PRO HG3  H N N 265 
PRO HD2  H N N 266 
PRO HD3  H N N 267 
PRO HXT  H N N 268 
SER N    N N N 269 
SER CA   C N S 270 
SER C    C N N 271 
SER O    O N N 272 
SER CB   C N N 273 
SER OG   O N N 274 
SER OXT  O N N 275 
SER H    H N N 276 
SER H2   H N N 277 
SER HA   H N N 278 
SER HB2  H N N 279 
SER HB3  H N N 280 
SER HG   H N N 281 
SER HXT  H N N 282 
THR N    N N N 283 
THR CA   C N S 284 
THR C    C N N 285 
THR O    O N N 286 
THR CB   C N R 287 
THR OG1  O N N 288 
THR CG2  C N N 289 
THR OXT  O N N 290 
THR H    H N N 291 
THR H2   H N N 292 
THR HA   H N N 293 
THR HB   H N N 294 
THR HG1  H N N 295 
THR HG21 H N N 296 
THR HG22 H N N 297 
THR HG23 H N N 298 
THR HXT  H N N 299 
TRP N    N N N 300 
TRP CA   C N S 301 
TRP C    C N N 302 
TRP O    O N N 303 
TRP CB   C N N 304 
TRP CG   C Y N 305 
TRP CD1  C Y N 306 
TRP CD2  C Y N 307 
TRP NE1  N Y N 308 
TRP CE2  C Y N 309 
TRP CE3  C Y N 310 
TRP CZ2  C Y N 311 
TRP CZ3  C Y N 312 
TRP CH2  C Y N 313 
TRP OXT  O N N 314 
TRP H    H N N 315 
TRP H2   H N N 316 
TRP HA   H N N 317 
TRP HB2  H N N 318 
TRP HB3  H N N 319 
TRP HD1  H N N 320 
TRP HE1  H N N 321 
TRP HE3  H N N 322 
TRP HZ2  H N N 323 
TRP HZ3  H N N 324 
TRP HH2  H N N 325 
TRP HXT  H N N 326 
TYR N    N N N 327 
TYR CA   C N S 328 
TYR C    C N N 329 
TYR O    O N N 330 
TYR CB   C N N 331 
TYR CG   C Y N 332 
TYR CD1  C Y N 333 
TYR CD2  C Y N 334 
TYR CE1  C Y N 335 
TYR CE2  C Y N 336 
TYR CZ   C Y N 337 
TYR OH   O N N 338 
TYR OXT  O N N 339 
TYR H    H N N 340 
TYR H2   H N N 341 
TYR HA   H N N 342 
TYR HB2  H N N 343 
TYR HB3  H N N 344 
TYR HD1  H N N 345 
TYR HD2  H N N 346 
TYR HE1  H N N 347 
TYR HE2  H N N 348 
TYR HH   H N N 349 
TYR HXT  H N N 350 
VAL N    N N N 351 
VAL CA   C N S 352 
VAL C    C N N 353 
VAL O    O N N 354 
VAL CB   C N N 355 
VAL CG1  C N N 356 
VAL CG2  C N N 357 
VAL OXT  O N N 358 
VAL H    H N N 359 
VAL H2   H N N 360 
VAL HA   H N N 361 
VAL HB   H N N 362 
VAL HG11 H N N 363 
VAL HG12 H N N 364 
VAL HG13 H N N 365 
VAL HG21 H N N 366 
VAL HG22 H N N 367 
VAL HG23 H N N 368 
VAL HXT  H N N 369 
# 
loop_
_chem_comp_bond.comp_id 
_chem_comp_bond.atom_id_1 
_chem_comp_bond.atom_id_2 
_chem_comp_bond.value_order 
_chem_comp_bond.pdbx_aromatic_flag 
_chem_comp_bond.pdbx_stereo_config 
_chem_comp_bond.pdbx_ordinal 
ALA N   CA   sing N N 1   
ALA N   H    sing N N 2   
ALA N   H2   sing N N 3   
ALA CA  C    sing N N 4   
ALA CA  CB   sing N N 5   
ALA CA  HA   sing N N 6   
ALA C   O    doub N N 7   
ALA C   OXT  sing N N 8   
ALA CB  HB1  sing N N 9   
ALA CB  HB2  sing N N 10  
ALA CB  HB3  sing N N 11  
ALA OXT HXT  sing N N 12  
ARG N   CA   sing N N 13  
ARG N   H    sing N N 14  
ARG N   H2   sing N N 15  
ARG CA  C    sing N N 16  
ARG CA  CB   sing N N 17  
ARG CA  HA   sing N N 18  
ARG C   O    doub N N 19  
ARG C   OXT  sing N N 20  
ARG CB  CG   sing N N 21  
ARG CB  HB2  sing N N 22  
ARG CB  HB3  sing N N 23  
ARG CG  CD   sing N N 24  
ARG CG  HG2  sing N N 25  
ARG CG  HG3  sing N N 26  
ARG CD  NE   sing N N 27  
ARG CD  HD2  sing N N 28  
ARG CD  HD3  sing N N 29  
ARG NE  CZ   sing N N 30  
ARG NE  HE   sing N N 31  
ARG CZ  NH1  sing N N 32  
ARG CZ  NH2  doub N N 33  
ARG NH1 HH11 sing N N 34  
ARG NH1 HH12 sing N N 35  
ARG NH2 HH21 sing N N 36  
ARG NH2 HH22 sing N N 37  
ARG OXT HXT  sing N N 38  
ASN N   CA   sing N N 39  
ASN N   H    sing N N 40  
ASN N   H2   sing N N 41  
ASN CA  C    sing N N 42  
ASN CA  CB   sing N N 43  
ASN CA  HA   sing N N 44  
ASN C   O    doub N N 45  
ASN C   OXT  sing N N 46  
ASN CB  CG   sing N N 47  
ASN CB  HB2  sing N N 48  
ASN CB  HB3  sing N N 49  
ASN CG  OD1  doub N N 50  
ASN CG  ND2  sing N N 51  
ASN ND2 HD21 sing N N 52  
ASN ND2 HD22 sing N N 53  
ASN OXT HXT  sing N N 54  
ASP N   CA   sing N N 55  
ASP N   H    sing N N 56  
ASP N   H2   sing N N 57  
ASP CA  C    sing N N 58  
ASP CA  CB   sing N N 59  
ASP CA  HA   sing N N 60  
ASP C   O    doub N N 61  
ASP C   OXT  sing N N 62  
ASP CB  CG   sing N N 63  
ASP CB  HB2  sing N N 64  
ASP CB  HB3  sing N N 65  
ASP CG  OD1  doub N N 66  
ASP CG  OD2  sing N N 67  
ASP OD2 HD2  sing N N 68  
ASP OXT HXT  sing N N 69  
CYS N   CA   sing N N 70  
CYS N   H    sing N N 71  
CYS N   H2   sing N N 72  
CYS CA  C    sing N N 73  
CYS CA  CB   sing N N 74  
CYS CA  HA   sing N N 75  
CYS C   O    doub N N 76  
CYS C   OXT  sing N N 77  
CYS CB  SG   sing N N 78  
CYS CB  HB2  sing N N 79  
CYS CB  HB3  sing N N 80  
CYS SG  HG   sing N N 81  
CYS OXT HXT  sing N N 82  
GLN N   CA   sing N N 83  
GLN N   H    sing N N 84  
GLN N   H2   sing N N 85  
GLN CA  C    sing N N 86  
GLN CA  CB   sing N N 87  
GLN CA  HA   sing N N 88  
GLN C   O    doub N N 89  
GLN C   OXT  sing N N 90  
GLN CB  CG   sing N N 91  
GLN CB  HB2  sing N N 92  
GLN CB  HB3  sing N N 93  
GLN CG  CD   sing N N 94  
GLN CG  HG2  sing N N 95  
GLN CG  HG3  sing N N 96  
GLN CD  OE1  doub N N 97  
GLN CD  NE2  sing N N 98  
GLN NE2 HE21 sing N N 99  
GLN NE2 HE22 sing N N 100 
GLN OXT HXT  sing N N 101 
GLU N   CA   sing N N 102 
GLU N   H    sing N N 103 
GLU N   H2   sing N N 104 
GLU CA  C    sing N N 105 
GLU CA  CB   sing N N 106 
GLU CA  HA   sing N N 107 
GLU C   O    doub N N 108 
GLU C   OXT  sing N N 109 
GLU CB  CG   sing N N 110 
GLU CB  HB2  sing N N 111 
GLU CB  HB3  sing N N 112 
GLU CG  CD   sing N N 113 
GLU CG  HG2  sing N N 114 
GLU CG  HG3  sing N N 115 
GLU CD  OE1  doub N N 116 
GLU CD  OE2  sing N N 117 
GLU OE2 HE2  sing N N 118 
GLU OXT HXT  sing N N 119 
GLY N   CA   sing N N 120 
GLY N   H    sing N N 121 
GLY N   H2   sing N N 122 
GLY CA  C    sing N N 123 
GLY CA  HA2  sing N N 124 
GLY CA  HA3  sing N N 125 
GLY C   O    doub N N 126 
GLY C   OXT  sing N N 127 
GLY OXT HXT  sing N N 128 
HOH O   H1   sing N N 129 
HOH O   H2   sing N N 130 
ILE N   CA   sing N N 131 
ILE N   H    sing N N 132 
ILE N   H2   sing N N 133 
ILE CA  C    sing N N 134 
ILE CA  CB   sing N N 135 
ILE CA  HA   sing N N 136 
ILE C   O    doub N N 137 
ILE C   OXT  sing N N 138 
ILE CB  CG1  sing N N 139 
ILE CB  CG2  sing N N 140 
ILE CB  HB   sing N N 141 
ILE CG1 CD1  sing N N 142 
ILE CG1 HG12 sing N N 143 
ILE CG1 HG13 sing N N 144 
ILE CG2 HG21 sing N N 145 
ILE CG2 HG22 sing N N 146 
ILE CG2 HG23 sing N N 147 
ILE CD1 HD11 sing N N 148 
ILE CD1 HD12 sing N N 149 
ILE CD1 HD13 sing N N 150 
ILE OXT HXT  sing N N 151 
LEU N   CA   sing N N 152 
LEU N   H    sing N N 153 
LEU N   H2   sing N N 154 
LEU CA  C    sing N N 155 
LEU CA  CB   sing N N 156 
LEU CA  HA   sing N N 157 
LEU C   O    doub N N 158 
LEU C   OXT  sing N N 159 
LEU CB  CG   sing N N 160 
LEU CB  HB2  sing N N 161 
LEU CB  HB3  sing N N 162 
LEU CG  CD1  sing N N 163 
LEU CG  CD2  sing N N 164 
LEU CG  HG   sing N N 165 
LEU CD1 HD11 sing N N 166 
LEU CD1 HD12 sing N N 167 
LEU CD1 HD13 sing N N 168 
LEU CD2 HD21 sing N N 169 
LEU CD2 HD22 sing N N 170 
LEU CD2 HD23 sing N N 171 
LEU OXT HXT  sing N N 172 
LYS N   CA   sing N N 173 
LYS N   H    sing N N 174 
LYS N   H2   sing N N 175 
LYS CA  C    sing N N 176 
LYS CA  CB   sing N N 177 
LYS CA  HA   sing N N 178 
LYS C   O    doub N N 179 
LYS C   OXT  sing N N 180 
LYS CB  CG   sing N N 181 
LYS CB  HB2  sing N N 182 
LYS CB  HB3  sing N N 183 
LYS CG  CD   sing N N 184 
LYS CG  HG2  sing N N 185 
LYS CG  HG3  sing N N 186 
LYS CD  CE   sing N N 187 
LYS CD  HD2  sing N N 188 
LYS CD  HD3  sing N N 189 
LYS CE  NZ   sing N N 190 
LYS CE  HE2  sing N N 191 
LYS CE  HE3  sing N N 192 
LYS NZ  HZ1  sing N N 193 
LYS NZ  HZ2  sing N N 194 
LYS NZ  HZ3  sing N N 195 
LYS OXT HXT  sing N N 196 
MET N   CA   sing N N 197 
MET N   H    sing N N 198 
MET N   H2   sing N N 199 
MET CA  C    sing N N 200 
MET CA  CB   sing N N 201 
MET CA  HA   sing N N 202 
MET C   O    doub N N 203 
MET C   OXT  sing N N 204 
MET CB  CG   sing N N 205 
MET CB  HB2  sing N N 206 
MET CB  HB3  sing N N 207 
MET CG  SD   sing N N 208 
MET CG  HG2  sing N N 209 
MET CG  HG3  sing N N 210 
MET SD  CE   sing N N 211 
MET CE  HE1  sing N N 212 
MET CE  HE2  sing N N 213 
MET CE  HE3  sing N N 214 
MET OXT HXT  sing N N 215 
PHE N   CA   sing N N 216 
PHE N   H    sing N N 217 
PHE N   H2   sing N N 218 
PHE CA  C    sing N N 219 
PHE CA  CB   sing N N 220 
PHE CA  HA   sing N N 221 
PHE C   O    doub N N 222 
PHE C   OXT  sing N N 223 
PHE CB  CG   sing N N 224 
PHE CB  HB2  sing N N 225 
PHE CB  HB3  sing N N 226 
PHE CG  CD1  doub Y N 227 
PHE CG  CD2  sing Y N 228 
PHE CD1 CE1  sing Y N 229 
PHE CD1 HD1  sing N N 230 
PHE CD2 CE2  doub Y N 231 
PHE CD2 HD2  sing N N 232 
PHE CE1 CZ   doub Y N 233 
PHE CE1 HE1  sing N N 234 
PHE CE2 CZ   sing Y N 235 
PHE CE2 HE2  sing N N 236 
PHE CZ  HZ   sing N N 237 
PHE OXT HXT  sing N N 238 
PRO N   CA   sing N N 239 
PRO N   CD   sing N N 240 
PRO N   H    sing N N 241 
PRO CA  C    sing N N 242 
PRO CA  CB   sing N N 243 
PRO CA  HA   sing N N 244 
PRO C   O    doub N N 245 
PRO C   OXT  sing N N 246 
PRO CB  CG   sing N N 247 
PRO CB  HB2  sing N N 248 
PRO CB  HB3  sing N N 249 
PRO CG  CD   sing N N 250 
PRO CG  HG2  sing N N 251 
PRO CG  HG3  sing N N 252 
PRO CD  HD2  sing N N 253 
PRO CD  HD3  sing N N 254 
PRO OXT HXT  sing N N 255 
SER N   CA   sing N N 256 
SER N   H    sing N N 257 
SER N   H2   sing N N 258 
SER CA  C    sing N N 259 
SER CA  CB   sing N N 260 
SER CA  HA   sing N N 261 
SER C   O    doub N N 262 
SER C   OXT  sing N N 263 
SER CB  OG   sing N N 264 
SER CB  HB2  sing N N 265 
SER CB  HB3  sing N N 266 
SER OG  HG   sing N N 267 
SER OXT HXT  sing N N 268 
THR N   CA   sing N N 269 
THR N   H    sing N N 270 
THR N   H2   sing N N 271 
THR CA  C    sing N N 272 
THR CA  CB   sing N N 273 
THR CA  HA   sing N N 274 
THR C   O    doub N N 275 
THR C   OXT  sing N N 276 
THR CB  OG1  sing N N 277 
THR CB  CG2  sing N N 278 
THR CB  HB   sing N N 279 
THR OG1 HG1  sing N N 280 
THR CG2 HG21 sing N N 281 
THR CG2 HG22 sing N N 282 
THR CG2 HG23 sing N N 283 
THR OXT HXT  sing N N 284 
TRP N   CA   sing N N 285 
TRP N   H    sing N N 286 
TRP N   H2   sing N N 287 
TRP CA  C    sing N N 288 
TRP CA  CB   sing N N 289 
TRP CA  HA   sing N N 290 
TRP C   O    doub N N 291 
TRP C   OXT  sing N N 292 
TRP CB  CG   sing N N 293 
TRP CB  HB2  sing N N 294 
TRP CB  HB3  sing N N 295 
TRP CG  CD1  doub Y N 296 
TRP CG  CD2  sing Y N 297 
TRP CD1 NE1  sing Y N 298 
TRP CD1 HD1  sing N N 299 
TRP CD2 CE2  doub Y N 300 
TRP CD2 CE3  sing Y N 301 
TRP NE1 CE2  sing Y N 302 
TRP NE1 HE1  sing N N 303 
TRP CE2 CZ2  sing Y N 304 
TRP CE3 CZ3  doub Y N 305 
TRP CE3 HE3  sing N N 306 
TRP CZ2 CH2  doub Y N 307 
TRP CZ2 HZ2  sing N N 308 
TRP CZ3 CH2  sing Y N 309 
TRP CZ3 HZ3  sing N N 310 
TRP CH2 HH2  sing N N 311 
TRP OXT HXT  sing N N 312 
TYR N   CA   sing N N 313 
TYR N   H    sing N N 314 
TYR N   H2   sing N N 315 
TYR CA  C    sing N N 316 
TYR CA  CB   sing N N 317 
TYR CA  HA   sing N N 318 
TYR C   O    doub N N 319 
TYR C   OXT  sing N N 320 
TYR CB  CG   sing N N 321 
TYR CB  HB2  sing N N 322 
TYR CB  HB3  sing N N 323 
TYR CG  CD1  doub Y N 324 
TYR CG  CD2  sing Y N 325 
TYR CD1 CE1  sing Y N 326 
TYR CD1 HD1  sing N N 327 
TYR CD2 CE2  doub Y N 328 
TYR CD2 HD2  sing N N 329 
TYR CE1 CZ   doub Y N 330 
TYR CE1 HE1  sing N N 331 
TYR CE2 CZ   sing Y N 332 
TYR CE2 HE2  sing N N 333 
TYR CZ  OH   sing N N 334 
TYR OH  HH   sing N N 335 
TYR OXT HXT  sing N N 336 
VAL N   CA   sing N N 337 
VAL N   H    sing N N 338 
VAL N   H2   sing N N 339 
VAL CA  C    sing N N 340 
VAL CA  CB   sing N N 341 
VAL CA  HA   sing N N 342 
VAL C   O    doub N N 343 
VAL C   OXT  sing N N 344 
VAL CB  CG1  sing N N 345 
VAL CB  CG2  sing N N 346 
VAL CB  HB   sing N N 347 
VAL CG1 HG11 sing N N 348 
VAL CG1 HG12 sing N N 349 
VAL CG1 HG13 sing N N 350 
VAL CG2 HG21 sing N N 351 
VAL CG2 HG22 sing N N 352 
VAL CG2 HG23 sing N N 353 
VAL OXT HXT  sing N N 354 
# 
_pdbx_audit_support.funding_organization   ? 
_pdbx_audit_support.country                Japan 
_pdbx_audit_support.grant_number           ? 
_pdbx_audit_support.ordinal                1 
# 
_atom_sites.entry_id                    5YDN 
_atom_sites.fract_transf_matrix[1][1]   -0.01769743 
_atom_sites.fract_transf_matrix[1][2]   -0.00902475 
_atom_sites.fract_transf_matrix[1][3]   0.00389541 
_atom_sites.fract_transf_matrix[2][1]   -0.00653992 
_atom_sites.fract_transf_matrix[2][2]   0.00883833 
_atom_sites.fract_transf_matrix[2][3]   -0.00923549 
_atom_sites.fract_transf_matrix[3][1]   0.00244660 
_atom_sites.fract_transf_matrix[3][2]   -0.00944849 
_atom_sites.fract_transf_matrix[3][3]   -0.01077467 
_atom_sites.fract_transf_vector[1]      0.204617 
_atom_sites.fract_transf_vector[2]      0.119501 
_atom_sites.fract_transf_vector[3]      0.538701 
# 
loop_
_atom_type.symbol 
C 
N 
O 
S 
# 
loop_
_atom_site.group_PDB 
_atom_site.id 
_atom_site.type_symbol 
_atom_site.label_atom_id 
_atom_site.label_alt_id 
_atom_site.label_comp_id 
_atom_site.label_asym_id 
_atom_site.label_entity_id 
_atom_site.label_seq_id 
_atom_site.pdbx_PDB_ins_code 
_atom_site.Cartn_x 
_atom_site.Cartn_y 
_atom_site.Cartn_z 
_atom_site.occupancy 
_atom_site.B_iso_or_equiv 
_atom_site.pdbx_formal_charge 
_atom_site.auth_seq_id 
_atom_site.auth_comp_id 
_atom_site.auth_asym_id 
_atom_site.auth_atom_id 
_atom_site.pdbx_PDB_model_num 
ATOM   1   N N   . MET A 1 1   ? 3.190   -10.364 -2.767  1.00 67.23 ? 1   MET A N   1 
ATOM   2   C CA  . MET A 1 1   ? 4.605   -10.418 -3.262  1.00 67.52 ? 1   MET A CA  1 
ATOM   3   C C   . MET A 1 1   ? 4.588   -9.418  -4.359  1.00 52.16 ? 1   MET A C   1 
ATOM   4   O O   . MET A 1 1   ? 3.977   -9.630  -5.408  1.00 75.34 ? 1   MET A O   1 
ATOM   5   C CB  . MET A 1 1   ? 5.031   -11.823 -3.738  1.00 67.01 ? 1   MET A CB  1 
ATOM   6   C CG  . MET A 1 1   ? 5.458   -12.803 -2.634  1.00 76.67 ? 1   MET A CG  1 
ATOM   7   S SD  . MET A 1 1   ? 6.111   -12.137 -1.063  1.00 93.49 ? 1   MET A SD  1 
ATOM   8   C CE  . MET A 1 1   ? 7.522   -11.152 -1.587  1.00 81.44 ? 1   MET A CE  1 
ATOM   9   N N   . ASN A 1 2   ? 5.375   -8.389  -4.136  1.00 36.65 ? 2   ASN A N   1 
ATOM   10  C CA  . ASN A 1 2   ? 4.790   -7.029  -3.902  1.00 28.13 ? 2   ASN A CA  1 
ATOM   11  C C   . ASN A 1 2   ? 3.821   -6.699  -4.950  1.00 28.74 ? 2   ASN A C   1 
ATOM   12  O O   . ASN A 1 2   ? 4.030   -6.954  -6.164  1.00 30.95 ? 2   ASN A O   1 
ATOM   13  C CB  . ASN A 1 2   ? 5.823   -5.969  -3.734  1.00 29.52 ? 2   ASN A CB  1 
ATOM   14  C CG  . ASN A 1 2   ? 6.822   -6.233  -2.601  1.00 32.17 ? 2   ASN A CG  1 
ATOM   15  O OD1 . ASN A 1 2   ? 7.841   -5.520  -2.498  1.00 37.78 ? 2   ASN A OD1 1 
ATOM   16  N ND2 . ASN A 1 2   ? 6.536   -7.155  -1.779  1.00 29.11 ? 2   ASN A ND2 1 
ATOM   17  N N   . TYR A 1 3   ? 2.708   -6.102  -4.562  1.00 21.82 ? 3   TYR A N   1 
ATOM   18  C CA  . TYR A 1 3   ? 1.674   -5.688  -5.493  1.00 21.42 ? 3   TYR A CA  1 
ATOM   19  C C   . TYR A 1 3   ? 1.830   -4.308  -6.159  1.00 24.32 ? 3   TYR A C   1 
ATOM   20  O O   . TYR A 1 3   ? 1.097   -4.007  -7.193  1.00 26.79 ? 3   TYR A O   1 
ATOM   21  C CB  . TYR A 1 3   ? 0.304   -5.808  -4.863  1.00 22.61 ? 3   TYR A CB  1 
ATOM   22  C CG  . TYR A 1 3   ? -0.056  -7.177  -4.467  1.00 23.77 ? 3   TYR A CG  1 
ATOM   23  C CD1 . TYR A 1 3   ? -0.093  -8.184  -5.424  1.00 29.78 ? 3   TYR A CD1 1 
ATOM   24  C CD2 . TYR A 1 3   ? -0.198  -7.555  -3.180  1.00 21.55 ? 3   TYR A CD2 1 
ATOM   25  C CE1 . TYR A 1 3   ? -0.386  -9.458  -5.082  1.00 27.80 ? 3   TYR A CE1 1 
ATOM   26  C CE2 . TYR A 1 3   ? -0.476  -8.859  -2.808  1.00 24.47 ? 3   TYR A CE2 1 
ATOM   27  C CZ  . TYR A 1 3   ? -0.573  -9.822  -3.817  1.00 26.55 ? 3   TYR A CZ  1 
ATOM   28  O OH  . TYR A 1 3   ? -0.760  -11.111 -3.369  1.00 28.84 ? 3   TYR A OH  1 
ATOM   29  N N   . ALA A 1 4   ? 2.804   -3.544  -5.692  1.00 23.39 ? 4   ALA A N   1 
ATOM   30  C CA  . ALA A 1 4   ? 3.181   -2.272  -6.271  1.00 22.18 ? 4   ALA A CA  1 
ATOM   31  C C   . ALA A 1 4   ? 4.618   -2.027  -6.030  1.00 23.31 ? 4   ALA A C   1 
ATOM   32  O O   . ALA A 1 4   ? 5.205   -2.510  -5.052  1.00 25.14 ? 4   ALA A O   1 
ATOM   33  C CB  . ALA A 1 4   ? 2.317   -1.144  -5.675  1.00 22.72 ? 4   ALA A CB  1 
ATOM   34  N N   . THR A 1 5   ? 5.156   -1.135  -6.857  1.00 24.00 ? 5   THR A N   1 
ATOM   35  C CA  . THR A 1 5   ? 6.526   -0.725  -6.751  1.00 23.83 ? 5   THR A CA  1 
ATOM   36  C C   . THR A 1 5   ? 6.692   0.751   -6.295  1.00 22.49 ? 5   THR A C   1 
ATOM   37  O O   . THR A 1 5   ? 5.698   1.505   -6.229  1.00 23.15 ? 5   THR A O   1 
ATOM   38  C CB  . THR A 1 5   ? 7.194   -0.792  -8.163  1.00 27.76 ? 5   THR A CB  1 
ATOM   39  O OG1 . THR A 1 5   ? 6.553   0.163   -9.010  1.00 26.69 ? 5   THR A OG1 1 
ATOM   40  C CG2 . THR A 1 5   ? 7.137   -2.198  -8.702  1.00 30.18 ? 5   THR A CG2 1 
ATOM   41  N N   . VAL A 1 6   ? 7.935   1.115   -5.965  1.00 25.28 ? 6   VAL A N   1 
ATOM   42  C CA  . VAL A 1 6   ? 8.212   2.509   -5.631  1.00 23.08 ? 6   VAL A CA  1 
ATOM   43  C C   . VAL A 1 6   ? 7.794   3.396   -6.834  1.00 27.00 ? 6   VAL A C   1 
ATOM   44  O O   . VAL A 1 6   ? 7.151   4.441   -6.636  1.00 24.16 ? 6   VAL A O   1 
ATOM   45  C CB  . VAL A 1 6   ? 9.668   2.706   -5.219  1.00 24.93 ? 6   VAL A CB  1 
ATOM   46  C CG1 . VAL A 1 6   ? 9.970   4.196   -5.185  1.00 26.25 ? 6   VAL A CG1 1 
ATOM   47  C CG2 . VAL A 1 6   ? 9.975   2.060   -3.881  1.00 27.11 ? 6   VAL A CG2 1 
ATOM   48  N N   . ASN A 1 7   ? 8.134   3.011   -8.073  1.00 28.12 ? 7   ASN A N   1 
ATOM   49  C CA  . ASN A 1 7   ? 7.603   3.772   -9.246  1.00 28.26 ? 7   ASN A CA  1 
ATOM   50  C C   . ASN A 1 7   ? 6.087   3.941   -9.313  1.00 25.22 ? 7   ASN A C   1 
ATOM   51  O O   . ASN A 1 7   ? 5.588   5.053   -9.552  1.00 27.44 ? 7   ASN A O   1 
ATOM   52  C CB  . ASN A 1 7   ? 8.082   3.119   -10.554 1.00 32.14 ? 7   ASN A CB  1 
ATOM   53  C CG  . ASN A 1 7   ? 9.536   3.447   -10.862 1.00 45.32 ? 7   ASN A CG  1 
ATOM   54  O OD1 . ASN A 1 7   ? 10.154  4.290   -10.225 1.00 45.50 ? 7   ASN A OD1 1 
ATOM   55  N ND2 . ASN A 1 7   ? 10.083  2.791   -11.878 1.00 52.41 ? 7   ASN A ND2 1 
ATOM   56  N N   . ASP A 1 8   ? 5.337   2.889   -8.905  1.00 24.89 ? 8   ASP A N   1 
ATOM   57  C CA  . ASP A 1 8   ? 3.873   2.994   -8.804  1.00 26.76 ? 8   ASP A CA  1 
ATOM   58  C C   . ASP A 1 8   ? 3.390   4.059   -7.774  1.00 24.06 ? 8   ASP A C   1 
ATOM   59  O O   . ASP A 1 8   ? 2.411   4.802   -7.915  1.00 25.58 ? 8   ASP A O   1 
ATOM   60  C CB  . ASP A 1 8   ? 3.251   1.613   -8.427  1.00 25.37 ? 8   ASP A CB  1 
ATOM   61  C CG  . ASP A 1 8   ? 3.389   0.562   -9.514  1.00 28.90 ? 8   ASP A CG  1 
ATOM   62  O OD1 . ASP A 1 8   ? 3.410   0.930   -10.725 1.00 30.66 ? 8   ASP A OD1 1 
ATOM   63  O OD2 . ASP A 1 8   ? 3.448   -0.660  -9.211  1.00 29.43 ? 8   ASP A OD2 1 
ATOM   64  N N   . LEU A 1 9   ? 4.091   4.065   -6.656  1.00 23.32 ? 9   LEU A N   1 
ATOM   65  C CA  . LEU A 1 9   ? 3.820   5.007   -5.617  1.00 23.49 ? 9   LEU A CA  1 
ATOM   66  C C   . LEU A 1 9   ? 4.070   6.433   -6.097  1.00 26.97 ? 9   LEU A C   1 
ATOM   67  O O   . LEU A 1 9   ? 3.275   7.352   -5.802  1.00 26.27 ? 9   LEU A O   1 
ATOM   68  C CB  . LEU A 1 9   ? 4.711   4.807   -4.402  1.00 27.66 ? 9   LEU A CB  1 
ATOM   69  C CG  . LEU A 1 9   ? 4.229   4.025   -3.243  1.00 31.90 ? 9   LEU A CG  1 
ATOM   70  C CD1 . LEU A 1 9   ? 5.274   4.156   -2.120  1.00 30.58 ? 9   LEU A CD1 1 
ATOM   71  C CD2 . LEU A 1 9   ? 2.821   4.351   -2.608  1.00 25.87 ? 9   LEU A CD2 1 
ATOM   72  N N   . CYS A 1 10  ? 5.177   6.566   -6.815  1.00 27.89 ? 10  CYS A N   1 
ATOM   73  C CA  . CYS A 1 10  ? 5.544   7.874   -7.406  1.00 28.56 ? 10  CYS A CA  1 
ATOM   74  C C   . CYS A 1 10  ? 4.536   8.317   -8.424  1.00 28.22 ? 10  CYS A C   1 
ATOM   75  O O   . CYS A 1 10  ? 4.194   9.511   -8.441  1.00 29.34 ? 10  CYS A O   1 
ATOM   76  C CB  . CYS A 1 10  ? 6.938   7.809   -8.029  1.00 31.05 ? 10  CYS A CB  1 
ATOM   77  S SG  . CYS A 1 10  ? 8.206   7.757   -6.751  1.00 33.68 ? 10  CYS A SG  1 
ATOM   78  N N   . ALA A 1 11  ? 4.066   7.421   -9.256  1.00 29.73 ? 11  ALA A N   1 
ATOM   79  C CA  . ALA A 1 11  ? 3.024   7.734   -10.226 1.00 28.60 ? 11  ALA A CA  1 
ATOM   80  C C   . ALA A 1 11  ? 1.738   8.218   -9.581  1.00 33.62 ? 11  ALA A C   1 
ATOM   81  O O   . ALA A 1 11  ? 1.085   9.119   -10.085 1.00 37.05 ? 11  ALA A O   1 
ATOM   82  C CB  . ALA A 1 11  ? 2.751   6.559   -11.108 1.00 30.14 ? 11  ALA A CB  1 
ATOM   83  N N   . ARG A 1 12  ? 1.348   7.686   -8.425  1.00 28.25 ? 12  ARG A N   1 
ATOM   84  C CA  . ARG A 1 12  ? 0.126   8.091   -7.770  1.00 26.77 ? 12  ARG A CA  1 
ATOM   85  C C   . ARG A 1 12  ? 0.280   9.337   -6.902  1.00 31.00 ? 12  ARG A C   1 
ATOM   86  O O   . ARG A 1 12  ? -0.616  10.192  -6.898  1.00 30.27 ? 12  ARG A O   1 
ATOM   87  C CB  . ARG A 1 12  ? -0.386  6.919   -6.873  1.00 31.06 ? 12  ARG A CB  1 
ATOM   88  C CG  . ARG A 1 12  ? -1.679  7.154   -6.126  1.00 33.73 ? 12  ARG A CG  1 
ATOM   89  C CD  . ARG A 1 12  ? -2.274  5.832   -5.628  1.00 36.24 ? 12  ARG A CD  1 
ATOM   90  N NE  . ARG A 1 12  ? -3.494  6.073   -4.853  1.00 42.55 ? 12  ARG A NE  1 
ATOM   91  C CZ  . ARG A 1 12  ? -4.721  6.191   -5.362  1.00 51.00 ? 12  ARG A CZ  1 
ATOM   92  N NH1 . ARG A 1 12  ? -4.964  6.056   -6.667  1.00 53.21 ? 12  ARG A NH1 1 
ATOM   93  N NH2 . ARG A 1 12  ? -5.729  6.441   -4.554  1.00 50.96 ? 12  ARG A NH2 1 
ATOM   94  N N   . TYR A 1 13  ? 1.365   9.446   -6.131  1.00 24.27 ? 13  TYR A N   1 
ATOM   95  C CA  . TYR A 1 13  ? 1.468   10.508  -5.114  1.00 34.28 ? 13  TYR A CA  1 
ATOM   96  C C   . TYR A 1 13  ? 2.495   11.644  -5.474  1.00 28.09 ? 13  TYR A C   1 
ATOM   97  O O   . TYR A 1 13  ? 2.594   12.536  -4.731  1.00 27.83 ? 13  TYR A O   1 
ATOM   98  C CB  . TYR A 1 13  ? 1.853   9.857   -3.776  1.00 27.77 ? 13  TYR A CB  1 
ATOM   99  C CG  . TYR A 1 13  ? 0.737   8.960   -3.316  1.00 26.22 ? 13  TYR A CG  1 
ATOM   100 C CD1 . TYR A 1 13  ? -0.415  9.500   -2.807  1.00 25.80 ? 13  TYR A CD1 1 
ATOM   101 C CD2 . TYR A 1 13  ? 0.866   7.549   -3.276  1.00 26.80 ? 13  TYR A CD2 1 
ATOM   102 C CE1 . TYR A 1 13  ? -1.456  8.704   -2.344  1.00 27.91 ? 13  TYR A CE1 1 
ATOM   103 C CE2 . TYR A 1 13  ? -0.197  6.786   -2.845  1.00 24.76 ? 13  TYR A CE2 1 
ATOM   104 C CZ  . TYR A 1 13  ? -1.291  7.313   -2.351  1.00 28.23 ? 13  TYR A CZ  1 
ATOM   105 O OH  . TYR A 1 13  ? -2.304  6.471   -1.953  1.00 29.58 ? 13  TYR A OH  1 
ATOM   106 N N   . THR A 1 14  ? 3.364   11.293  -6.434  1.00 26.11 ? 14  THR A N   1 
ATOM   107 C CA  . THR A 1 14  ? 4.597   11.985  -6.846  1.00 25.21 ? 14  THR A CA  1 
ATOM   108 C C   . THR A 1 14  ? 5.779   11.588  -5.980  1.00 24.36 ? 14  THR A C   1 
ATOM   109 O O   . THR A 1 14  ? 5.679   11.487  -4.732  1.00 25.09 ? 14  THR A O   1 
ATOM   110 C CB  . THR A 1 14  ? 4.524   13.572  -6.778  1.00 25.63 ? 14  THR A CB  1 
ATOM   111 O OG1 . THR A 1 14  ? 4.477   14.124  -5.481  1.00 28.22 ? 14  THR A OG1 1 
ATOM   112 C CG2 . THR A 1 14  ? 3.291   14.003  -7.524  1.00 28.58 ? 14  THR A CG2 1 
ATOM   113 N N   . ARG A 1 15  ? 6.949   11.579  -6.621  1.00 25.66 ? 15  ARG A N   1 
ATOM   114 C CA  . ARG A 1 15  ? 8.199   11.500  -5.955  1.00 26.06 ? 15  ARG A CA  1 
ATOM   115 C C   . ARG A 1 15  ? 8.491   12.690  -5.049  1.00 25.99 ? 15  ARG A C   1 
ATOM   116 O O   . ARG A 1 15  ? 9.071   12.568  -3.954  1.00 26.24 ? 15  ARG A O   1 
ATOM   117 C CB  . ARG A 1 15  ? 9.252   11.294  -7.012  1.00 29.07 ? 15  ARG A CB  1 
ATOM   118 C CG  . ARG A 1 15  ? 10.667  11.126  -6.515  1.00 36.30 ? 15  ARG A CG  1 
ATOM   119 C CD  . ARG A 1 15  ? 11.445  10.201  -7.457  1.00 43.45 ? 15  ARG A CD  1 
ATOM   120 N NE  . ARG A 1 15  ? 12.100  9.689   -6.387  1.00 51.43 ? 15  ARG A NE  1 
ATOM   121 C CZ  . ARG A 1 15  ? 12.100  8.485   -5.881  1.00 36.02 ? 15  ARG A CZ  1 
ATOM   122 N NH1 . ARG A 1 15  ? 11.963  7.339   -6.611  1.00 34.90 ? 15  ARG A NH1 1 
ATOM   123 N NH2 . ARG A 1 15  ? 12.616  8.576   -4.674  1.00 41.84 ? 15  ARG A NH2 1 
ATOM   124 N N   . THR A 1 16  ? 8.068   13.924  -5.469  1.00 28.37 ? 16  THR A N   1 
ATOM   125 C CA  . THR A 1 16  ? 8.097   15.072  -4.577  1.00 27.06 ? 16  THR A CA  1 
ATOM   126 C C   . THR A 1 16  ? 7.564   14.760  -3.172  1.00 26.55 ? 16  THR A C   1 
ATOM   127 O O   . THR A 1 16  ? 8.203   15.001  -2.167  1.00 29.45 ? 16  THR A O   1 
ATOM   128 C CB  . THR A 1 16  ? 7.274   16.297  -5.183  1.00 27.09 ? 16  THR A CB  1 
ATOM   129 O OG1 . THR A 1 16  ? 7.758   16.629  -6.513  1.00 30.99 ? 16  THR A OG1 1 
ATOM   130 C CG2 . THR A 1 16  ? 7.412   17.464  -4.219  1.00 28.29 ? 16  THR A CG2 1 
ATOM   131 N N   . ARG A 1 17  ? 6.372   14.180  -3.089  1.00 27.34 ? 17  ARG A N   1 
ATOM   132 C CA  . ARG A 1 17  ? 5.732   13.957  -1.813  1.00 25.50 ? 17  ARG A CA  1 
ATOM   133 C C   . ARG A 1 17  ? 6.285   12.699  -1.125  1.00 24.85 ? 17  ARG A C   1 
ATOM   134 O O   . ARG A 1 17  ? 6.435   12.750  0.107   1.00 27.90 ? 17  ARG A O   1 
ATOM   135 C CB  . ARG A 1 17  ? 4.248   13.849  -1.954  1.00 26.20 ? 17  ARG A CB  1 
ATOM   136 C CG  . ARG A 1 17  ? 3.596   15.171  -2.365  1.00 27.09 ? 17  ARG A CG  1 
ATOM   137 C CD  . ARG A 1 17  ? 2.181   14.977  -2.696  1.00 27.58 ? 17  ARG A CD  1 
ATOM   138 N NE  . ARG A 1 17  ? 1.357   14.393  -1.588  1.00 30.12 ? 17  ARG A NE  1 
ATOM   139 C CZ  . ARG A 1 17  ? 0.146   13.888  -1.741  1.00 28.87 ? 17  ARG A CZ  1 
ATOM   140 N NH1 . ARG A 1 17  ? -0.444  13.709  -2.917  1.00 31.95 ? 17  ARG A NH1 1 
ATOM   141 N NH2 . ARG A 1 17  ? -0.426  13.403  -0.640  1.00 37.12 ? 17  ARG A NH2 1 
ATOM   142 N N   . LEU A 1 18  ? 6.644   11.725  -1.914  1.00 25.61 ? 18  LEU A N   1 
ATOM   143 C CA  . LEU A 1 18  ? 7.303   10.493  -1.317  1.00 26.90 ? 18  LEU A CA  1 
ATOM   144 C C   . LEU A 1 18  ? 8.555   10.876  -0.620  1.00 28.56 ? 18  LEU A C   1 
ATOM   145 O O   . LEU A 1 18  ? 8.785   10.476  0.526   1.00 28.79 ? 18  LEU A O   1 
ATOM   146 C CB  . LEU A 1 18  ? 7.530   9.444   -2.358  1.00 28.20 ? 18  LEU A CB  1 
ATOM   147 C CG  . LEU A 1 18  ? 8.172   8.117   -1.767  1.00 27.43 ? 18  LEU A CG  1 
ATOM   148 C CD1 . LEU A 1 18  ? 7.270   7.468   -0.712  1.00 27.33 ? 18  LEU A CD1 1 
ATOM   149 C CD2 . LEU A 1 18  ? 8.438   7.242   -2.911  1.00 30.63 ? 18  LEU A CD2 1 
ATOM   150 N N   . ASP A 1 19  ? 9.405   11.699  -1.282  1.00 27.34 ? 19  ASP A N   1 
ATOM   151 C CA  . ASP A 1 19  ? 10.711  12.082  -0.688  1.00 31.05 ? 19  ASP A CA  1 
ATOM   152 C C   . ASP A 1 19  ? 10.615  12.858  0.582   1.00 29.23 ? 19  ASP A C   1 
ATOM   153 O O   . ASP A 1 19  ? 11.460  12.732  1.466   1.00 33.80 ? 19  ASP A O   1 
ATOM   154 C CB  . ASP A 1 19  ? 11.571  12.854  -1.734  1.00 34.75 ? 19  ASP A CB  1 
ATOM   155 C CG  . ASP A 1 19  ? 12.153  11.944  -2.839  1.00 42.99 ? 19  ASP A CG  1 
ATOM   156 O OD1 . ASP A 1 19  ? 11.991  10.709  -2.798  1.00 35.28 ? 19  ASP A OD1 1 
ATOM   157 O OD2 . ASP A 1 19  ? 12.766  12.451  -3.819  1.00 38.47 ? 19  ASP A OD2 1 
ATOM   158 N N   . ILE A 1 20  ? 9.569   13.713  0.670   1.00 30.52 ? 20  ILE A N   1 
ATOM   159 C CA  . ILE A 1 20  ? 9.238   14.464  1.870   1.00 32.64 ? 20  ILE A CA  1 
ATOM   160 C C   . ILE A 1 20  ? 8.948   13.523  3.048   1.00 33.40 ? 20  ILE A C   1 
ATOM   161 O O   . ILE A 1 20  ? 9.314   13.819  4.147   1.00 37.27 ? 20  ILE A O   1 
ATOM   162 C CB  . ILE A 1 20  ? 8.074   15.467  1.677   1.00 37.79 ? 20  ILE A CB  1 
ATOM   163 C CG1 . ILE A 1 20  ? 8.570   16.651  0.824   1.00 37.29 ? 20  ILE A CG1 1 
ATOM   164 C CG2 . ILE A 1 20  ? 7.545   16.032  2.993   1.00 41.36 ? 20  ILE A CG2 1 
ATOM   165 C CD1 . ILE A 1 20  ? 7.385   17.358  0.195   1.00 40.76 ? 20  ILE A CD1 1 
ATOM   166 N N   . LEU A 1 21  ? 8.324   12.402  2.785   1.00 32.73 ? 21  LEU A N   1 
ATOM   167 C CA  . LEU A 1 21  ? 8.067   11.399  3.826   1.00 31.33 ? 21  LEU A CA  1 
ATOM   168 C C   . LEU A 1 21  ? 9.258   10.561  4.241   1.00 34.99 ? 21  LEU A C   1 
ATOM   169 O O   . LEU A 1 21  ? 9.380   10.208  5.422   1.00 37.15 ? 21  LEU A O   1 
ATOM   170 C CB  . LEU A 1 21  ? 6.917   10.482  3.364   1.00 30.72 ? 21  LEU A CB  1 
ATOM   171 C CG  . LEU A 1 21  ? 5.565   11.174  3.100   1.00 33.35 ? 21  LEU A CG  1 
ATOM   172 C CD1 . LEU A 1 21  ? 4.538   10.176  2.626   1.00 32.32 ? 21  LEU A CD1 1 
ATOM   173 C CD2 . LEU A 1 21  ? 5.098   11.847  4.379   1.00 35.31 ? 21  LEU A CD2 1 
ATOM   174 N N   . THR A 1 22  ? 10.125  10.211  3.299   1.00 30.89 ? 22  THR A N   1 
ATOM   175 C CA  . THR A 1 22  ? 11.257  9.341   3.603   1.00 31.56 ? 22  THR A CA  1 
ATOM   176 C C   . THR A 1 22  ? 12.454  10.196  4.144   1.00 33.77 ? 22  THR A C   1 
ATOM   177 O O   . THR A 1 22  ? 13.142  9.745   5.059   1.00 44.02 ? 22  THR A O   1 
ATOM   178 C CB  . THR A 1 22  ? 11.612  8.373   2.469   1.00 33.62 ? 22  THR A CB  1 
ATOM   179 O OG1 . THR A 1 22  ? 12.080  9.112   1.355   1.00 30.81 ? 22  THR A OG1 1 
ATOM   180 C CG2 . THR A 1 22  ? 10.436  7.588   1.954   1.00 26.13 ? 22  THR A CG2 1 
ATOM   181 N N   . ARG A 1 23  ? 12.624  11.428  3.703   1.00 38.48 ? 23  ARG A N   1 
ATOM   182 C CA  . ARG A 1 23  ? 13.736  12.300  4.268   1.00 43.71 ? 23  ARG A CA  1 
ATOM   183 C C   . ARG A 1 23  ? 13.908  12.242  5.801   1.00 43.85 ? 23  ARG A C   1 
ATOM   184 O O   . ARG A 1 23  ? 14.971  11.812  6.279   1.00 56.50 ? 23  ARG A O   1 
ATOM   185 C CB  . ARG A 1 23  ? 13.610  13.739  3.797   1.00 47.96 ? 23  ARG A CB  1 
ATOM   186 C CG  . ARG A 1 23  ? 14.471  14.036  2.598   1.00 58.00 ? 23  ARG A CG  1 
ATOM   187 C CD  . ARG A 1 23  ? 14.497  15.527  2.271   1.00 60.10 ? 23  ARG A CD  1 
ATOM   188 N NE  . ARG A 1 23  ? 14.227  15.714  0.840   1.00 65.01 ? 23  ARG A NE  1 
ATOM   189 C CZ  . ARG A 1 23  ? 15.134  15.772  -0.150  1.00 77.70 ? 23  ARG A CZ  1 
ATOM   190 N NH1 . ARG A 1 23  ? 16.457  15.686  0.083   1.00 74.44 ? 23  ARG A NH1 1 
ATOM   191 N NH2 . ARG A 1 23  ? 14.705  15.926  -1.412  1.00 73.80 ? 23  ARG A NH2 1 
ATOM   192 N N   . PRO A 1 24  ? 12.869  12.606  6.591   1.00 47.60 ? 24  PRO A N   1 
ATOM   193 C CA  . PRO A 1 24  ? 13.019  12.693  8.073   1.00 46.59 ? 24  PRO A CA  1 
ATOM   194 C C   . PRO A 1 24  ? 13.207  11.372  8.859   1.00 52.37 ? 24  PRO A C   1 
ATOM   195 O O   . PRO A 1 24  ? 13.403  11.375  10.091  1.00 50.16 ? 24  PRO A O   1 
ATOM   196 C CB  . PRO A 1 24  ? 11.710  13.370  8.542   1.00 47.99 ? 24  PRO A CB  1 
ATOM   197 C CG  . PRO A 1 24  ? 10.841  13.508  7.352   1.00 45.09 ? 24  PRO A CG  1 
ATOM   198 C CD  . PRO A 1 24  ? 11.537  13.047  6.131   1.00 47.28 ? 24  PRO A CD  1 
ATOM   199 N N   . LYS A 1 25  ? 13.094  10.252  8.174   1.00 45.23 ? 25  LYS A N   1 
ATOM   200 C CA  . LYS A 1 25  ? 13.191  8.977   8.828   1.00 47.00 ? 25  LYS A CA  1 
ATOM   201 C C   . LYS A 1 25  ? 14.657  8.559   8.873   1.00 44.18 ? 25  LYS A C   1 
ATOM   202 O O   . LYS A 1 25  ? 14.984  7.659   9.587   1.00 44.90 ? 25  LYS A O   1 
ATOM   203 C CB  . LYS A 1 25  ? 12.330  7.933   8.082   1.00 43.97 ? 25  LYS A CB  1 
ATOM   204 C CG  . LYS A 1 25  ? 10.840  8.228   8.127   1.00 45.60 ? 25  LYS A CG  1 
ATOM   205 C CD  . LYS A 1 25  ? 10.072  7.355   7.133   1.00 52.98 ? 25  LYS A CD  1 
ATOM   206 C CE  . LYS A 1 25  ? 8.559   7.600   7.036   1.00 56.64 ? 25  LYS A CE  1 
ATOM   207 N NZ  . LYS A 1 25  ? 7.733   6.830   8.007   1.00 58.28 ? 25  LYS A NZ  1 
ATOM   208 N N   . THR A 1 26  ? 15.523  9.199   8.088   1.00 45.81 ? 26  THR A N   1 
ATOM   209 C CA  . THR A 1 26  ? 16.942  8.816   7.992   1.00 50.96 ? 26  THR A CA  1 
ATOM   210 C C   . THR A 1 26  ? 17.787  9.626   8.987   1.00 67.23 ? 26  THR A C   1 
ATOM   211 O O   . THR A 1 26  ? 17.348  10.675  9.478   1.00 71.24 ? 26  THR A O   1 
ATOM   212 C CB  . THR A 1 26  ? 17.447  9.092   6.576   1.00 50.50 ? 26  THR A CB  1 
ATOM   213 O OG1 . THR A 1 26  ? 17.176  10.469  6.245   1.00 49.76 ? 26  THR A OG1 1 
ATOM   214 C CG2 . THR A 1 26  ? 16.697  8.160   5.576   1.00 49.77 ? 26  THR A CG2 1 
ATOM   215 N N   . ALA A 1 27  ? 18.998  9.149   9.273   1.00 75.65 ? 27  ALA A N   1 
ATOM   216 C CA  . ALA A 1 27  ? 19.959  9.938   10.068  1.00 80.65 ? 27  ALA A CA  1 
ATOM   217 C C   . ALA A 1 27  ? 20.539  11.121  9.259   1.00 80.84 ? 27  ALA A C   1 
ATOM   218 O O   . ALA A 1 27  ? 20.689  12.223  9.812   1.00 76.64 ? 27  ALA A O   1 
ATOM   219 C CB  . ALA A 1 27  ? 21.073  9.052   10.612  1.00 77.97 ? 27  ALA A CB  1 
ATOM   220 N N   . ASP A 1 28  ? 20.828  10.886  7.966   1.00 71.69 ? 28  ASP A N   1 
ATOM   221 C CA  . ASP A 1 28  ? 21.447  11.895  7.055   1.00 68.21 ? 28  ASP A CA  1 
ATOM   222 C C   . ASP A 1 28  ? 20.487  12.894  6.356   1.00 71.21 ? 28  ASP A C   1 
ATOM   223 O O   . ASP A 1 28  ? 20.939  13.776  5.600   1.00 66.57 ? 28  ASP A O   1 
ATOM   224 C CB  . ASP A 1 28  ? 22.332  11.189  5.994   1.00 65.47 ? 28  ASP A CB  1 
ATOM   225 C CG  . ASP A 1 28  ? 21.533  10.302  5.018   1.00 72.49 ? 28  ASP A CG  1 
ATOM   226 O OD1 . ASP A 1 28  ? 20.288  10.198  5.167   1.00 73.59 ? 28  ASP A OD1 1 
ATOM   227 O OD2 . ASP A 1 28  ? 22.146  9.692   4.104   1.00 63.84 ? 28  ASP A OD2 1 
ATOM   228 N N   . GLY A 1 29  ? 19.176  12.735  6.553   1.00 66.34 ? 29  GLY A N   1 
ATOM   229 C CA  . GLY A 1 29  ? 18.187  13.639  5.965   1.00 59.41 ? 29  GLY A CA  1 
ATOM   230 C C   . GLY A 1 29  ? 17.977  13.620  4.453   1.00 52.07 ? 29  GLY A C   1 
ATOM   231 O O   . GLY A 1 29  ? 17.311  14.528  3.938   1.00 56.13 ? 29  GLY A O   1 
ATOM   232 N N   . GLN A 1 30  ? 18.553  12.638  3.739   1.00 49.74 ? 30  GLN A N   1 
ATOM   233 C CA  . GLN A 1 30  ? 18.239  12.353  2.308   1.00 45.60 ? 30  GLN A CA  1 
ATOM   234 C C   . GLN A 1 30  ? 16.991  11.385  2.140   1.00 39.66 ? 30  GLN A C   1 
ATOM   235 O O   . GLN A 1 30  ? 16.675  10.612  3.080   1.00 46.86 ? 30  GLN A O   1 
ATOM   236 C CB  . GLN A 1 30  ? 19.425  11.710  1.587   1.00 49.74 ? 30  GLN A CB  1 
ATOM   237 C CG  . GLN A 1 30  ? 20.538  12.653  1.109   1.00 62.35 ? 30  GLN A CG  1 
ATOM   238 C CD  . GLN A 1 30  ? 20.022  13.723  0.169   1.00 61.62 ? 30  GLN A CD  1 
ATOM   239 O OE1 . GLN A 1 30  ? 19.493  14.738  0.623   1.00 72.90 ? 30  GLN A OE1 1 
ATOM   240 N NE2 . GLN A 1 30  ? 20.126  13.488  -1.144  1.00 65.64 ? 30  GLN A NE2 1 
ATOM   241 N N   . PRO A 1 31  ? 16.361  11.366  0.925   1.00 38.75 ? 31  PRO A N   1 
ATOM   242 C CA  . PRO A 1 31  ? 15.245  10.407  0.708   1.00 36.19 ? 31  PRO A CA  1 
ATOM   243 C C   . PRO A 1 31  ? 15.763  8.988   0.818   1.00 37.40 ? 31  PRO A C   1 
ATOM   244 O O   . PRO A 1 31  ? 16.949  8.705   0.583   1.00 40.05 ? 31  PRO A O   1 
ATOM   245 C CB  . PRO A 1 31  ? 14.786  10.679  -0.721  1.00 38.61 ? 31  PRO A CB  1 
ATOM   246 C CG  . PRO A 1 31  ? 15.300  12.114  -1.034  1.00 43.44 ? 31  PRO A CG  1 
ATOM   247 C CD  . PRO A 1 31  ? 16.593  12.194  -0.283  1.00 40.33 ? 31  PRO A CD  1 
ATOM   248 N N   . ASP A 1 32  ? 14.887  8.060   1.190   1.00 30.63 ? 32  ASP A N   1 
ATOM   249 C CA  . ASP A 1 32  ? 15.272  6.670   1.310   1.00 29.05 ? 32  ASP A CA  1 
ATOM   250 C C   . ASP A 1 32  ? 14.216  5.804   0.704   1.00 29.16 ? 32  ASP A C   1 
ATOM   251 O O   . ASP A 1 32  ? 13.193  5.513   1.364   1.00 27.40 ? 32  ASP A O   1 
ATOM   252 C CB  . ASP A 1 32  ? 15.513  6.286   2.754   1.00 32.18 ? 32  ASP A CB  1 
ATOM   253 C CG  . ASP A 1 32  ? 16.101  4.893   2.924   1.00 31.93 ? 32  ASP A CG  1 
ATOM   254 O OD1 . ASP A 1 32  ? 16.162  4.086   1.976   1.00 34.24 ? 32  ASP A OD1 1 
ATOM   255 O OD2 . ASP A 1 32  ? 16.575  4.681   4.082   1.00 35.24 ? 32  ASP A OD2 1 
ATOM   256 N N   . ASP A 1 33  ? 14.428  5.391   -0.521  1.00 27.71 ? 33  ASP A N   1 
ATOM   257 C CA  . ASP A 1 33  ? 13.419  4.576   -1.299  1.00 24.11 ? 33  ASP A CA  1 
ATOM   258 C C   . ASP A 1 33  ? 13.278  3.173   -0.644  1.00 24.24 ? 33  ASP A C   1 
ATOM   259 O O   . ASP A 1 33  ? 12.201  2.573   -0.744  1.00 26.77 ? 33  ASP A O   1 
ATOM   260 C CB  . ASP A 1 33  ? 13.766  4.418   -2.751  1.00 30.30 ? 33  ASP A CB  1 
ATOM   261 C CG  . ASP A 1 33  ? 13.430  5.650   -3.597  1.00 29.90 ? 33  ASP A CG  1 
ATOM   262 O OD1 . ASP A 1 33  ? 12.944  6.673   -3.034  1.00 32.05 ? 33  ASP A OD1 1 
ATOM   263 O OD2 . ASP A 1 33  ? 13.536  5.483   -4.829  1.00 34.34 ? 33  ASP A OD2 1 
ATOM   264 N N   . ALA A 1 34  ? 14.283  2.716   0.106   1.00 24.20 ? 34  ALA A N   1 
ATOM   265 C CA  . ALA A 1 34  ? 14.159  1.374   0.732   1.00 25.78 ? 34  ALA A CA  1 
ATOM   266 C C   . ALA A 1 34  ? 13.076  1.458   1.815   1.00 24.49 ? 34  ALA A C   1 
ATOM   267 O O   . ALA A 1 34  ? 12.439  0.379   2.133   1.00 22.92 ? 34  ALA A O   1 
ATOM   268 C CB  . ALA A 1 34  ? 15.460  0.911   1.349   1.00 28.54 ? 34  ALA A CB  1 
ATOM   269 N N   . VAL A 1 35  ? 12.824  2.617   2.383   1.00 24.60 ? 35  VAL A N   1 
ATOM   270 C CA  . VAL A 1 35  ? 11.764  2.797   3.453   1.00 21.53 ? 35  VAL A CA  1 
ATOM   271 C C   . VAL A 1 35  ? 10.423  2.609   2.712   1.00 20.96 ? 35  VAL A C   1 
ATOM   272 O O   . VAL A 1 35  ? 9.540   1.867   3.210   1.00 20.30 ? 35  VAL A O   1 
ATOM   273 C CB  . VAL A 1 35  ? 11.870  4.145   4.152   1.00 22.89 ? 35  VAL A CB  1 
ATOM   274 C CG1 . VAL A 1 35  ? 10.618  4.478   4.912   1.00 23.18 ? 35  VAL A CG1 1 
ATOM   275 C CG2 . VAL A 1 35  ? 13.067  4.143   5.076   1.00 26.24 ? 35  VAL A CG2 1 
ATOM   276 N N   . ALA A 1 36  ? 10.268  3.189   1.532   1.00 21.25 ? 36  ALA A N   1 
ATOM   277 C CA  . ALA A 1 36  ? 9.008   3.077   0.781   1.00 22.31 ? 36  ALA A CA  1 
ATOM   278 C C   . ALA A 1 36  ? 8.833   1.612   0.324   1.00 23.41 ? 36  ALA A C   1 
ATOM   279 O O   . ALA A 1 36  ? 7.743   1.073   0.362   1.00 21.61 ? 36  ALA A O   1 
ATOM   280 C CB  . ALA A 1 36  ? 9.040   3.986   -0.458  1.00 24.85 ? 36  ALA A CB  1 
ATOM   281 N N   . GLU A 1 37  ? 9.927   0.999   -0.142  1.00 22.06 ? 37  GLU A N   1 
ATOM   282 C CA  . GLU A 1 37  ? 9.842   -0.395  -0.562  1.00 22.65 ? 37  GLU A CA  1 
ATOM   283 C C   . GLU A 1 37  ? 9.445   -1.317  0.631   1.00 19.62 ? 37  GLU A C   1 
ATOM   284 O O   . GLU A 1 37  ? 8.618   -2.254  0.396   1.00 21.50 ? 37  GLU A O   1 
ATOM   285 C CB  . GLU A 1 37  ? 11.184  -0.816  -1.174  1.00 25.36 ? 37  GLU A CB  1 
ATOM   286 C CG  . GLU A 1 37  ? 11.215  -2.224  -1.549  1.00 27.91 ? 37  GLU A CG  1 
ATOM   287 C CD  . GLU A 1 37  ? 10.245  -2.694  -2.618  1.00 37.97 ? 37  GLU A CD  1 
ATOM   288 O OE1 . GLU A 1 37  ? 9.594   -1.885  -3.323  1.00 39.88 ? 37  GLU A OE1 1 
ATOM   289 O OE2 . GLU A 1 37  ? 10.096  -3.939  -2.689  1.00 47.83 ? 37  GLU A OE2 1 
ATOM   290 N N   . GLN A 1 38  ? 9.917   -1.061  1.815   1.00 19.67 ? 38  GLN A N   1 
ATOM   291 C CA  . GLN A 1 38  ? 9.456   -1.823  2.976   1.00 18.80 ? 38  GLN A CA  1 
ATOM   292 C C   . GLN A 1 38  ? 7.962   -1.639  3.290   1.00 17.87 ? 38  GLN A C   1 
ATOM   293 O O   . GLN A 1 38  ? 7.232   -2.615  3.502   1.00 18.54 ? 38  GLN A O   1 
ATOM   294 C CB  . GLN A 1 38  ? 10.275  -1.520  4.220   1.00 20.17 ? 38  GLN A CB  1 
ATOM   295 C CG  . GLN A 1 38  ? 10.046  -2.480  5.399   1.00 20.23 ? 38  GLN A CG  1 
ATOM   296 C CD  . GLN A 1 38  ? 10.412  -3.874  5.073   1.00 22.67 ? 38  GLN A CD  1 
ATOM   297 O OE1 . GLN A 1 38  ? 11.477  -4.088  4.523   1.00 24.49 ? 38  GLN A OE1 1 
ATOM   298 N NE2 . GLN A 1 38  ? 9.558   -4.816  5.343   1.00 23.44 ? 38  GLN A NE2 1 
ATOM   299 N N   . ALA A 1 39  ? 7.457   -0.394  3.165   1.00 18.87 ? 39  ALA A N   1 
ATOM   300 C CA  . ALA A 1 39  ? 6.032   -0.192  3.284   1.00 15.84 ? 39  ALA A CA  1 
ATOM   301 C C   . ALA A 1 39  ? 5.231   -0.914  2.295   1.00 17.45 ? 39  ALA A C   1 
ATOM   302 O O   . ALA A 1 39  ? 4.133   -1.405  2.631   1.00 18.79 ? 39  ALA A O   1 
ATOM   303 C CB  . ALA A 1 39  ? 5.784   1.345   3.232   1.00 19.51 ? 39  ALA A CB  1 
ATOM   304 N N   . LEU A 1 40  ? 5.727   -0.969  1.058   1.00 17.62 ? 40  LEU A N   1 
ATOM   305 C CA  . LEU A 1 40  ? 5.041   -1.692  -0.021  1.00 17.89 ? 40  LEU A CA  1 
ATOM   306 C C   . LEU A 1 40  ? 5.007   -3.230  0.223   1.00 19.05 ? 40  LEU A C   1 
ATOM   307 O O   . LEU A 1 40  ? 3.989   -3.892  0.020   1.00 20.23 ? 40  LEU A O   1 
ATOM   308 C CB  . LEU A 1 40  ? 5.692   -1.385  -1.380  1.00 18.88 ? 40  LEU A CB  1 
ATOM   309 C CG  . LEU A 1 40  ? 5.359   0.006   -1.830  1.00 19.87 ? 40  LEU A CG  1 
ATOM   310 C CD1 . LEU A 1 40  ? 6.385   0.399   -2.926  1.00 23.04 ? 40  LEU A CD1 1 
ATOM   311 C CD2 . LEU A 1 40  ? 3.989   0.081   -2.484  1.00 22.37 ? 40  LEU A CD2 1 
ATOM   312 N N   . ALA A 1 41  ? 6.120   -3.723  0.723   1.00 18.66 ? 41  ALA A N   1 
ATOM   313 C CA  . ALA A 1 41  ? 6.198   -5.160  1.077   1.00 22.12 ? 41  ALA A CA  1 
ATOM   314 C C   . ALA A 1 41  ? 5.279   -5.483  2.208   1.00 18.65 ? 41  ALA A C   1 
ATOM   315 O O   . ALA A 1 41  ? 4.553   -6.506  2.200   1.00 19.60 ? 41  ALA A O   1 
ATOM   316 C CB  . ALA A 1 41  ? 7.650   -5.539  1.441   1.00 21.96 ? 41  ALA A CB  1 
ATOM   317 N N   . ASP A 1 42  ? 5.225   -4.602  3.194   1.00 19.18 ? 42  ASP A N   1 
ATOM   318 C CA  . ASP A 1 42  ? 4.391   -4.792  4.415   1.00 19.08 ? 42  ASP A CA  1 
ATOM   319 C C   . ASP A 1 42  ? 2.917   -4.706  3.989   1.00 16.90 ? 42  ASP A C   1 
ATOM   320 O O   . ASP A 1 42  ? 2.089   -5.493  4.418   1.00 18.03 ? 42  ASP A O   1 
ATOM   321 C CB  . ASP A 1 42  ? 4.774   -3.826  5.515   1.00 19.78 ? 42  ASP A CB  1 
ATOM   322 C CG  . ASP A 1 42  ? 6.317   -4.014  6.012   1.00 18.05 ? 42  ASP A CG  1 
ATOM   323 O OD1 . ASP A 1 42  ? 6.815   -5.051  5.636   1.00 23.07 ? 42  ASP A OD1 1 
ATOM   324 O OD2 . ASP A 1 42  ? 6.642   -2.997  6.657   1.00 24.65 ? 42  ASP A OD2 1 
ATOM   325 N N   . ALA A 1 43  ? 2.591   -3.766  3.111   1.00 16.41 ? 43  ALA A N   1 
ATOM   326 C CA  . ALA A 1 43  ? 1.197   -3.640  2.605   1.00 15.67 ? 43  ALA A CA  1 
ATOM   327 C C   . ALA A 1 43  ? 0.787   -4.878  1.824   1.00 16.82 ? 43  ALA A C   1 
ATOM   328 O O   . ALA A 1 43  ? -0.330  -5.306  1.921   1.00 17.62 ? 43  ALA A O   1 
ATOM   329 C CB  . ALA A 1 43  ? 1.154   -2.449  1.711   1.00 17.63 ? 43  ALA A CB  1 
ATOM   330 N N   . SER A 1 44  ? 1.741   -5.460  1.086   1.00 17.47 ? 44  SER A N   1 
ATOM   331 C CA  . SER A 1 44  ? 1.443   -6.667  0.313   1.00 18.82 ? 44  SER A CA  1 
ATOM   332 C C   . SER A 1 44  ? 1.224   -7.844  1.217   1.00 18.91 ? 44  SER A C   1 
ATOM   333 O O   . SER A 1 44  ? 0.282   -8.616  1.033   1.00 18.55 ? 44  SER A O   1 
ATOM   334 C CB  . SER A 1 44  ? 2.550   -6.898  -0.679  1.00 19.32 ? 44  SER A CB  1 
ATOM   335 O OG  . SER A 1 44  ? 2.698   -5.859  -1.637  1.00 20.85 ? 44  SER A OG  1 
ATOM   336 N N   . ALA A 1 45  ? 2.018   -7.939  2.269   1.00 18.95 ? 45  ALA A N   1 
ATOM   337 C CA  . ALA A 1 45  ? 1.783   -9.018  3.315   1.00 19.93 ? 45  ALA A CA  1 
ATOM   338 C C   . ALA A 1 45  ? 0.421   -8.866  3.953   1.00 19.74 ? 45  ALA A C   1 
ATOM   339 O O   . ALA A 1 45  ? -0.301  -9.828  4.167   1.00 20.44 ? 45  ALA A O   1 
ATOM   340 C CB  . ALA A 1 45  ? 2.889   -9.004  4.394   1.00 22.24 ? 45  ALA A CB  1 
ATOM   341 N N   . PHE A 1 46  ? 0.057   -7.598  4.274   1.00 18.18 ? 46  PHE A N   1 
ATOM   342 C CA  . PHE A 1 46  ? -1.257  -7.325  4.849   1.00 18.20 ? 46  PHE A CA  1 
ATOM   343 C C   . PHE A 1 46  ? -2.399  -7.755  3.906   1.00 19.05 ? 46  PHE A C   1 
ATOM   344 O O   . PHE A 1 46  ? -3.342  -8.449  4.377   1.00 18.34 ? 46  PHE A O   1 
ATOM   345 C CB  . PHE A 1 46  ? -1.369  -5.813  5.172   1.00 17.65 ? 46  PHE A CB  1 
ATOM   346 C CG  . PHE A 1 46  ? -2.654  -5.371  5.703   1.00 18.57 ? 46  PHE A CG  1 
ATOM   347 C CD1 . PHE A 1 46  ? -3.084  -5.811  6.928   1.00 20.36 ? 46  PHE A CD1 1 
ATOM   348 C CD2 . PHE A 1 46  ? -3.422  -4.479  5.015   1.00 18.77 ? 46  PHE A CD2 1 
ATOM   349 C CE1 . PHE A 1 46  ? -4.281  -5.401  7.474   1.00 18.91 ? 46  PHE A CE1 1 
ATOM   350 C CE2 . PHE A 1 46  ? -4.622  -4.024  5.566   1.00 20.91 ? 46  PHE A CE2 1 
ATOM   351 C CZ  . PHE A 1 46  ? -5.050  -4.496  6.822   1.00 20.69 ? 46  PHE A CZ  1 
ATOM   352 N N   . ILE A 1 47  ? -2.291  -7.366  2.657   1.00 17.98 ? 47  ILE A N   1 
ATOM   353 C CA  . ILE A 1 47  ? -3.291  -7.726  1.622   1.00 17.18 ? 47  ILE A CA  1 
ATOM   354 C C   . ILE A 1 47  ? -3.348  -9.265  1.504   1.00 19.93 ? 47  ILE A C   1 
ATOM   355 O O   . ILE A 1 47  ? -4.447  -9.813  1.424   1.00 18.94 ? 47  ILE A O   1 
ATOM   356 C CB  . ILE A 1 47  ? -2.914  -7.090  0.292   1.00 18.25 ? 47  ILE A CB  1 
ATOM   357 C CG1 . ILE A 1 47  ? -3.184  -5.584  0.330   1.00 20.06 ? 47  ILE A CG1 1 
ATOM   358 C CG2 . ILE A 1 47  ? -3.685  -7.714  -0.857  1.00 18.90 ? 47  ILE A CG2 1 
ATOM   359 C CD1 . ILE A 1 47  ? -2.548  -4.821  -0.796  1.00 22.19 ? 47  ILE A CD1 1 
ATOM   360 N N   . ASP A 1 48  ? -2.186  -9.938  1.545   1.00 19.67 ? 48  ASP A N   1 
ATOM   361 C CA  . ASP A 1 48  ? -2.237  -11.413 1.391   1.00 20.68 ? 48  ASP A CA  1 
ATOM   362 C C   . ASP A 1 48  ? -3.020  -12.081 2.493   1.00 20.81 ? 48  ASP A C   1 
ATOM   363 O O   . ASP A 1 48  ? -3.613  -13.152 2.259   1.00 21.76 ? 48  ASP A O   1 
ATOM   364 C CB  . ASP A 1 48  ? -0.833  -11.907 1.327   1.00 21.27 ? 48  ASP A CB  1 
ATOM   365 C CG  . ASP A 1 48  ? -0.262  -11.694 -0.057  1.00 24.71 ? 48  ASP A CG  1 
ATOM   366 O OD1 . ASP A 1 48  ? -1.006  -11.439 -1.000  1.00 30.51 ? 48  ASP A OD1 1 
ATOM   367 O OD2 . ASP A 1 48  ? 0.942   -11.887 -0.170  1.00 33.62 ? 48  ASP A OD2 1 
ATOM   368 N N   . GLY A 1 49  ? -3.079  -11.540 3.704   1.00 18.39 ? 49  GLY A N   1 
ATOM   369 C CA  . GLY A 1 49  ? -3.968  -12.103 4.755   1.00 20.78 ? 49  GLY A CA  1 
ATOM   370 C C   . GLY A 1 49  ? -5.387  -12.214 4.391   1.00 22.62 ? 49  GLY A C   1 
ATOM   371 O O   . GLY A 1 49  ? -6.064  -13.165 4.796   1.00 24.32 ? 49  GLY A O   1 
ATOM   372 N N   . TYR A 1 50  ? -5.878  -11.262 3.629   1.00 18.21 ? 50  TYR A N   1 
ATOM   373 C CA  . TYR A 1 50  ? -7.240  -11.274 3.191   1.00 20.21 ? 50  TYR A CA  1 
ATOM   374 C C   . TYR A 1 50  ? -7.336  -12.166 2.005   1.00 19.31 ? 50  TYR A C   1 
ATOM   375 O O   . TYR A 1 50  ? -8.337  -12.943 1.893   1.00 23.92 ? 50  TYR A O   1 
ATOM   376 C CB  . TYR A 1 50  ? -7.697  -9.820  2.896   1.00 19.96 ? 50  TYR A CB  1 
ATOM   377 C CG  . TYR A 1 50  ? -7.737  -9.001  4.085   1.00 19.97 ? 50  TYR A CG  1 
ATOM   378 C CD1 . TYR A 1 50  ? -8.878  -8.928  4.864   1.00 21.64 ? 50  TYR A CD1 1 
ATOM   379 C CD2 . TYR A 1 50  ? -6.679  -8.229  4.464   1.00 19.91 ? 50  TYR A CD2 1 
ATOM   380 C CE1 . TYR A 1 50  ? -8.919  -8.105  6.012   1.00 24.40 ? 50  TYR A CE1 1 
ATOM   381 C CE2 . TYR A 1 50  ? -6.716  -7.445  5.610   1.00 23.07 ? 50  TYR A CE2 1 
ATOM   382 C CZ  . TYR A 1 50  ? -7.821  -7.368  6.350   1.00 24.72 ? 50  TYR A CZ  1 
ATOM   383 O OH  . TYR A 1 50  ? -7.841  -6.526  7.485   1.00 28.53 ? 50  TYR A OH  1 
ATOM   384 N N   . LEU A 1 51  ? -6.444  -12.040 1.059   1.00 20.19 ? 51  LEU A N   1 
ATOM   385 C CA  . LEU A 1 51  ? -6.518  -12.831 -0.210  1.00 21.54 ? 51  LEU A CA  1 
ATOM   386 C C   . LEU A 1 51  ? -6.472  -14.305 0.087   1.00 23.70 ? 51  LEU A C   1 
ATOM   387 O O   . LEU A 1 51  ? -7.092  -15.120 -0.641  1.00 24.43 ? 51  LEU A O   1 
ATOM   388 C CB  . LEU A 1 51  ? -5.461  -12.467 -1.237  1.00 21.91 ? 51  LEU A CB  1 
ATOM   389 C CG  . LEU A 1 51  ? -5.382  -11.047 -1.767  1.00 21.86 ? 51  LEU A CG  1 
ATOM   390 C CD1 . LEU A 1 51  ? -4.197  -10.861 -2.681  1.00 26.83 ? 51  LEU A CD1 1 
ATOM   391 C CD2 . LEU A 1 51  ? -6.738  -10.705 -2.392  1.00 26.92 ? 51  LEU A CD2 1 
ATOM   392 N N   . ALA A 1 52  ? -5.729  -14.708 1.086   1.00 23.06 ? 52  ALA A N   1 
ATOM   393 C CA  . ALA A 1 52  ? -5.502  -16.145 1.335   1.00 25.17 ? 52  ALA A CA  1 
ATOM   394 C C   . ALA A 1 52  ? -6.737  -16.905 1.737   1.00 27.58 ? 52  ALA A C   1 
ATOM   395 O O   . ALA A 1 52  ? -6.716  -18.141 1.623   1.00 26.24 ? 52  ALA A O   1 
ATOM   396 C CB  . ALA A 1 52  ? -4.379  -16.362 2.351   1.00 30.11 ? 52  ALA A CB  1 
ATOM   397 N N   . ALA A 1 53  ? -7.817  -16.238 2.099   1.00 25.86 ? 53  ALA A N   1 
ATOM   398 C CA  . ALA A 1 53  ? -9.060  -16.888 2.424   1.00 27.81 ? 53  ALA A CA  1 
ATOM   399 C C   . ALA A 1 53  ? -9.632  -17.522 1.182   1.00 27.91 ? 53  ALA A C   1 
ATOM   400 O O   . ALA A 1 53  ? -10.360 -18.533 1.272   1.00 29.92 ? 53  ALA A O   1 
ATOM   401 C CB  . ALA A 1 53  ? -10.035 -15.917 3.028   1.00 28.91 ? 53  ALA A CB  1 
ATOM   402 N N   . ARG A 1 54  ? -9.393  -16.905 0.050   1.00 24.26 ? 54  ARG A N   1 
ATOM   403 C CA  . ARG A 1 54  ? -10.030 -17.299 -1.229  1.00 25.66 ? 54  ARG A CA  1 
ATOM   404 C C   . ARG A 1 54  ? -9.138  -17.720 -2.343  1.00 26.56 ? 54  ARG A C   1 
ATOM   405 O O   . ARG A 1 54  ? -9.566  -18.516 -3.227  1.00 27.38 ? 54  ARG A O   1 
ATOM   406 C CB  . ARG A 1 54  ? -10.912 -16.138 -1.751  1.00 30.07 ? 54  ARG A CB  1 
ATOM   407 C CG  . ARG A 1 54  ? -12.298 -16.231 -1.165  1.00 36.02 ? 54  ARG A CG  1 
ATOM   408 C CD  . ARG A 1 54  ? -13.148 -15.060 -1.634  1.00 35.00 ? 54  ARG A CD  1 
ATOM   409 N NE  . ARG A 1 54  ? -13.476 -15.169 -3.061  1.00 39.01 ? 54  ARG A NE  1 
ATOM   410 C CZ  . ARG A 1 54  ? -13.641 -14.143 -3.874  1.00 41.62 ? 54  ARG A CZ  1 
ATOM   411 N NH1 . ARG A 1 54  ? -13.567 -12.864 -3.415  1.00 33.25 ? 54  ARG A NH1 1 
ATOM   412 N NH2 . ARG A 1 54  ? -13.926 -14.386 -5.148  1.00 45.29 ? 54  ARG A NH2 1 
ATOM   413 N N   . PHE A 1 55  ? -7.864  -17.308 -2.364  1.00 22.53 ? 55  PHE A N   1 
ATOM   414 C CA  . PHE A 1 55  ? -6.948  -17.481 -3.469  1.00 24.61 ? 55  PHE A CA  1 
ATOM   415 C C   . PHE A 1 55  ? -5.676  -18.152 -2.980  1.00 28.00 ? 55  PHE A C   1 
ATOM   416 O O   . PHE A 1 55  ? -5.192  -17.860 -1.894  1.00 26.79 ? 55  PHE A O   1 
ATOM   417 C CB  . PHE A 1 55  ? -6.574  -16.123 -4.099  1.00 24.04 ? 55  PHE A CB  1 
ATOM   418 C CG  . PHE A 1 55  ? -7.767  -15.381 -4.553  1.00 25.14 ? 55  PHE A CG  1 
ATOM   419 C CD1 . PHE A 1 55  ? -8.448  -15.796 -5.663  1.00 31.75 ? 55  PHE A CD1 1 
ATOM   420 C CD2 . PHE A 1 55  ? -8.241  -14.306 -3.862  1.00 26.32 ? 55  PHE A CD2 1 
ATOM   421 C CE1 . PHE A 1 55  ? -9.593  -15.154 -6.082  1.00 32.29 ? 55  PHE A CE1 1 
ATOM   422 C CE2 . PHE A 1 55  ? -9.416  -13.644 -4.242  1.00 28.13 ? 55  PHE A CE2 1 
ATOM   423 C CZ  . PHE A 1 55  ? -10.086 -14.066 -5.365  1.00 32.20 ? 55  PHE A CZ  1 
ATOM   424 N N   . VAL A 1 56  ? -5.184  -19.098 -3.754  1.00 26.33 ? 56  VAL A N   1 
ATOM   425 C CA  . VAL A 1 56  ? -3.866  -19.634 -3.580  1.00 26.01 ? 56  VAL A CA  1 
ATOM   426 C C   . VAL A 1 56  ? -2.791  -18.600 -3.910  1.00 27.35 ? 56  VAL A C   1 
ATOM   427 O O   . VAL A 1 56  ? -2.805  -17.988 -4.973  1.00 31.28 ? 56  VAL A O   1 
ATOM   428 C CB  . VAL A 1 56  ? -3.683  -20.895 -4.469  1.00 28.16 ? 56  VAL A CB  1 
ATOM   429 C CG1 . VAL A 1 56  ? -2.267  -21.441 -4.309  1.00 29.54 ? 56  VAL A CG1 1 
ATOM   430 C CG2 . VAL A 1 56  ? -4.693  -21.917 -4.029  1.00 29.58 ? 56  VAL A CG2 1 
ATOM   431 N N   . LEU A 1 57  ? -1.828  -18.502 -2.986  1.00 27.62 ? 57  LEU A N   1 
ATOM   432 C CA  . LEU A 1 57  ? -0.785  -17.524 -3.165  1.00 31.28 ? 57  LEU A CA  1 
ATOM   433 C C   . LEU A 1 57  ? 0.515   -18.258 -3.429  1.00 32.34 ? 57  LEU A C   1 
ATOM   434 O O   . LEU A 1 57  ? 0.731   -19.321 -2.831  1.00 37.83 ? 57  LEU A O   1 
ATOM   435 C CB  . LEU A 1 57  ? -0.656  -16.713 -1.872  1.00 30.17 ? 57  LEU A CB  1 
ATOM   436 C CG  . LEU A 1 57  ? -1.915  -15.853 -1.597  1.00 29.95 ? 57  LEU A CG  1 
ATOM   437 C CD1 . LEU A 1 57  ? -1.716  -15.205 -0.239  1.00 33.67 ? 57  LEU A CD1 1 
ATOM   438 C CD2 . LEU A 1 57  ? -2.212  -14.826 -2.646  1.00 29.85 ? 57  LEU A CD2 1 
ATOM   439 N N   . PRO A 1 58  ? 1.357   -17.669 -4.240  1.00 35.45 ? 58  PRO A N   1 
ATOM   440 C CA  . PRO A 1 58  ? 1.186   -16.360 -4.864  1.00 37.92 ? 58  PRO A CA  1 
ATOM   441 C C   . PRO A 1 58  ? 0.214   -16.377 -6.047  1.00 40.32 ? 58  PRO A C   1 
ATOM   442 O O   . PRO A 1 58  ? 0.075   -17.414 -6.699  1.00 43.28 ? 58  PRO A O   1 
ATOM   443 C CB  . PRO A 1 58  ? 2.612   -16.018 -5.362  1.00 41.52 ? 58  PRO A CB  1 
ATOM   444 C CG  . PRO A 1 58  ? 3.290   -17.341 -5.461  1.00 37.76 ? 58  PRO A CG  1 
ATOM   445 C CD  . PRO A 1 58  ? 2.761   -18.166 -4.341  1.00 40.29 ? 58  PRO A CD  1 
ATOM   446 N N   . LEU A 1 59  ? -0.400  -15.241 -6.345  1.00 34.71 ? 59  LEU A N   1 
ATOM   447 C CA  . LEU A 1 59  ? -1.272  -15.060 -7.484  1.00 37.92 ? 59  LEU A CA  1 
ATOM   448 C C   . LEU A 1 59  ? -0.495  -15.056 -8.841  1.00 49.54 ? 59  LEU A C   1 
ATOM   449 O O   . LEU A 1 59  ? 0.673   -14.735 -8.899  1.00 47.17 ? 59  LEU A O   1 
ATOM   450 C CB  . LEU A 1 59  ? -2.003  -13.725 -7.458  1.00 37.88 ? 59  LEU A CB  1 
ATOM   451 C CG  . LEU A 1 59  ? -2.820  -13.241 -6.245  1.00 37.55 ? 59  LEU A CG  1 
ATOM   452 C CD1 . LEU A 1 59  ? -3.392  -11.852 -6.562  1.00 32.11 ? 59  LEU A CD1 1 
ATOM   453 C CD2 . LEU A 1 59  ? -3.916  -14.270 -6.052  1.00 38.25 ? 59  LEU A CD2 1 
ATOM   454 N N   . THR A 1 60  ? -1.206  -15.331 -9.930  1.00 64.89 ? 60  THR A N   1 
ATOM   455 C CA  . THR A 1 60  ? -0.850  -14.806 -11.262 1.00 68.55 ? 60  THR A CA  1 
ATOM   456 C C   . THR A 1 60  ? -2.190  -14.385 -11.823 1.00 73.66 ? 60  THR A C   1 
ATOM   457 O O   . THR A 1 60  ? -3.093  -15.219 -11.807 1.00 79.64 ? 60  THR A O   1 
ATOM   458 C CB  . THR A 1 60  ? -0.248  -15.878 -12.182 1.00 71.85 ? 60  THR A CB  1 
ATOM   459 O OG1 . THR A 1 60  ? -0.993  -17.097 -12.050 1.00 73.08 ? 60  THR A OG1 1 
ATOM   460 C CG2 . THR A 1 60  ? 1.241   -16.130 -11.846 1.00 75.18 ? 60  THR A CG2 1 
ATOM   461 N N   . VAL A 1 61  ? -2.429  -13.141 -12.261 1.00 76.44 ? 61  VAL A N   1 
ATOM   462 C CA  . VAL A 1 61  ? -1.541  -11.973 -12.326 1.00 67.97 ? 61  VAL A CA  1 
ATOM   463 C C   . VAL A 1 61  ? -2.038  -10.965 -11.243 1.00 63.25 ? 61  VAL A C   1 
ATOM   464 O O   . VAL A 1 61  ? -2.944  -11.273 -10.528 1.00 51.89 ? 61  VAL A O   1 
ATOM   465 C CB  . VAL A 1 61  ? -1.614  -11.400 -13.788 1.00 71.03 ? 61  VAL A CB  1 
ATOM   466 C CG1 . VAL A 1 61  ? -2.901  -10.608 -14.084 1.00 71.14 ? 61  VAL A CG1 1 
ATOM   467 C CG2 . VAL A 1 61  ? -0.388  -10.589 -14.173 1.00 77.24 ? 61  VAL A CG2 1 
ATOM   468 N N   . VAL A 1 62  ? -1.440  -9.783  -11.104 1.00 59.00 ? 62  VAL A N   1 
ATOM   469 C CA  . VAL A 1 62  ? -1.955  -8.734  -10.181 1.00 57.46 ? 62  VAL A CA  1 
ATOM   470 C C   . VAL A 1 62  ? -2.898  -7.741  -10.936 1.00 48.12 ? 62  VAL A C   1 
ATOM   471 O O   . VAL A 1 62  ? -2.438  -7.001  -11.839 1.00 49.15 ? 62  VAL A O   1 
ATOM   472 C CB  . VAL A 1 62  ? -0.761  -7.972  -9.592  1.00 55.15 ? 62  VAL A CB  1 
ATOM   473 C CG1 . VAL A 1 62  ? -1.195  -6.801  -8.699  1.00 53.89 ? 62  VAL A CG1 1 
ATOM   474 C CG2 . VAL A 1 62  ? 0.177   -8.946  -8.877  1.00 56.59 ? 62  VAL A CG2 1 
ATOM   475 N N   . PRO A 1 63  ? -4.209  -7.696  -10.580 1.00 49.69 ? 63  PRO A N   1 
ATOM   476 C CA  . PRO A 1 63  ? -5.023  -6.647  -11.235 1.00 40.56 ? 63  PRO A CA  1 
ATOM   477 C C   . PRO A 1 63  ? -4.526  -5.264  -10.860 1.00 45.23 ? 63  PRO A C   1 
ATOM   478 O O   . PRO A 1 63  ? -3.922  -5.062  -9.752  1.00 44.78 ? 63  PRO A O   1 
ATOM   479 C CB  . PRO A 1 63  ? -6.434  -6.934  -10.725 1.00 37.99 ? 63  PRO A CB  1 
ATOM   480 C CG  . PRO A 1 63  ? -6.413  -8.316  -10.155 1.00 40.97 ? 63  PRO A CG  1 
ATOM   481 C CD  . PRO A 1 63  ? -5.024  -8.828  -10.081 1.00 43.27 ? 63  PRO A CD  1 
ATOM   482 N N   . SER A 1 64  ? -4.696  -4.295  -11.743 1.00 39.17 ? 64  SER A N   1 
ATOM   483 C CA  . SER A 1 64  ? -4.277  -2.931  -11.413 1.00 43.91 ? 64  SER A CA  1 
ATOM   484 C C   . SER A 1 64  ? -5.031  -2.443  -10.159 1.00 38.27 ? 64  SER A C   1 
ATOM   485 O O   . SER A 1 64  ? -4.579  -1.469  -9.508  1.00 36.27 ? 64  SER A O   1 
ATOM   486 C CB  . SER A 1 64  ? -4.452  -1.940  -12.573 1.00 42.46 ? 64  SER A CB  1 
ATOM   487 O OG  . SER A 1 64  ? -5.728  -2.052  -13.120 1.00 53.73 ? 64  SER A OG  1 
ATOM   488 N N   . LEU A 1 65  ? -6.238  -2.978  -9.931  1.00 37.92 ? 65  LEU A N   1 
ATOM   489 C CA  . LEU A 1 65  ? -6.938  -2.695  -8.634  1.00 37.78 ? 65  LEU A CA  1 
ATOM   490 C C   . LEU A 1 65  ? -6.089  -3.090  -7.402  1.00 30.46 ? 65  LEU A C   1 
ATOM   491 O O   . LEU A 1 65  ? -5.971  -2.219  -6.478  1.00 28.61 ? 65  LEU A O   1 
ATOM   492 C CB  . LEU A 1 65  ? -8.345  -3.316  -8.562  1.00 40.38 ? 65  LEU A CB  1 
ATOM   493 C CG  . LEU A 1 65  ? -9.267  -2.800  -7.459  1.00 41.38 ? 65  LEU A CG  1 
ATOM   494 C CD1 . LEU A 1 65  ? -9.374  -1.278  -7.493  1.00 42.28 ? 65  LEU A CD1 1 
ATOM   495 C CD2 . LEU A 1 65  ? -10.626 -3.482  -7.625  1.00 38.21 ? 65  LEU A CD2 1 
ATOM   496 N N   . LEU A 1 66  ? -5.445  -4.267  -7.349  1.00 28.72 ? 66  LEU A N   1 
ATOM   497 C CA  . LEU A 1 66  ? -4.585  -4.569  -6.160  1.00 28.67 ? 66  LEU A CA  1 
ATOM   498 C C   . LEU A 1 66  ? -3.412  -3.715  -6.084  1.00 27.48 ? 66  LEU A C   1 
ATOM   499 O O   . LEU A 1 66  ? -2.987  -3.361  -4.986  1.00 25.06 ? 66  LEU A O   1 
ATOM   500 C CB  . LEU A 1 66  ? -4.027  -6.018  -6.003  1.00 30.91 ? 66  LEU A CB  1 
ATOM   501 C CG  . LEU A 1 66  ? -4.922  -7.089  -5.647  1.00 32.31 ? 66  LEU A CG  1 
ATOM   502 C CD1 . LEU A 1 66  ? -4.138  -8.346  -5.759  1.00 27.16 ? 66  LEU A CD1 1 
ATOM   503 C CD2 . LEU A 1 66  ? -5.500  -6.859  -4.257  1.00 29.76 ? 66  LEU A CD2 1 
ATOM   504 N N   . LYS A 1 67  ? -2.863  -3.279  -7.219  1.00 24.04 ? 67  LYS A N   1 
ATOM   505 C CA  . LYS A 1 67  ? -1.790  -2.346  -7.225  1.00 25.91 ? 67  LYS A CA  1 
ATOM   506 C C   . LYS A 1 67  ? -2.176  -1.030  -6.532  1.00 22.74 ? 67  LYS A C   1 
ATOM   507 O O   . LYS A 1 67  ? -1.413  -0.512  -5.657  1.00 22.66 ? 67  LYS A O   1 
ATOM   508 C CB  . LYS A 1 67  ? -1.384  -2.034  -8.673  1.00 29.28 ? 67  LYS A CB  1 
ATOM   509 C CG  . LYS A 1 67  ? -0.251  -1.056  -8.803  1.00 33.18 ? 67  LYS A CG  1 
ATOM   510 C CD  . LYS A 1 67  ? 0.054   -0.814  -10.286 1.00 40.46 ? 67  LYS A CD  1 
ATOM   511 C CE  . LYS A 1 67  ? -0.996  0.074   -10.925 1.00 54.71 ? 67  LYS A CE  1 
ATOM   512 N NZ  . LYS A 1 67  ? -1.032  1.419   -10.298 1.00 61.65 ? 67  LYS A NZ  1 
ATOM   513 N N   . ARG A 1 68  ? -3.342  -0.462  -6.909  1.00 22.99 ? 68  ARG A N   1 
ATOM   514 C CA  . ARG A 1 68  ? -3.817  0.739   -6.277  1.00 27.17 ? 68  ARG A CA  1 
ATOM   515 C C   . ARG A 1 68  ? -4.021  0.541   -4.779  1.00 24.39 ? 68  ARG A C   1 
ATOM   516 O O   . ARG A 1 68  ? -3.579  1.360   -3.964  1.00 23.68 ? 68  ARG A O   1 
ATOM   517 C CB  . ARG A 1 68  ? -5.087  1.235   -6.957  1.00 30.76 ? 68  ARG A CB  1 
ATOM   518 C CG  . ARG A 1 68  ? -5.474  2.610   -6.418  1.00 36.98 ? 68  ARG A CG  1 
ATOM   519 C CD  . ARG A 1 68  ? -6.527  2.476   -5.366  1.00 46.86 ? 68  ARG A CD  1 
ATOM   520 N NE  . ARG A 1 68  ? -7.528  3.550   -5.341  1.00 54.17 ? 68  ARG A NE  1 
ATOM   521 C CZ  . ARG A 1 68  ? -8.507  3.654   -4.429  1.00 63.56 ? 68  ARG A CZ  1 
ATOM   522 N NH1 . ARG A 1 68  ? -8.615  2.771   -3.437  1.00 55.51 ? 68  ARG A NH1 1 
ATOM   523 N NH2 . ARG A 1 68  ? -9.388  4.655   -4.508  1.00 65.54 ? 68  ARG A NH2 1 
ATOM   524 N N   A GLN A 1 69  ? -4.629  -0.578  -4.413  0.50 25.04 ? 69  GLN A N   1 
ATOM   525 N N   B GLN A 1 69  ? -4.633  -0.567  -4.370  0.50 21.01 ? 69  GLN A N   1 
ATOM   526 C CA  A GLN A 1 69  ? -4.941  -0.813  -3.050  0.50 25.85 ? 69  GLN A CA  1 
ATOM   527 C CA  B GLN A 1 69  ? -4.823  -0.761  -2.970  0.50 18.74 ? 69  GLN A CA  1 
ATOM   528 C C   A GLN A 1 69  ? -3.720  -1.142  -2.171  0.50 25.87 ? 69  GLN A C   1 
ATOM   529 C C   B GLN A 1 69  ? -3.568  -0.888  -2.191  0.50 16.97 ? 69  GLN A C   1 
ATOM   530 O O   A GLN A 1 69  ? -3.818  -1.036  -0.961  0.50 34.32 ? 69  GLN A O   1 
ATOM   531 O O   B GLN A 1 69  ? -3.461  -0.440  -1.053  0.50 13.68 ? 69  GLN A O   1 
ATOM   532 C CB  A GLN A 1 69  ? -6.033  -1.868  -2.922  0.50 29.47 ? 69  GLN A CB  1 
ATOM   533 C CB  B GLN A 1 69  ? -5.598  -1.997  -2.640  0.50 18.57 ? 69  GLN A CB  1 
ATOM   534 C CG  A GLN A 1 69  ? -7.314  -1.549  -3.689  0.50 29.95 ? 69  GLN A CG  1 
ATOM   535 C CG  B GLN A 1 69  ? -6.988  -1.918  -3.255  0.50 20.81 ? 69  GLN A CG  1 
ATOM   536 C CD  A GLN A 1 69  ? -7.976  -0.272  -3.314  0.50 33.46 ? 69  GLN A CD  1 
ATOM   537 C CD  B GLN A 1 69  ? -7.862  -0.759  -2.761  0.50 21.66 ? 69  GLN A CD  1 
ATOM   538 O OE1 A GLN A 1 69  ? -7.959  0.651   -4.083  0.50 38.80 ? 69  GLN A OE1 1 
ATOM   539 O OE1 B GLN A 1 69  ? -7.421  0.399   -2.570  0.50 22.08 ? 69  GLN A OE1 1 
ATOM   540 N NE2 A GLN A 1 69  ? -8.587  -0.204  -2.151  0.50 33.32 ? 69  GLN A NE2 1 
ATOM   541 N NE2 B GLN A 1 69  ? -9.140  -1.075  -2.498  0.50 23.27 ? 69  GLN A NE2 1 
ATOM   542 N N   . CYS A 1 70  ? -2.596  -1.621  -2.752  1.00 20.14 ? 70  CYS A N   1 
ATOM   543 C CA  . CYS A 1 70  ? -1.268  -1.691  -2.091  1.00 19.95 ? 70  CYS A CA  1 
ATOM   544 C C   . CYS A 1 70  ? -0.646  -0.313  -1.875  1.00 19.23 ? 70  CYS A C   1 
ATOM   545 O O   . CYS A 1 70  ? -0.157  0.024   -0.831  1.00 20.29 ? 70  CYS A O   1 
ATOM   546 C CB  . CYS A 1 70  ? -0.353  -2.615  -2.971  1.00 20.82 ? 70  CYS A CB  1 
ATOM   547 S SG  . CYS A 1 70  ? 1.268   -2.860  -2.305  1.00 22.45 ? 70  CYS A SG  1 
ATOM   548 N N   . CYS A 1 71  ? -0.774  0.536   -2.921  1.00 19.76 ? 71  CYS A N   1 
ATOM   549 C CA  . CYS A 1 71  ? -0.262  1.910   -2.775  1.00 19.77 ? 71  CYS A CA  1 
ATOM   550 C C   . CYS A 1 71  ? -1.002  2.691   -1.689  1.00 19.26 ? 71  CYS A C   1 
ATOM   551 O O   . CYS A 1 71  ? -0.362  3.376   -0.911  1.00 20.03 ? 71  CYS A O   1 
ATOM   552 C CB  . CYS A 1 71  ? -0.456  2.656   -4.087  1.00 21.88 ? 71  CYS A CB  1 
ATOM   553 S SG  . CYS A 1 71  ? 0.705   2.198   -5.411  1.00 26.01 ? 71  CYS A SG  1 
ATOM   554 N N   . VAL A 1 72  ? -2.336  2.531   -1.595  1.00 19.62 ? 72  VAL A N   1 
ATOM   555 C CA  . VAL A 1 72  ? -3.087  3.176   -0.546  1.00 20.87 ? 72  VAL A CA  1 
ATOM   556 C C   . VAL A 1 72  ? -2.635  2.786   0.847   1.00 20.70 ? 72  VAL A C   1 
ATOM   557 O O   . VAL A 1 72  ? -2.409  3.593   1.737   1.00 19.65 ? 72  VAL A O   1 
ATOM   558 C CB  . VAL A 1 72  ? -4.598  2.908   -0.683  1.00 22.23 ? 72  VAL A CB  1 
ATOM   559 C CG1 . VAL A 1 72  ? -5.398  3.274   0.602   1.00 23.10 ? 72  VAL A CG1 1 
ATOM   560 C CG2 . VAL A 1 72  ? -5.120  3.601   -1.955  1.00 23.70 ? 72  VAL A CG2 1 
ATOM   561 N N   . VAL A 1 73  ? -2.460  1.459   1.063   1.00 18.22 ? 73  VAL A N   1 
ATOM   562 C CA  . VAL A 1 73  ? -2.028  1.009   2.379   1.00 17.79 ? 73  VAL A CA  1 
ATOM   563 C C   . VAL A 1 73  ? -0.579  1.458   2.684   1.00 16.97 ? 73  VAL A C   1 
ATOM   564 O O   . VAL A 1 73  ? -0.310  1.879   3.781   1.00 19.50 ? 73  VAL A O   1 
ATOM   565 C CB  . VAL A 1 73  ? -2.156  -0.541  2.486   1.00 18.76 ? 73  VAL A CB  1 
ATOM   566 C CG1 . VAL A 1 73  ? -1.561  -1.034  3.775   1.00 20.13 ? 73  VAL A CG1 1 
ATOM   567 C CG2 . VAL A 1 73  ? -3.615  -0.956  2.364   1.00 18.74 ? 73  VAL A CG2 1 
ATOM   568 N N   . ALA A 1 74  ? 0.292   1.320   1.689   1.00 17.49 ? 74  ALA A N   1 
ATOM   569 C CA  . ALA A 1 74  ? 1.661   1.748   1.853   1.00 18.98 ? 74  ALA A CA  1 
ATOM   570 C C   . ALA A 1 74  ? 1.769   3.233   2.169   1.00 18.91 ? 74  ALA A C   1 
ATOM   571 O O   . ALA A 1 74  ? 2.503   3.629   3.019   1.00 19.77 ? 74  ALA A O   1 
ATOM   572 C CB  . ALA A 1 74  ? 2.529   1.374   0.667   1.00 19.50 ? 74  ALA A CB  1 
ATOM   573 N N   . TRP A 1 75  ? 0.960   4.009   1.463   1.00 19.52 ? 75  TRP A N   1 
ATOM   574 C CA  . TRP A 1 75  ? 0.915   5.452   1.756   1.00 22.32 ? 75  TRP A CA  1 
ATOM   575 C C   . TRP A 1 75  ? 0.460   5.785   3.128   1.00 22.98 ? 75  TRP A C   1 
ATOM   576 O O   . TRP A 1 75  ? 1.037   6.605   3.834   1.00 23.43 ? 75  TRP A O   1 
ATOM   577 C CB  . TRP A 1 75  ? 0.049   6.152   0.746   1.00 21.68 ? 75  TRP A CB  1 
ATOM   578 C CG  . TRP A 1 75  ? 0.249   7.638   0.729   1.00 22.46 ? 75  TRP A CG  1 
ATOM   579 C CD1 . TRP A 1 75  ? -0.672  8.551   1.032   1.00 27.60 ? 75  TRP A CD1 1 
ATOM   580 C CD2 . TRP A 1 75  ? 1.405   8.312   0.232   1.00 24.59 ? 75  TRP A CD2 1 
ATOM   581 N NE1 . TRP A 1 75  ? -0.159  9.832   0.752   1.00 27.07 ? 75  TRP A NE1 1 
ATOM   582 C CE2 . TRP A 1 75  ? 1.124   9.689   0.288   1.00 28.96 ? 75  TRP A CE2 1 
ATOM   583 C CE3 . TRP A 1 75  ? 2.639   7.880   -0.243  1.00 25.06 ? 75  TRP A CE3 1 
ATOM   584 C CZ2 . TRP A 1 75  ? 2.077   10.656  -0.159  1.00 29.76 ? 75  TRP A CZ2 1 
ATOM   585 C CZ3 . TRP A 1 75  ? 3.579   8.799   -0.636  1.00 27.90 ? 75  TRP A CZ3 1 
ATOM   586 C CH2 . TRP A 1 75  ? 3.260   10.190  -0.571  1.00 26.49 ? 75  TRP A CH2 1 
ATOM   587 N N   . PHE A 1 76  ? -0.546  5.075   3.624   1.00 18.76 ? 76  PHE A N   1 
ATOM   588 C CA  . PHE A 1 76  ? -0.949  5.195   5.012   1.00 18.89 ? 76  PHE A CA  1 
ATOM   589 C C   . PHE A 1 76  ? 0.189   4.873   5.946   1.00 21.12 ? 76  PHE A C   1 
ATOM   590 O O   . PHE A 1 76  ? 0.484   5.586   6.904   1.00 21.72 ? 76  PHE A O   1 
ATOM   591 C CB  . PHE A 1 76  ? -2.185  4.310   5.262   1.00 20.03 ? 76  PHE A CB  1 
ATOM   592 C CG  . PHE A 1 76  ? -2.587  4.217   6.670   1.00 21.09 ? 76  PHE A CG  1 
ATOM   593 C CD1 . PHE A 1 76  ? -3.295  5.268   7.294   1.00 21.14 ? 76  PHE A CD1 1 
ATOM   594 C CD2 . PHE A 1 76  ? -2.273  3.106   7.470   1.00 22.20 ? 76  PHE A CD2 1 
ATOM   595 C CE1 . PHE A 1 76  ? -3.642  5.185   8.611   1.00 21.46 ? 76  PHE A CE1 1 
ATOM   596 C CE2 . PHE A 1 76  ? -2.645  3.042   8.796   1.00 25.18 ? 76  PHE A CE2 1 
ATOM   597 C CZ  . PHE A 1 76  ? -3.337  4.073   9.362   1.00 24.29 ? 76  PHE A CZ  1 
ATOM   598 N N   . TYR A 1 77  ? 0.879   3.743   5.707   1.00 19.94 ? 77  TYR A N   1 
ATOM   599 C CA  . TYR A 1 77  ? 2.033   3.403   6.499   1.00 21.17 ? 77  TYR A CA  1 
ATOM   600 C C   . TYR A 1 77  ? 3.128   4.476   6.524   1.00 20.25 ? 77  TYR A C   1 
ATOM   601 O O   . TYR A 1 77  ? 3.683   4.701   7.632   1.00 23.88 ? 77  TYR A O   1 
ATOM   602 C CB  . TYR A 1 77  ? 2.607   2.078   6.004   1.00 19.75 ? 77  TYR A CB  1 
ATOM   603 C CG  . TYR A 1 77  ? 1.781   0.844   6.281   1.00 17.88 ? 77  TYR A CG  1 
ATOM   604 C CD1 . TYR A 1 77  ? 0.727   0.797   7.162   1.00 20.23 ? 77  TYR A CD1 1 
ATOM   605 C CD2 . TYR A 1 77  ? 2.134   -0.347  5.637   1.00 18.34 ? 77  TYR A CD2 1 
ATOM   606 C CE1 . TYR A 1 77  ? -0.008  -0.386  7.414   1.00 18.60 ? 77  TYR A CE1 1 
ATOM   607 C CE2 . TYR A 1 77  ? 1.439   -1.499  5.885   1.00 18.52 ? 77  TYR A CE2 1 
ATOM   608 C CZ  . TYR A 1 77  ? 0.338   -1.509  6.701   1.00 19.73 ? 77  TYR A CZ  1 
ATOM   609 O OH  . TYR A 1 77  ? -0.329  -2.729  6.925   1.00 22.09 ? 77  TYR A OH  1 
ATOM   610 N N   . LEU A 1 78  ? 3.383   5.046   5.376   1.00 22.07 ? 78  LEU A N   1 
ATOM   611 C CA  . LEU A 1 78  ? 4.486   6.021   5.256   1.00 23.56 ? 78  LEU A CA  1 
ATOM   612 C C   . LEU A 1 78  ? 4.069   7.346   5.884   1.00 27.72 ? 78  LEU A C   1 
ATOM   613 O O   . LEU A 1 78  ? 4.968   8.162   6.237   1.00 29.28 ? 78  LEU A O   1 
ATOM   614 C CB  . LEU A 1 78  ? 4.860   6.224   3.859   1.00 23.09 ? 78  LEU A CB  1 
ATOM   615 C CG  . LEU A 1 78  ? 5.533   5.014   3.142   1.00 22.87 ? 78  LEU A CG  1 
ATOM   616 C CD1 . LEU A 1 78  ? 5.468   5.122   1.630   1.00 24.47 ? 78  LEU A CD1 1 
ATOM   617 C CD2 . LEU A 1 78  ? 6.930   4.911   3.704   1.00 23.65 ? 78  LEU A CD2 1 
ATOM   618 N N   . ASN A 1 79  ? 2.794   7.573   6.137   1.00 24.68 ? 79  ASN A N   1 
ATOM   619 C CA  . ASN A 1 79  ? 2.355   8.856   6.774   1.00 26.68 ? 79  ASN A CA  1 
ATOM   620 C C   . ASN A 1 79  ? 2.113   8.661   8.308   1.00 29.76 ? 79  ASN A C   1 
ATOM   621 O O   . ASN A 1 79  ? 1.575   9.565   8.980   1.00 33.64 ? 79  ASN A O   1 
ATOM   622 C CB  . ASN A 1 79  ? 1.092   9.316   6.084   1.00 25.81 ? 79  ASN A CB  1 
ATOM   623 C CG  . ASN A 1 79  ? 1.350   10.014  4.788   1.00 28.39 ? 79  ASN A CG  1 
ATOM   624 O OD1 . ASN A 1 79  ? 1.546   11.274  4.822   1.00 31.50 ? 79  ASN A OD1 1 
ATOM   625 N ND2 . ASN A 1 79  ? 1.352   9.349   3.661   1.00 26.43 ? 79  ASN A ND2 1 
ATOM   626 N N   . GLU A 1 80  ? 2.512   7.514   8.894   1.00 32.23 ? 80  GLU A N   1 
ATOM   627 C CA  . GLU A 1 80  ? 2.134   7.212   10.282  1.00 32.61 ? 80  GLU A CA  1 
ATOM   628 C C   . GLU A 1 80  ? 2.869   8.154   11.273  1.00 39.57 ? 80  GLU A C   1 
ATOM   629 O O   . GLU A 1 80  ? 2.373   8.280   12.390  1.00 44.59 ? 80  GLU A O   1 
ATOM   630 C CB  . GLU A 1 80  ? 2.145   5.699   10.706  1.00 41.83 ? 80  GLU A CB  1 
ATOM   631 C CG  . GLU A 1 80  ? 0.865   4.904   10.260  1.00 46.70 ? 80  GLU A CG  1 
ATOM   632 C CD  . GLU A 1 80  ? -0.386  4.975   11.192  1.00 50.01 ? 80  GLU A CD  1 
ATOM   633 O OE1 . GLU A 1 80  ? -0.658  3.878   11.823  1.00 44.14 ? 80  GLU A OE1 1 
ATOM   634 O OE2 . GLU A 1 80  ? -1.139  6.067   11.271  1.00 40.18 ? 80  GLU A OE2 1 
ATOM   635 N N   . SER A 1 81  ? 3.921   8.846   10.834  1.00 41.46 ? 81  SER A N   1 
ATOM   636 C CA  . SER A 1 81  ? 4.495   9.941   11.682  1.00 53.54 ? 81  SER A CA  1 
ATOM   637 C C   . SER A 1 81  ? 3.636   11.209  11.765  1.00 51.56 ? 81  SER A C   1 
ATOM   638 O O   . SER A 1 81  ? 3.742   11.937  12.755  1.00 52.80 ? 81  SER A O   1 
ATOM   639 C CB  . SER A 1 81  ? 5.912   10.332  11.263  1.00 51.54 ? 81  SER A CB  1 
ATOM   640 O OG  . SER A 1 81  ? 6.778   9.285   11.633  1.00 63.69 ? 81  SER A OG  1 
ATOM   641 N N   . GLN A 1 82  ? 2.833   11.484  10.743  1.00 46.54 ? 82  GLN A N   1 
ATOM   642 C CA  . GLN A 1 82  ? 1.945   12.692  10.718  1.00 42.50 ? 82  GLN A CA  1 
ATOM   643 C C   . GLN A 1 82  ? 0.606   12.331  10.063  1.00 36.87 ? 82  GLN A C   1 
ATOM   644 O O   . GLN A 1 82  ? 0.350   12.707  8.935   1.00 37.77 ? 82  GLN A O   1 
ATOM   645 C CB  . GLN A 1 82  ? 2.611   13.829  9.940   1.00 50.36 ? 82  GLN A CB  1 
ATOM   646 C CG  . GLN A 1 82  ? 3.615   14.650  10.753  1.00 69.55 ? 82  GLN A CG  1 
ATOM   647 C CD  . GLN A 1 82  ? 3.908   16.040  10.147  1.00 77.47 ? 82  GLN A CD  1 
ATOM   648 O OE1 . GLN A 1 82  ? 3.075   16.630  9.436   1.00 76.06 ? 82  GLN A OE1 1 
ATOM   649 N NE2 . GLN A 1 82  ? 5.102   16.565  10.438  1.00 78.71 ? 82  GLN A NE2 1 
ATOM   650 N N   . PRO A 1 83  ? -0.229  11.588  10.767  1.00 33.24 ? 83  PRO A N   1 
ATOM   651 C CA  . PRO A 1 83  ? -1.376  11.056  10.008  1.00 37.56 ? 83  PRO A CA  1 
ATOM   652 C C   . PRO A 1 83  ? -2.392  12.130  9.687   1.00 43.79 ? 83  PRO A C   1 
ATOM   653 O O   . PRO A 1 83  ? -2.386  13.200  10.339  1.00 42.61 ? 83  PRO A O   1 
ATOM   654 C CB  . PRO A 1 83  ? -1.960  10.042  10.955  1.00 40.63 ? 83  PRO A CB  1 
ATOM   655 C CG  . PRO A 1 83  ? -1.532  10.515  12.317  1.00 41.43 ? 83  PRO A CG  1 
ATOM   656 C CD  . PRO A 1 83  ? -0.142  10.973  12.098  1.00 36.47 ? 83  PRO A CD  1 
ATOM   657 N N   . THR A 1 84  ? -3.192  11.908  8.642   1.00 39.41 ? 84  THR A N   1 
ATOM   658 C CA  . THR A 1 84  ? -4.296  12.866  8.298   1.00 38.64 ? 84  THR A CA  1 
ATOM   659 C C   . THR A 1 84  ? -5.605  12.120  8.260   1.00 44.14 ? 84  THR A C   1 
ATOM   660 O O   . THR A 1 84  ? -5.605  10.941  7.967   1.00 35.69 ? 84  THR A O   1 
ATOM   661 C CB  . THR A 1 84  ? -4.082  13.607  6.987   1.00 40.86 ? 84  THR A CB  1 
ATOM   662 O OG1 . THR A 1 84  ? -4.375  12.777  5.860   1.00 41.19 ? 84  THR A OG1 1 
ATOM   663 C CG2 . THR A 1 84  ? -2.675  14.230  6.867   1.00 39.35 ? 84  THR A CG2 1 
ATOM   664 N N   . GLU A 1 85  ? -6.721  12.780  8.571   1.00 39.63 ? 85  GLU A N   1 
ATOM   665 C CA  . GLU A 1 85  ? -8.038  12.186  8.419   1.00 40.06 ? 85  GLU A CA  1 
ATOM   666 C C   . GLU A 1 85  ? -8.274  11.648  7.015   1.00 35.74 ? 85  GLU A C   1 
ATOM   667 O O   . GLU A 1 85  ? -8.832  10.567  6.863   1.00 34.60 ? 85  GLU A O   1 
ATOM   668 C CB  . GLU A 1 85  ? -9.180  13.194  8.758   1.00 45.48 ? 85  GLU A CB  1 
ATOM   669 C CG  . GLU A 1 85  ? -10.579 12.593  8.843   1.00 50.90 ? 85  GLU A CG  1 
ATOM   670 C CD  . GLU A 1 85  ? -11.343 12.484  7.506   1.00 62.59 ? 85  GLU A CD  1 
ATOM   671 O OE1 . GLU A 1 85  ? -10.894 13.060  6.474   1.00 57.60 ? 85  GLU A OE1 1 
ATOM   672 O OE2 . GLU A 1 85  ? -12.408 11.790  7.481   1.00 55.14 ? 85  GLU A OE2 1 
ATOM   673 N N   . GLN A 1 86  ? -7.907  12.379  5.991   1.00 33.56 ? 86  GLN A N   1 
ATOM   674 C CA  . GLN A 1 86  ? -8.102  11.936  4.657   1.00 35.25 ? 86  GLN A CA  1 
ATOM   675 C C   . GLN A 1 86  ? -7.333  10.611  4.345   1.00 33.96 ? 86  GLN A C   1 
ATOM   676 O O   . GLN A 1 86  ? -7.918  9.690   3.733   1.00 31.75 ? 86  GLN A O   1 
ATOM   677 C CB  . GLN A 1 86  ? -7.680  12.958  3.645   1.00 38.45 ? 86  GLN A CB  1 
ATOM   678 C CG  . GLN A 1 86  ? -8.439  12.754  2.363   1.00 53.70 ? 86  GLN A CG  1 
ATOM   679 C CD  . GLN A 1 86  ? -7.588  12.988  1.147   1.00 69.99 ? 86  GLN A CD  1 
ATOM   680 O OE1 . GLN A 1 86  ? -7.231  14.145  0.831   1.00 74.81 ? 86  GLN A OE1 1 
ATOM   681 N NE2 . GLN A 1 86  ? -7.239  11.898  0.457   1.00 66.44 ? 86  GLN A NE2 1 
ATOM   682 N N   . ILE A 1 87  ? -6.066  10.580  4.715   1.00 30.67 ? 87  ILE A N   1 
ATOM   683 C CA  . ILE A 1 87  ? -5.249  9.346   4.419   1.00 27.45 ? 87  ILE A CA  1 
ATOM   684 C C   . ILE A 1 87  ? -5.786  8.212   5.223   1.00 26.55 ? 87  ILE A C   1 
ATOM   685 O O   . ILE A 1 87  ? -5.824  7.045   4.727   1.00 24.18 ? 87  ILE A O   1 
ATOM   686 C CB  . ILE A 1 87  ? -3.728  9.640   4.669   1.00 27.61 ? 87  ILE A CB  1 
ATOM   687 C CG1 . ILE A 1 87  ? -3.250  10.614  3.591   1.00 29.86 ? 87  ILE A CG1 1 
ATOM   688 C CG2 . ILE A 1 87  ? -2.873  8.332   4.457   1.00 27.92 ? 87  ILE A CG2 1 
ATOM   689 C CD1 . ILE A 1 87  ? -1.911  11.314  3.766   1.00 32.74 ? 87  ILE A CD1 1 
ATOM   690 N N   . THR A 1 88  ? -6.152  8.444   6.444   1.00 25.14 ? 88  THR A N   1 
ATOM   691 C CA  . THR A 1 88  ? -6.678  7.416   7.350   1.00 26.16 ? 88  THR A CA  1 
ATOM   692 C C   . THR A 1 88  ? -7.992  6.879   6.763   1.00 25.79 ? 88  THR A C   1 
ATOM   693 O O   . THR A 1 88  ? -8.272  5.664   6.724   1.00 25.13 ? 88  THR A O   1 
ATOM   694 C CB  . THR A 1 88  ? -6.817  7.887   8.813   1.00 28.38 ? 88  THR A CB  1 
ATOM   695 O OG1 . THR A 1 88  ? -5.515  8.212   9.338   1.00 31.30 ? 88  THR A OG1 1 
ATOM   696 C CG2 . THR A 1 88  ? -7.418  6.829   9.664   1.00 29.81 ? 88  THR A CG2 1 
ATOM   697 N N   . ALA A 1 89  ? -8.819  7.789   6.269   1.00 26.32 ? 89  ALA A N   1 
ATOM   698 C CA  . ALA A 1 89  ? -10.068 7.354   5.676   1.00 24.74 ? 89  ALA A CA  1 
ATOM   699 C C   . ALA A 1 89  ? -9.912  6.490   4.433   1.00 25.29 ? 89  ALA A C   1 
ATOM   700 O O   . ALA A 1 89  ? -10.679 5.516   4.254   1.00 24.74 ? 89  ALA A O   1 
ATOM   701 C CB  . ALA A 1 89  ? -10.943 8.595   5.328   1.00 28.60 ? 89  ALA A CB  1 
ATOM   702 N N   . THR A 1 90  ? -8.956  6.838   3.589   1.00 23.24 ? 90  THR A N   1 
ATOM   703 C CA  A THR A 1 90  ? -8.662  6.019   2.372   0.50 24.19 ? 90  THR A CA  1 
ATOM   704 C CA  B THR A 1 90  ? -8.731  6.051   2.372   0.50 24.47 ? 90  THR A CA  1 
ATOM   705 C C   . THR A 1 90  ? -8.251  4.635   2.816   1.00 23.49 ? 90  THR A C   1 
ATOM   706 O O   . THR A 1 90  ? -8.680  3.627   2.265   1.00 22.00 ? 90  THR A O   1 
ATOM   707 C CB  A THR A 1 90  ? -7.505  6.508   1.468   0.50 22.99 ? 90  THR A CB  1 
ATOM   708 C CB  B THR A 1 90  ? -7.797  6.813   1.422   0.50 23.88 ? 90  THR A CB  1 
ATOM   709 O OG1 A THR A 1 90  ? -6.212  6.508   2.183   0.50 23.24 ? 90  THR A OG1 1 
ATOM   710 O OG1 B THR A 1 90  ? -8.407  8.077   1.117   0.50 25.41 ? 90  THR A OG1 1 
ATOM   711 C CG2 A THR A 1 90  ? -7.906  7.876   0.793   0.50 23.07 ? 90  THR A CG2 1 
ATOM   712 C CG2 B THR A 1 90  ? -7.556  6.087   0.070   0.50 21.27 ? 90  THR A CG2 1 
ATOM   713 N N   . TYR A 1 91  ? -7.397  4.594   3.824   1.00 21.67 ? 91  TYR A N   1 
ATOM   714 C CA  . TYR A 1 91  ? -6.915  3.262   4.377   1.00 21.34 ? 91  TYR A CA  1 
ATOM   715 C C   . TYR A 1 91  ? -8.083  2.429   4.901   1.00 21.43 ? 91  TYR A C   1 
ATOM   716 O O   . TYR A 1 91  ? -8.248  1.257   4.591   1.00 21.71 ? 91  TYR A O   1 
ATOM   717 C CB  . TYR A 1 91  ? -5.868  3.446   5.453   1.00 22.30 ? 91  TYR A CB  1 
ATOM   718 C CG  . TYR A 1 91  ? -5.483  2.301   6.286   1.00 21.99 ? 91  TYR A CG  1 
ATOM   719 C CD1 . TYR A 1 91  ? -4.666  1.272   5.773   1.00 21.28 ? 91  TYR A CD1 1 
ATOM   720 C CD2 . TYR A 1 91  ? -5.902  2.178   7.607   1.00 21.48 ? 91  TYR A CD2 1 
ATOM   721 C CE1 . TYR A 1 91  ? -4.354  0.228   6.570   1.00 24.64 ? 91  TYR A CE1 1 
ATOM   722 C CE2 . TYR A 1 91  ? -5.540  1.149   8.423   1.00 24.34 ? 91  TYR A CE2 1 
ATOM   723 C CZ  . TYR A 1 91  ? -4.707  0.175   7.888   1.00 25.47 ? 91  TYR A CZ  1 
ATOM   724 O OH  . TYR A 1 91  ? -4.384  -0.866  8.742   1.00 26.81 ? 91  TYR A OH  1 
ATOM   725 N N   . ARG A 1 92  ? -8.972  3.062   5.741   1.00 20.97 ? 92  ARG A N   1 
ATOM   726 C CA  . ARG A 1 92  ? -10.079 2.329   6.287   1.00 23.77 ? 92  ARG A CA  1 
ATOM   727 C C   . ARG A 1 92  ? -11.015 1.836   5.194   1.00 20.92 ? 92  ARG A C   1 
ATOM   728 O O   . ARG A 1 92  ? -11.549 0.728   5.311   1.00 21.95 ? 92  ARG A O   1 
ATOM   729 C CB  . ARG A 1 92  ? -10.866 3.199   7.327   1.00 28.11 ? 92  ARG A CB  1 
ATOM   730 C CG  . ARG A 1 92  ? -9.993  3.416   8.578   1.00 34.24 ? 92  ARG A CG  1 
ATOM   731 C CD  . ARG A 1 92  ? -10.616 4.397   9.554   1.00 44.99 ? 92  ARG A CD  1 
ATOM   732 N NE  . ARG A 1 92  ? -9.778  4.457   10.745  1.00 54.34 ? 92  ARG A NE  1 
ATOM   733 C CZ  . ARG A 1 92  ? -10.098 5.081   11.878  1.00 66.00 ? 92  ARG A CZ  1 
ATOM   734 N NH1 . ARG A 1 92  ? -11.252 5.732   11.988  1.00 64.06 ? 92  ARG A NH1 1 
ATOM   735 N NH2 . ARG A 1 92  ? -9.245  5.061   12.900  1.00 60.90 ? 92  ARG A NH2 1 
ATOM   736 N N   . ASP A 1 93  ? -11.210 2.620   4.125   1.00 20.91 ? 93  ASP A N   1 
ATOM   737 C CA  . ASP A 1 93  ? -11.980 2.183   2.956   1.00 23.04 ? 93  ASP A CA  1 
ATOM   738 C C   . ASP A 1 93  ? -11.387 0.933   2.280   1.00 20.01 ? 93  ASP A C   1 
ATOM   739 O O   . ASP A 1 93  ? -12.035 -0.012  1.975   1.00 21.06 ? 93  ASP A O   1 
ATOM   740 C CB  . ASP A 1 93  ? -12.157 3.304   1.964   1.00 23.50 ? 93  ASP A CB  1 
ATOM   741 C CG  . ASP A 1 93  ? -13.077 2.951   0.854   1.00 25.65 ? 93  ASP A CG  1 
ATOM   742 O OD1 . ASP A 1 93  ? -14.336 3.007   1.197   1.00 28.69 ? 93  ASP A OD1 1 
ATOM   743 O OD2 . ASP A 1 93  ? -12.677 2.586   -0.299  1.00 26.35 ? 93  ASP A OD2 1 
ATOM   744 N N   . THR A 1 94  ? -10.042 0.988   2.133   1.00 19.12 ? 94  THR A N   1 
ATOM   745 C CA  . THR A 1 94  ? -9.334  -0.122  1.514   1.00 18.32 ? 94  THR A CA  1 
ATOM   746 C C   . THR A 1 94  ? -9.387  -1.328  2.448   1.00 19.92 ? 94  THR A C   1 
ATOM   747 O O   . THR A 1 94  ? -9.579  -2.483  1.938   1.00 20.84 ? 94  THR A O   1 
ATOM   748 C CB  . THR A 1 94  ? -7.878  0.335   1.229   1.00 21.61 ? 94  THR A CB  1 
ATOM   749 O OG1 . THR A 1 94  ? -7.990  1.289   0.149   1.00 23.51 ? 94  THR A OG1 1 
ATOM   750 C CG2 . THR A 1 94  ? -6.986  -0.842  0.762   1.00 21.20 ? 94  THR A CG2 1 
ATOM   751 N N   . VAL A 1 95  ? -9.293  -1.175  3.769   1.00 18.96 ? 95  VAL A N   1 
ATOM   752 C CA  . VAL A 1 95  ? -9.443  -2.328  4.687   1.00 18.65 ? 95  VAL A CA  1 
ATOM   753 C C   . VAL A 1 95  ? -10.830 -2.966  4.500   1.00 21.60 ? 95  VAL A C   1 
ATOM   754 O O   . VAL A 1 95  ? -10.958 -4.205  4.446   1.00 21.19 ? 95  VAL A O   1 
ATOM   755 C CB  . VAL A 1 95  ? -9.215  -1.894  6.164   1.00 20.78 ? 95  VAL A CB  1 
ATOM   756 C CG1 . VAL A 1 95  ? -9.603  -3.022  7.109   1.00 23.23 ? 95  VAL A CG1 1 
ATOM   757 C CG2 . VAL A 1 95  ? -7.728  -1.544  6.362   1.00 21.63 ? 95  VAL A CG2 1 
ATOM   758 N N   . ARG A 1 96  ? -11.878 -2.138  4.455   1.00 20.69 ? 96  ARG A N   1 
ATOM   759 C CA  . ARG A 1 96  ? -13.215 -2.668  4.235   1.00 21.53 ? 96  ARG A CA  1 
ATOM   760 C C   . ARG A 1 96  ? -13.349 -3.420  2.920   1.00 20.24 ? 96  ARG A C   1 
ATOM   761 O O   . ARG A 1 96  ? -13.966 -4.511  2.850   1.00 24.56 ? 96  ARG A O   1 
ATOM   762 C CB  . ARG A 1 96  ? -14.271 -1.553  4.344   1.00 25.63 ? 96  ARG A CB  1 
ATOM   763 C CG  . ARG A 1 96  ? -15.666 -2.019  4.056   1.00 36.14 ? 96  ARG A CG  1 
ATOM   764 C CD  . ARG A 1 96  ? -16.683 -0.980  4.522   1.00 49.01 ? 96  ARG A CD  1 
ATOM   765 N NE  . ARG A 1 96  ? -16.457 -0.687  5.941   1.00 47.71 ? 96  ARG A NE  1 
ATOM   766 C CZ  . ARG A 1 96  ? -16.803 -1.483  6.952   1.00 67.06 ? 96  ARG A CZ  1 
ATOM   767 N NH1 . ARG A 1 96  ? -17.437 -2.639  6.737   1.00 72.85 ? 96  ARG A NH1 1 
ATOM   768 N NH2 . ARG A 1 96  ? -16.527 -1.112  8.208   1.00 69.09 ? 96  ARG A NH2 1 
ATOM   769 N N   . TRP A 1 97  ? -12.719 -2.915  1.894   1.00 19.80 ? 97  TRP A N   1 
ATOM   770 C CA  . TRP A 1 97  ? -12.691 -3.530  0.617   1.00 19.33 ? 97  TRP A CA  1 
ATOM   771 C C   . TRP A 1 97  ? -12.006 -4.936  0.698   1.00 20.93 ? 97  TRP A C   1 
ATOM   772 O O   . TRP A 1 97  ? -12.481 -5.896  0.110   1.00 21.20 ? 97  TRP A O   1 
ATOM   773 C CB  . TRP A 1 97  ? -12.016 -2.677  -0.463  1.00 21.25 ? 97  TRP A CB  1 
ATOM   774 C CG  . TRP A 1 97  ? -11.911 -3.239  -1.810  1.00 21.47 ? 97  TRP A CG  1 
ATOM   775 C CD1 . TRP A 1 97  ? -12.907 -3.287  -2.797  1.00 22.93 ? 97  TRP A CD1 1 
ATOM   776 C CD2 . TRP A 1 97  ? -10.817 -3.978  -2.384  1.00 24.49 ? 97  TRP A CD2 1 
ATOM   777 N NE1 . TRP A 1 97  ? -12.485 -3.932  -3.921  1.00 24.32 ? 97  TRP A NE1 1 
ATOM   778 C CE2 . TRP A 1 97  ? -11.182 -4.351  -3.694  1.00 24.08 ? 97  TRP A CE2 1 
ATOM   779 C CE3 . TRP A 1 97  ? -9.542  -4.325  -1.918  1.00 23.13 ? 97  TRP A CE3 1 
ATOM   780 C CZ2 . TRP A 1 97  ? -10.330 -5.041  -4.543  1.00 25.21 ? 97  TRP A CZ2 1 
ATOM   781 C CZ3 . TRP A 1 97  ? -8.696  -4.998  -2.795  1.00 25.23 ? 97  TRP A CZ3 1 
ATOM   782 C CH2 . TRP A 1 97  ? -9.095  -5.356  -4.048  1.00 24.60 ? 97  TRP A CH2 1 
ATOM   783 N N   . LEU A 1 98  ? -10.846 -4.958  1.376   1.00 20.00 ? 98  LEU A N   1 
ATOM   784 C CA  . LEU A 1 98  ? -10.138 -6.226  1.582   1.00 19.94 ? 98  LEU A CA  1 
ATOM   785 C C   . LEU A 1 98  ? -11.025 -7.267  2.327   1.00 20.13 ? 98  LEU A C   1 
ATOM   786 O O   . LEU A 1 98  ? -10.973 -8.454  2.010   1.00 23.14 ? 98  LEU A O   1 
ATOM   787 C CB  . LEU A 1 98  ? -8.827  -5.960  2.300   1.00 19.35 ? 98  LEU A CB  1 
ATOM   788 C CG  . LEU A 1 98  ? -7.787  -5.298  1.460   1.00 18.81 ? 98  LEU A CG  1 
ATOM   789 C CD1 . LEU A 1 98  ? -6.676  -4.775  2.388   1.00 20.38 ? 98  LEU A CD1 1 
ATOM   790 C CD2 . LEU A 1 98  ? -7.203  -6.233  0.441   1.00 21.40 ? 98  LEU A CD2 1 
ATOM   791 N N   . GLU A 1 99  ? -11.761 -6.787  3.317   1.00 21.77 ? 99  GLU A N   1 
ATOM   792 C CA  . GLU A 1 99  ? -12.673 -7.670  4.072   1.00 23.90 ? 99  GLU A CA  1 
ATOM   793 C C   . GLU A 1 99  ? -13.753 -8.225  3.091   1.00 24.09 ? 99  GLU A C   1 
ATOM   794 O O   . GLU A 1 99  ? -14.120 -9.423  3.121   1.00 24.94 ? 99  GLU A O   1 
ATOM   795 C CB  . GLU A 1 99  ? -13.309 -6.918  5.239   1.00 24.95 ? 99  GLU A CB  1 
ATOM   796 C CG  . GLU A 1 99  ? -12.380 -6.509  6.333   1.00 28.16 ? 99  GLU A CG  1 
ATOM   797 C CD  . GLU A 1 99  ? -12.976 -5.501  7.348   1.00 33.67 ? 99  GLU A CD  1 
ATOM   798 O OE1 . GLU A 1 99  ? -14.047 -4.900  7.060   1.00 36.48 ? 99  GLU A OE1 1 
ATOM   799 O OE2 . GLU A 1 99  ? -12.286 -5.296  8.385   1.00 35.27 ? 99  GLU A OE2 1 
ATOM   800 N N   . GLN A 1 100 ? -14.273 -7.363  2.195   1.00 22.82 ? 100 GLN A N   1 
ATOM   801 C CA  . GLN A 1 100 ? -15.220 -7.787  1.194   1.00 24.91 ? 100 GLN A CA  1 
ATOM   802 C C   . GLN A 1 100 ? -14.637 -8.807  0.233   1.00 27.90 ? 100 GLN A C   1 
ATOM   803 O O   . GLN A 1 100 ? -15.294 -9.789  -0.091  1.00 28.96 ? 100 GLN A O   1 
ATOM   804 C CB  . GLN A 1 100 ? -15.778 -6.619  0.417   1.00 24.35 ? 100 GLN A CB  1 
ATOM   805 C CG  . GLN A 1 100 ? -16.650 -5.713  1.304   1.00 28.51 ? 100 GLN A CG  1 
ATOM   806 C CD  . GLN A 1 100 ? -17.373 -4.613  0.537   1.00 30.69 ? 100 GLN A CD  1 
ATOM   807 O OE1 . GLN A 1 100 ? -17.295 -4.533  -0.655  1.00 38.28 ? 100 GLN A OE1 1 
ATOM   808 N NE2 . GLN A 1 100 ? -18.139 -3.816  1.263   1.00 35.52 ? 100 GLN A NE2 1 
ATOM   809 N N   . VAL A 1 101 ? -13.338 -8.668  -0.159  1.00 23.56 ? 101 VAL A N   1 
ATOM   810 C CA  . VAL A 1 101 ? -12.746 -9.640  -1.005  1.00 24.33 ? 101 VAL A CA  1 
ATOM   811 C C   . VAL A 1 101 ? -12.596 -10.960 -0.278  1.00 27.25 ? 101 VAL A C   1 
ATOM   812 O O   . VAL A 1 101 ? -12.991 -12.039 -0.790  1.00 28.31 ? 101 VAL A O   1 
ATOM   813 C CB  . VAL A 1 101 ? -11.375 -9.119  -1.500  1.00 22.93 ? 101 VAL A CB  1 
ATOM   814 C CG1 . VAL A 1 101 ? -10.629 -10.279 -2.209  1.00 26.09 ? 101 VAL A CG1 1 
ATOM   815 C CG2 . VAL A 1 101 ? -11.488 -7.954  -2.488  1.00 23.92 ? 101 VAL A CG2 1 
ATOM   816 N N   . ARG A 1 102 ? -12.170 -10.866 0.968   1.00 24.92 ? 102 ARG A N   1 
ATOM   817 C CA  . ARG A 1 102 ? -11.981 -12.073 1.853   1.00 25.45 ? 102 ARG A CA  1 
ATOM   818 C C   . ARG A 1 102 ? -13.283 -12.840 1.946   1.00 30.40 ? 102 ARG A C   1 
ATOM   819 O O   . ARG A 1 102 ? -13.278 -14.065 1.879   1.00 31.96 ? 102 ARG A O   1 
ATOM   820 C CB  . ARG A 1 102 ? -11.554 -11.667 3.226   1.00 27.74 ? 102 ARG A CB  1 
ATOM   821 C CG  . ARG A 1 102 ? -11.298 -12.770 4.260   1.00 28.16 ? 102 ARG A CG  1 
ATOM   822 C CD  . ARG A 1 102 ? -11.167 -12.247 5.674   1.00 31.02 ? 102 ARG A CD  1 
ATOM   823 N NE  . ARG A 1 102 ? -12.400 -11.496 6.072   1.00 33.16 ? 102 ARG A NE  1 
ATOM   824 C CZ  . ARG A 1 102 ? -12.529 -10.600 7.036   1.00 34.33 ? 102 ARG A CZ  1 
ATOM   825 N NH1 . ARG A 1 102 ? -11.506 -10.225 7.774   1.00 34.02 ? 102 ARG A NH1 1 
ATOM   826 N NH2 . ARG A 1 102 ? -13.713 -10.016 7.226   1.00 39.54 ? 102 ARG A NH2 1 
ATOM   827 N N   . ASP A 1 103 ? -14.359 -12.093 2.120   1.00 29.98 ? 103 ASP A N   1 
ATOM   828 C CA  . ASP A 1 103 ? -15.717 -12.673 2.452   1.00 32.72 ? 103 ASP A CA  1 
ATOM   829 C C   . ASP A 1 103 ? -16.475 -13.068 1.202   1.00 34.77 ? 103 ASP A C   1 
ATOM   830 O O   . ASP A 1 103 ? -17.624 -13.560 1.268   1.00 38.86 ? 103 ASP A O   1 
ATOM   831 C CB  . ASP A 1 103 ? -16.452 -11.653 3.289   1.00 32.93 ? 103 ASP A CB  1 
ATOM   832 C CG  . ASP A 1 103 ? -15.876 -11.509 4.657   1.00 34.17 ? 103 ASP A CG  1 
ATOM   833 O OD1 . ASP A 1 103 ? -15.088 -12.377 5.123   1.00 37.69 ? 103 ASP A OD1 1 
ATOM   834 O OD2 . ASP A 1 103 ? -16.176 -10.583 5.415   1.00 38.68 ? 103 ASP A OD2 1 
ATOM   835 N N   . GLY A 1 104 ? -15.928 -12.822 0.041   1.00 33.10 ? 104 GLY A N   1 
ATOM   836 C CA  . GLY A 1 104 ? -16.546 -13.169 -1.210  1.00 35.76 ? 104 GLY A CA  1 
ATOM   837 C C   . GLY A 1 104 ? -17.550 -12.188 -1.743  1.00 40.34 ? 104 GLY A C   1 
ATOM   838 O O   . GLY A 1 104 ? -18.221 -12.483 -2.734  1.00 43.55 ? 104 GLY A O   1 
ATOM   839 N N   . LYS A 1 105 ? -17.620 -10.994 -1.154  1.00 32.65 ? 105 LYS A N   1 
ATOM   840 C CA  . LYS A 1 105 ? -18.559 -9.987  -1.659  1.00 32.09 ? 105 LYS A CA  1 
ATOM   841 C C   . LYS A 1 105 ? -18.120 -9.238  -2.910  1.00 35.21 ? 105 LYS A C   1 
ATOM   842 O O   . LYS A 1 105 ? -18.933 -8.592  -3.552  1.00 38.98 ? 105 LYS A O   1 
ATOM   843 C CB  . LYS A 1 105 ? -18.895 -9.011  -0.565  1.00 33.94 ? 105 LYS A CB  1 
ATOM   844 C CG  . LYS A 1 105 ? -19.520 -9.621  0.674   1.00 43.37 ? 105 LYS A CG  1 
ATOM   845 C CD  . LYS A 1 105 ? -19.714 -8.523  1.715   1.00 47.57 ? 105 LYS A CD  1 
ATOM   846 C CE  . LYS A 1 105 ? -20.161 -9.097  3.062   1.00 55.63 ? 105 LYS A CE  1 
ATOM   847 N NZ  . LYS A 1 105 ? -20.285 -8.022  4.107   1.00 58.18 ? 105 LYS A NZ  1 
ATOM   848 N N   . THR A 1 106 ? -16.820 -9.155  -3.183  1.00 30.20 ? 106 THR A N   1 
ATOM   849 C CA  . THR A 1 106 ? -16.319 -8.518  -4.350  1.00 30.11 ? 106 THR A CA  1 
ATOM   850 C C   . THR A 1 106 ? -15.037 -9.245  -4.795  1.00 33.99 ? 106 THR A C   1 
ATOM   851 O O   . THR A 1 106 ? -14.518 -10.065 -3.991  1.00 32.25 ? 106 THR A O   1 
ATOM   852 C CB  . THR A 1 106 ? -16.133 -6.994  -4.104  1.00 29.32 ? 106 THR A CB  1 
ATOM   853 O OG1 . THR A 1 106 ? -16.025 -6.299  -5.338  1.00 34.61 ? 106 THR A OG1 1 
ATOM   854 C CG2 . THR A 1 106 ? -14.824 -6.760  -3.312  1.00 31.29 ? 106 THR A CG2 1 
ATOM   855 N N   . ASP A 1 107 ? -14.517 -8.874  -5.968  1.00 36.63 ? 107 ASP A N   1 
ATOM   856 C CA  . ASP A 1 107 ? -13.294 -9.500  -6.490  1.00 40.87 ? 107 ASP A CA  1 
ATOM   857 C C   . ASP A 1 107 ? -12.110 -8.534  -6.513  1.00 40.01 ? 107 ASP A C   1 
ATOM   858 O O   . ASP A 1 107 ? -12.287 -7.289  -6.372  1.00 38.27 ? 107 ASP A O   1 
ATOM   859 C CB  . ASP A 1 107 ? -13.596 -10.196 -7.836  1.00 47.94 ? 107 ASP A CB  1 
ATOM   860 C CG  . ASP A 1 107 ? -14.277 -11.598 -7.646  1.00 60.96 ? 107 ASP A CG  1 
ATOM   861 O OD1 . ASP A 1 107 ? -14.025 -12.302 -6.617  1.00 58.41 ? 107 ASP A OD1 1 
ATOM   862 O OD2 . ASP A 1 107 ? -15.041 -12.035 -8.545  1.00 66.77 ? 107 ASP A OD2 1 
ATOM   863 N N   . PRO A 1 108 ? -10.872 -9.072  -6.537  1.00 34.78 ? 108 PRO A N   1 
ATOM   864 C CA  . PRO A 1 108 ? -9.707  -8.217  -6.458  1.00 35.99 ? 108 PRO A CA  1 
ATOM   865 C C   . PRO A 1 108 ? -9.388  -7.467  -7.735  1.00 39.13 ? 108 PRO A C   1 
ATOM   866 O O   . PRO A 1 108 ? -8.467  -6.650  -7.709  1.00 36.72 ? 108 PRO A O   1 
ATOM   867 C CB  . PRO A 1 108 ? -8.562  -9.178  -6.061  1.00 41.35 ? 108 PRO A CB  1 
ATOM   868 C CG  . PRO A 1 108 ? -9.025  -10.550 -6.482  1.00 38.70 ? 108 PRO A CG  1 
ATOM   869 C CD  . PRO A 1 108 ? -10.526 -10.517 -6.402  1.00 35.41 ? 108 PRO A CD  1 
ATOM   870 N N   . GLY A 1 109 ? -10.154 -7.707  -8.807  1.00 45.66 ? 109 GLY A N   1 
ATOM   871 C CA  . GLY A 1 109 ? -9.965  -7.000  -10.110 1.00 53.06 ? 109 GLY A CA  1 
ATOM   872 C C   . GLY A 1 109 ? -11.246 -6.820  -10.912 1.00 59.01 ? 109 GLY A C   1 
ATOM   873 O O   . GLY A 1 109 ? -11.529 -5.716  -11.415 1.00 67.70 ? 109 GLY A O   1 
HETATM 874 O O   . HOH B 2 .   ? -3.964  -12.968 -10.050 1.00 46.50 ? 201 HOH A O   1 
HETATM 875 O O   . HOH B 2 .   ? -10.284 -6.317  8.805   1.00 39.53 ? 202 HOH A O   1 
HETATM 876 O O   . HOH B 2 .   ? 3.716   -2.600  -10.592 1.00 45.71 ? 203 HOH A O   1 
HETATM 877 O O   . HOH B 2 .   ? -3.833  6.165   2.119   1.00 30.36 ? 204 HOH A O   1 
HETATM 878 O O   . HOH B 2 .   ? 3.166   -10.270 -0.265  1.00 38.90 ? 205 HOH A O   1 
HETATM 879 O O   . HOH B 2 .   ? -3.963  14.437  3.998   1.00 46.75 ? 206 HOH A O   1 
HETATM 880 O O   . HOH B 2 .   ? 11.766  8.484   -1.116  1.00 31.41 ? 207 HOH A O   1 
HETATM 881 O O   . HOH B 2 .   ? 1.283   -4.128  8.374   0.50 18.58 ? 208 HOH A O   1 
HETATM 882 O O   . HOH B 2 .   ? 8.502   8.832   9.761   1.00 64.49 ? 209 HOH A O   1 
HETATM 883 O O   . HOH B 2 .   ? 13.417  6.078   10.911  1.00 38.05 ? 210 HOH A O   1 
HETATM 884 O O   . HOH B 2 .   ? 5.514   9.532   8.389   1.00 43.15 ? 211 HOH A O   1 
HETATM 885 O O   . HOH B 2 .   ? -5.944  9.953   11.243  1.00 42.43 ? 212 HOH A O   1 
HETATM 886 O O   . HOH B 2 .   ? 10.774  -5.609  -0.747  1.00 46.24 ? 213 HOH A O   1 
HETATM 887 O O   . HOH B 2 .   ? -2.538  -2.788  8.393   1.00 24.98 ? 214 HOH A O   1 
HETATM 888 O O   . HOH B 2 .   ? 2.197   14.700  0.921   1.00 45.14 ? 215 HOH A O   1 
HETATM 889 O O   . HOH B 2 .   ? -7.433  3.251   11.166  1.00 50.82 ? 216 HOH A O   1 
HETATM 890 O O   . HOH B 2 .   ? 0.562   -12.039 5.397   1.00 30.42 ? 217 HOH A O   1 
HETATM 891 O O   . HOH B 2 .   ? -4.156  7.552   -0.343  1.00 32.82 ? 218 HOH A O   1 
HETATM 892 O O   . HOH B 2 .   ? 5.361   -8.967  1.456   1.00 38.18 ? 219 HOH A O   1 
HETATM 893 O O   . HOH B 2 .   ? 7.677   -3.453  -4.503  1.00 35.26 ? 220 HOH A O   1 
HETATM 894 O O   . HOH B 2 .   ? 0.499   -13.039 -4.788  1.00 36.53 ? 221 HOH A O   1 
HETATM 895 O O   . HOH B 2 .   ? -12.088 -19.505 -3.438  1.00 33.40 ? 222 HOH A O   1 
HETATM 896 O O   . HOH B 2 .   ? -1.859  2.993   -8.238  1.00 49.06 ? 223 HOH A O   1 
HETATM 897 O O   . HOH B 2 .   ? -17.755 -14.497 -4.510  1.00 62.12 ? 224 HOH A O   1 
HETATM 898 O O   . HOH B 2 .   ? -13.820 -4.995  -6.267  1.00 31.12 ? 225 HOH A O   1 
HETATM 899 O O   . HOH B 2 .   ? 6.971   -0.097  -11.701 1.00 41.95 ? 226 HOH A O   1 
HETATM 900 O O   . HOH B 2 .   ? 7.562   -8.907  -5.699  1.00 53.89 ? 227 HOH A O   1 
HETATM 901 O O   . HOH B 2 .   ? -13.250 5.463   5.194   1.00 33.49 ? 228 HOH A O   1 
HETATM 902 O O   . HOH B 2 .   ? -15.841 2.082   3.294   1.00 36.96 ? 229 HOH A O   1 
HETATM 903 O O   . HOH B 2 .   ? 13.462  -2.081  1.446   1.00 30.10 ? 230 HOH A O   1 
HETATM 904 O O   . HOH B 2 .   ? 13.757  2.875   -5.754  1.00 51.53 ? 231 HOH A O   1 
HETATM 905 O O   . HOH B 2 .   ? -9.987  3.236   -0.625  1.00 35.42 ? 232 HOH A O   1 
HETATM 906 O O   . HOH B 2 .   ? -4.705  -19.638 0.367   1.00 34.53 ? 233 HOH A O   1 
HETATM 907 O O   . HOH B 2 .   ? 0.275   3.852   -9.465  1.00 34.99 ? 234 HOH A O   1 
HETATM 908 O O   . HOH B 2 .   ? 10.876  16.126  4.620   1.00 47.55 ? 235 HOH A O   1 
HETATM 909 O O   . HOH B 2 .   ? -0.938  7.401   8.546   1.00 28.19 ? 236 HOH A O   1 
HETATM 910 O O   . HOH B 2 .   ? -6.190  -7.416  9.609   0.50 30.43 ? 237 HOH A O   1 
HETATM 911 O O   . HOH B 2 .   ? 16.650  6.134   -2.138  1.00 40.60 ? 238 HOH A O   1 
HETATM 912 O O   . HOH B 2 .   ? 8.012   11.129  7.744   1.00 48.36 ? 239 HOH A O   1 
HETATM 913 O O   . HOH B 2 .   ? 10.658  16.398  -2.574  1.00 39.20 ? 240 HOH A O   1 
HETATM 914 O O   . HOH B 2 .   ? 17.772  3.585   -0.332  1.00 59.76 ? 241 HOH A O   1 
HETATM 915 O O   . HOH B 2 .   ? -12.908 -6.814  -13.674 1.00 65.11 ? 242 HOH A O   1 
HETATM 916 O O   . HOH B 2 .   ? -17.225 -8.072  4.512   1.00 41.73 ? 243 HOH A O   1 
HETATM 917 O O   . HOH B 2 .   ? 15.141  10.996  -4.501  1.00 60.30 ? 244 HOH A O   1 
HETATM 918 O O   . HOH B 2 .   ? 2.036   -13.347 -2.383  1.00 42.55 ? 245 HOH A O   1 
HETATM 919 O O   . HOH B 2 .   ? -12.059 -0.153  8.010   1.00 41.37 ? 246 HOH A O   1 
HETATM 920 O O   . HOH B 2 .   ? 10.152  1.032   -8.675  1.00 32.99 ? 247 HOH A O   1 
HETATM 921 O O   . HOH B 2 .   ? -2.951  12.279  -3.178  1.00 45.20 ? 248 HOH A O   1 
HETATM 922 O O   . HOH B 2 .   ? 11.798  -4.240  1.646   1.00 35.07 ? 249 HOH A O   1 
HETATM 923 O O   . HOH B 2 .   ? 4.507   14.390  1.520   1.00 41.94 ? 250 HOH A O   1 
HETATM 924 O O   . HOH B 2 .   ? -3.692  -9.442  7.079   1.00 30.33 ? 251 HOH A O   1 
HETATM 925 O O   . HOH B 2 .   ? 10.050  -0.880  -6.106  1.00 37.27 ? 252 HOH A O   1 
HETATM 926 O O   . HOH B 2 .   ? -10.289 -20.007 3.788   1.00 49.50 ? 253 HOH A O   1 
HETATM 927 O O   . HOH B 2 .   ? -3.018  9.062   7.941   1.00 30.35 ? 254 HOH A O   1 
HETATM 928 O O   . HOH B 2 .   ? 1.357   13.133  2.555   1.00 39.58 ? 255 HOH A O   1 
HETATM 929 O O   . HOH B 2 .   ? 3.042   2.650   9.656   1.00 33.01 ? 256 HOH A O   1 
HETATM 930 O O   . HOH B 2 .   ? -18.637 -4.530  4.090   1.00 45.11 ? 257 HOH A O   1 
HETATM 931 O O   . HOH B 2 .   ? -3.099  2.385   12.616  1.00 39.70 ? 258 HOH A O   1 
HETATM 932 O O   . HOH B 2 .   ? -10.240 10.295  1.866   1.00 48.52 ? 259 HOH A O   1 
HETATM 933 O O   . HOH B 2 .   ? -14.338 -17.107 -6.351  1.00 53.06 ? 260 HOH A O   1 
HETATM 934 O O   . HOH B 2 .   ? -19.883 -2.508  4.990   1.00 53.05 ? 261 HOH A O   1 
HETATM 935 O O   . HOH B 2 .   ? -14.136 -17.984 -3.983  1.00 42.37 ? 262 HOH A O   1 
HETATM 936 O O   . HOH B 2 .   ? -16.660 -8.114  -7.978  1.00 52.57 ? 263 HOH A O   1 
HETATM 937 O O   . HOH B 2 .   ? -16.214 -5.259  4.748   1.00 55.29 ? 264 HOH A O   1 
HETATM 938 O O   . HOH B 2 .   ? -4.107  6.728   11.813  1.00 46.77 ? 265 HOH A O   1 
HETATM 939 O O   . HOH B 2 .   ? -3.030  11.068  -5.171  1.00 45.76 ? 266 HOH A O   1 
HETATM 940 O O   . HOH B 2 .   ? 18.755  2.724   0.950   1.00 59.03 ? 267 HOH A O   1 
HETATM 941 O O   . HOH B 2 .   ? -8.228  -4.214  -12.098 1.00 38.28 ? 268 HOH A O   1 
HETATM 942 O O   . HOH B 2 .   ? 0.899   -8.420  -12.849 1.00 61.61 ? 269 HOH A O   1 
HETATM 943 O O   . HOH B 2 .   ? -6.448  -3.071  9.938   1.00 39.86 ? 270 HOH A O   1 
HETATM 944 O O   . HOH B 2 .   ? -4.688  10.043  -0.351  1.00 43.84 ? 271 HOH A O   1 
HETATM 945 O O   . HOH B 2 .   ? -1.123  -14.994 3.277   1.00 49.85 ? 272 HOH A O   1 
HETATM 946 O O   . HOH B 2 .   ? 9.909   -0.513  -11.088 1.00 51.64 ? 273 HOH A O   1 
HETATM 947 O O   . HOH B 2 .   ? 2.094   -11.910 -7.123  1.00 53.14 ? 274 HOH A O   1 
HETATM 948 O O   . HOH B 2 .   ? -6.250  -11.457 7.786   1.00 46.48 ? 275 HOH A O   1 
HETATM 949 O O   . HOH B 2 .   ? 5.874   5.950   11.835  1.00 46.91 ? 276 HOH A O   1 
HETATM 950 O O   . HOH B 2 .   ? -11.829 7.345   1.427   1.00 51.84 ? 277 HOH A O   1 
HETATM 951 O O   . HOH B 2 .   ? -10.954 6.052   -0.450  1.00 41.64 ? 278 HOH A O   1 
HETATM 952 O O   . HOH B 2 .   ? 3.109   -15.655 -1.805  1.00 64.60 ? 279 HOH A O   1 
HETATM 953 O O   . HOH B 2 .   ? -14.740 3.071   5.596   1.00 48.83 ? 280 HOH A O   1 
HETATM 954 O O   . HOH B 2 .   ? -11.155 -14.009 -8.969  1.00 58.35 ? 281 HOH A O   1 
HETATM 955 O O   . HOH B 2 .   ? -8.260  -1.510  10.835  1.00 45.74 ? 282 HOH A O   1 
HETATM 956 O O   . HOH B 2 .   ? -10.178 -0.065  9.786   1.00 50.77 ? 283 HOH A O   1 
HETATM 957 O O   . HOH B 2 .   ? -4.516  -22.296 0.273   1.00 44.13 ? 284 HOH A O   1 
# 
